data_8TQ4
#
_entry.id   8TQ4
#
_cell.length_a   121.552
_cell.length_b   121.552
_cell.length_c   327.199
_cell.angle_alpha   90.000
_cell.angle_beta   90.000
_cell.angle_gamma   90.000
#
_symmetry.space_group_name_H-M   'P 43 2 2'
#
loop_
_entity.id
_entity.type
_entity.pdbx_description
1 polymer 'H2 class I histocompatibility antigen D-d alpha chain (H2-Dd)'
2 polymer Beta-2-microglobulin
3 polymer 'Fab M142 Heavy Chain'
4 polymer 'Fab M142 Light Chain'
5 polymer 'HV1: HIV-1 P18-I10'
#
loop_
_entity_poly.entity_id
_entity_poly.type
_entity_poly.pdbx_seq_one_letter_code
_entity_poly.pdbx_strand_id
1 'polypeptide(L)'
;SHSLRYFVTAVSRPGFGEPRYMEVGYVDNTEFVRFDSDAENPRYEPRARWIEQEGPEYWERETRRAKGNEQSFRVDLRTA
LRYYNQSAGGSHTLQWMAGCDVESDGRLLRGYWQFAYDGCDYIALNEDLKTWTAADMAAQITRRKWEQAGAAERDRAYLE
GECVEWLRRYLKNGNATLLRTDPPKAHVTHHRRPEGDVTLRCWALGFYPADITLTWQLNGEELTQEMELVETRPAGDGTF
QKWASVVVPLGKEQKYTCHVEHEGLPEPLTLRW
;
A,E
2 'polypeptide(L)'
;IQKTPQIQVYSRHPPENGKPNILNCYVTQFHPPHIEIQMLKNGKKIPKVEMSDMSFSKDWSFYILAHTEFTPTETDTYAC
RVKHASMAEPKTVYWDRD
;
B,F
3 'polypeptide(L)'
;QVTLKESGPGMLQPSKTLSLTCSFSGFSLSTSGLVVNWIRQPSGKSLEWLAAIDWDGDEYYNPSPKSRLTVSKDTSNTQV
FLKITSVDTVDTATYYCARSRRYGRYSGAFDYWGLGVMVTVSSAETTAPSVYPLAPGTALKSNSMVTLGCLVKGYFPEPV
TVTWNSGALSSGVHTFPAVLQSGLYTLTSSVTVPSSTWSSQAVTCNVAHPASSTKVDKKIVP
;
C,H
4 'polypeptide(L)'
;DIQMTQSPSSMSASLGDKVTINCLASEDIGNYLSWYQQRPGKSPKLMIYGVTNLEDGVPSRFSGSRSGSDYSLTINSLGY
DDEGIYHCHEYYEYPFTFGSGTKLEIKRADAAPTVSIFPPSTEQLATGGASVVCLMNNFYPRDISVKWKIDGTERRDGVL
DSVTDQDSKDSTYSMSSTLSLTKADYESHNLYTCEVVHKTSSSPVVKSFNRNE
;
D,L
5 'polypeptide(L)' RGPGRAFVTI G,P
#
# COMPACT_ATOMS: atom_id res chain seq x y z
N SER A 1 42.85 23.52 -5.34
CA SER A 1 41.58 23.29 -4.65
C SER A 1 41.09 21.86 -4.86
N HIS A 2 40.19 21.41 -3.97
CA HIS A 2 39.62 20.07 -4.08
C HIS A 2 38.15 20.12 -3.68
N SER A 3 37.38 19.18 -4.21
CA SER A 3 35.94 19.15 -4.01
C SER A 3 35.48 17.78 -3.58
N LEU A 4 34.52 17.76 -2.66
CA LEU A 4 33.76 16.56 -2.30
C LEU A 4 32.35 16.71 -2.86
N ARG A 5 31.96 15.81 -3.74
CA ARG A 5 30.69 15.94 -4.45
C ARG A 5 29.91 14.64 -4.36
N TYR A 6 28.58 14.77 -4.29
CA TYR A 6 27.67 13.63 -4.23
C TYR A 6 26.54 13.87 -5.21
N PHE A 7 26.31 12.88 -6.07
CA PHE A 7 25.31 12.93 -7.13
C PHE A 7 24.26 11.86 -6.87
N VAL A 8 22.99 12.27 -6.91
CA VAL A 8 21.88 11.38 -6.57
C VAL A 8 20.88 11.40 -7.71
N THR A 9 20.44 10.22 -8.13
CA THR A 9 19.44 10.08 -9.18
C THR A 9 18.31 9.21 -8.67
N ALA A 10 17.08 9.71 -8.77
CA ALA A 10 15.88 8.93 -8.45
C ALA A 10 14.99 8.89 -9.68
N VAL A 11 14.78 7.70 -10.21
CA VAL A 11 14.03 7.53 -11.46
C VAL A 11 12.85 6.60 -11.18
N SER A 12 11.64 7.14 -11.31
CA SER A 12 10.45 6.32 -11.17
C SER A 12 10.37 5.34 -12.33
N ARG A 13 9.91 4.12 -12.03
CA ARG A 13 9.77 3.05 -13.02
C ARG A 13 8.36 2.47 -12.94
N PRO A 14 7.35 3.22 -13.33
CA PRO A 14 5.98 2.68 -13.30
C PRO A 14 5.81 1.57 -14.33
N GLY A 15 5.11 0.52 -13.93
CA GLY A 15 5.00 -0.68 -14.72
C GLY A 15 6.23 -1.56 -14.69
N PHE A 16 7.27 -1.17 -13.99
CA PHE A 16 8.50 -1.94 -13.87
C PHE A 16 8.80 -2.32 -12.43
N GLY A 17 8.60 -1.41 -11.49
CA GLY A 17 8.81 -1.70 -10.09
C GLY A 17 9.12 -0.41 -9.34
N GLU A 18 9.81 -0.58 -8.21
CA GLU A 18 10.17 0.56 -7.40
C GLU A 18 11.15 1.47 -8.15
N PRO A 19 11.10 2.78 -7.88
CA PRO A 19 12.03 3.69 -8.55
C PRO A 19 13.49 3.40 -8.19
N ARG A 20 14.35 3.49 -9.19
CA ARG A 20 15.78 3.31 -8.99
C ARG A 20 16.36 4.50 -8.26
N TYR A 21 17.13 4.22 -7.22
CA TYR A 21 17.81 5.23 -6.42
C TYR A 21 19.30 4.98 -6.50
N MET A 22 20.05 6.02 -6.87
CA MET A 22 21.48 5.89 -7.04
C MET A 22 22.18 7.05 -6.36
N GLU A 23 23.30 6.74 -5.71
CA GLU A 23 24.11 7.72 -4.99
C GLU A 23 25.56 7.43 -5.30
N VAL A 24 26.23 8.37 -5.96
CA VAL A 24 27.64 8.22 -6.29
C VAL A 24 28.42 9.36 -5.63
N GLY A 25 29.63 9.03 -5.18
CA GLY A 25 30.47 10.00 -4.48
C GLY A 25 31.79 10.22 -5.18
N TYR A 26 32.18 11.48 -5.35
CA TYR A 26 33.39 11.85 -6.07
C TYR A 26 34.26 12.74 -5.19
N VAL A 27 35.57 12.45 -5.19
CA VAL A 27 36.58 13.38 -4.71
C VAL A 27 37.31 13.92 -5.94
N ASP A 28 37.31 15.24 -6.10
CA ASP A 28 37.75 15.88 -7.33
C ASP A 28 36.94 15.32 -8.49
N ASN A 29 37.49 14.34 -9.20
CA ASN A 29 36.77 13.70 -10.31
C ASN A 29 36.83 12.18 -10.23
N THR A 30 37.26 11.61 -9.10
CA THR A 30 37.39 10.17 -8.94
C THR A 30 36.27 9.65 -8.05
N GLU A 31 35.56 8.63 -8.54
CA GLU A 31 34.51 7.98 -7.77
C GLU A 31 35.11 7.10 -6.68
N PHE A 32 34.49 7.13 -5.50
CA PHE A 32 34.97 6.31 -4.39
C PHE A 32 33.89 5.61 -3.59
N VAL A 33 32.62 5.99 -3.69
CA VAL A 33 31.53 5.27 -3.03
C VAL A 33 30.34 5.22 -3.99
N ARG A 34 29.49 4.21 -3.81
CA ARG A 34 28.36 4.00 -4.69
C ARG A 34 27.26 3.27 -3.94
N PHE A 35 26.01 3.62 -4.25
CA PHE A 35 24.84 2.97 -3.67
C PHE A 35 23.80 2.84 -4.77
N ASP A 36 23.21 1.65 -4.89
CA ASP A 36 22.20 1.40 -5.92
C ASP A 36 21.06 0.62 -5.29
N SER A 37 19.84 1.14 -5.43
CA SER A 37 18.71 0.63 -4.66
C SER A 37 18.14 -0.68 -5.21
N ASP A 38 18.29 -0.93 -6.51
CA ASP A 38 17.68 -2.14 -7.08
C ASP A 38 18.60 -3.35 -6.99
N ALA A 39 19.85 -3.16 -6.59
CA ALA A 39 20.71 -4.30 -6.33
C ALA A 39 20.31 -4.95 -5.00
N GLU A 40 20.67 -6.22 -4.85
CA GLU A 40 20.34 -6.95 -3.65
C GLU A 40 21.11 -6.41 -2.45
N ASN A 41 20.45 -6.49 -1.27
CA ASN A 41 20.87 -5.89 0.00
C ASN A 41 21.55 -4.54 -0.24
N PRO A 42 20.78 -3.50 -0.62
CA PRO A 42 21.39 -2.22 -0.98
C PRO A 42 22.22 -1.61 0.14
N ARG A 43 23.55 -1.64 -0.04
CA ARG A 43 24.49 -1.12 0.93
C ARG A 43 25.53 -0.26 0.23
N TYR A 44 26.21 0.57 1.02
CA TYR A 44 27.28 1.43 0.52
C TYR A 44 28.53 0.62 0.23
N GLU A 45 28.92 0.57 -1.04
CA GLU A 45 30.09 -0.19 -1.42
C GLU A 45 31.27 0.73 -1.70
N PRO A 46 32.50 0.27 -1.46
CA PRO A 46 33.66 1.09 -1.81
C PRO A 46 33.91 1.01 -3.31
N ARG A 47 34.37 2.12 -3.88
CA ARG A 47 34.72 2.17 -5.29
C ARG A 47 36.17 2.53 -5.53
N ALA A 48 36.91 2.92 -4.49
CA ALA A 48 38.33 3.23 -4.58
C ALA A 48 39.09 2.28 -3.65
N ARG A 49 40.39 2.54 -3.50
CA ARG A 49 41.24 1.71 -2.65
C ARG A 49 41.41 2.29 -1.24
N TRP A 50 41.50 3.61 -1.13
CA TRP A 50 41.78 4.28 0.13
C TRP A 50 40.57 4.39 1.05
N ILE A 51 39.36 4.15 0.55
CA ILE A 51 38.16 4.25 1.40
C ILE A 51 37.81 2.92 2.05
N GLU A 52 38.47 1.83 1.66
CA GLU A 52 38.17 0.52 2.20
C GLU A 52 38.64 0.34 3.64
N GLN A 53 39.42 1.29 4.16
CA GLN A 53 39.91 1.21 5.54
C GLN A 53 38.95 1.84 6.54
N GLU A 54 37.70 2.08 6.14
CA GLU A 54 36.68 2.56 7.04
C GLU A 54 35.98 1.39 7.72
N GLY A 55 35.71 1.53 9.01
CA GLY A 55 35.10 0.49 9.81
C GLY A 55 33.68 0.17 9.35
N PRO A 56 33.13 -0.94 9.86
CA PRO A 56 31.74 -1.28 9.51
C PRO A 56 30.74 -0.24 9.96
N GLU A 57 31.07 0.55 10.98
CA GLU A 57 30.18 1.63 11.42
C GLU A 57 30.01 2.68 10.34
N TYR A 58 31.09 2.99 9.60
CA TYR A 58 31.01 3.94 8.50
C TYR A 58 29.97 3.50 7.47
N TRP A 59 30.12 2.28 6.96
CA TRP A 59 29.18 1.79 5.95
C TRP A 59 27.78 1.63 6.51
N GLU A 60 27.66 1.24 7.78
CA GLU A 60 26.34 1.11 8.40
C GLU A 60 25.61 2.44 8.42
N ARG A 61 26.25 3.49 8.94
CA ARG A 61 25.59 4.79 9.02
C ARG A 61 25.37 5.39 7.64
N GLU A 62 26.28 5.14 6.69
CA GLU A 62 26.09 5.67 5.35
C GLU A 62 24.93 4.97 4.65
N THR A 63 24.77 3.66 4.85
CA THR A 63 23.63 2.96 4.28
C THR A 63 22.33 3.42 4.91
N ARG A 64 22.33 3.65 6.23
CA ARG A 64 21.15 4.20 6.89
C ARG A 64 20.74 5.53 6.27
N ARG A 65 21.72 6.45 6.12
CA ARG A 65 21.43 7.74 5.51
C ARG A 65 20.96 7.59 4.08
N ALA A 66 21.56 6.68 3.32
CA ALA A 66 21.18 6.49 1.93
C ALA A 66 19.75 6.02 1.81
N LYS A 67 19.33 5.07 2.67
CA LYS A 67 17.97 4.58 2.58
C LYS A 67 16.96 5.62 3.05
N GLY A 68 17.32 6.40 4.08
CA GLY A 68 16.46 7.51 4.47
C GLY A 68 16.27 8.51 3.34
N ASN A 69 17.36 8.89 2.68
CA ASN A 69 17.26 9.78 1.54
C ASN A 69 16.49 9.14 0.39
N GLU A 70 16.56 7.82 0.26
CA GLU A 70 15.80 7.12 -0.77
C GLU A 70 14.31 7.26 -0.54
N GLN A 71 13.86 7.04 0.70
CA GLN A 71 12.44 7.26 1.02
C GLN A 71 12.06 8.72 0.81
N SER A 72 12.94 9.64 1.20
CA SER A 72 12.69 11.05 0.99
C SER A 72 12.48 11.35 -0.50
N PHE A 73 13.30 10.75 -1.36
CA PHE A 73 13.15 10.97 -2.79
C PHE A 73 11.89 10.30 -3.34
N ARG A 74 11.48 9.18 -2.75
CA ARG A 74 10.18 8.60 -3.12
C ARG A 74 9.06 9.60 -2.92
N VAL A 75 8.96 10.13 -1.69
CA VAL A 75 7.87 11.06 -1.41
C VAL A 75 8.04 12.36 -2.21
N ASP A 76 9.27 12.76 -2.49
CA ASP A 76 9.50 13.94 -3.32
C ASP A 76 9.01 13.73 -4.74
N LEU A 77 9.28 12.54 -5.29
CA LEU A 77 8.81 12.22 -6.64
C LEU A 77 7.29 12.24 -6.69
N ARG A 78 6.63 11.63 -5.70
CA ARG A 78 5.18 11.67 -5.68
C ARG A 78 4.64 13.10 -5.58
N THR A 79 5.28 13.91 -4.72
CA THR A 79 4.82 15.29 -4.54
C THR A 79 5.04 16.11 -5.81
N ALA A 80 6.11 15.84 -6.56
CA ALA A 80 6.33 16.55 -7.82
C ALA A 80 5.31 16.11 -8.87
N LEU A 81 4.97 14.82 -8.87
CA LEU A 81 3.93 14.33 -9.75
C LEU A 81 2.60 15.00 -9.47
N ARG A 82 2.35 15.36 -8.21
CA ARG A 82 1.15 16.12 -7.88
C ARG A 82 1.31 17.59 -8.27
N TYR A 83 2.51 18.14 -8.07
CA TYR A 83 2.77 19.56 -8.35
C TYR A 83 2.56 19.91 -9.82
N TYR A 84 3.07 19.09 -10.72
CA TYR A 84 3.06 19.48 -12.13
C TYR A 84 1.83 18.98 -12.88
N ASN A 85 0.88 18.37 -12.18
CA ASN A 85 -0.35 17.84 -12.78
C ASN A 85 -0.01 16.91 -13.94
N GLN A 86 0.76 15.88 -13.61
CA GLN A 86 1.28 14.95 -14.60
C GLN A 86 0.61 13.58 -14.44
N SER A 87 0.90 12.71 -15.40
CA SER A 87 0.33 11.37 -15.42
C SER A 87 1.10 10.42 -14.50
N ALA A 88 0.34 9.56 -13.81
CA ALA A 88 0.94 8.58 -12.91
C ALA A 88 1.66 7.46 -13.64
N GLY A 89 1.41 7.29 -14.94
CA GLY A 89 2.06 6.23 -15.68
C GLY A 89 3.35 6.60 -16.36
N GLY A 90 3.81 7.84 -16.20
CA GLY A 90 5.08 8.25 -16.79
C GLY A 90 6.24 8.08 -15.82
N SER A 91 7.44 7.99 -16.39
CA SER A 91 8.66 7.83 -15.61
C SER A 91 9.40 9.17 -15.57
N HIS A 92 9.61 9.70 -14.37
CA HIS A 92 10.24 10.99 -14.17
C HIS A 92 11.46 10.85 -13.27
N THR A 93 12.35 11.85 -13.34
CA THR A 93 13.65 11.78 -12.69
C THR A 93 13.89 13.01 -11.81
N LEU A 94 14.36 12.76 -10.60
CA LEU A 94 14.90 13.78 -9.71
C LEU A 94 16.42 13.63 -9.65
N GLN A 95 17.13 14.74 -9.75
CA GLN A 95 18.59 14.74 -9.68
C GLN A 95 19.02 15.72 -8.60
N TRP A 96 19.98 15.30 -7.79
CA TRP A 96 20.42 16.08 -6.63
C TRP A 96 21.95 16.16 -6.63
N MET A 97 22.46 17.38 -6.61
CA MET A 97 23.90 17.65 -6.54
C MET A 97 24.19 18.30 -5.20
N ALA A 98 25.13 17.74 -4.45
CA ALA A 98 25.47 18.33 -3.15
C ALA A 98 26.94 18.13 -2.83
N GLY A 99 27.61 19.19 -2.42
CA GLY A 99 29.02 19.04 -2.09
C GLY A 99 29.67 20.37 -1.76
N CYS A 100 30.99 20.33 -1.70
CA CYS A 100 31.79 21.48 -1.26
C CYS A 100 33.09 21.53 -2.04
N ASP A 101 33.36 22.68 -2.67
CA ASP A 101 34.65 23.00 -3.25
C ASP A 101 35.42 23.89 -2.28
N VAL A 102 36.63 23.47 -1.92
CA VAL A 102 37.42 24.09 -0.87
C VAL A 102 38.82 24.34 -1.41
N GLU A 103 39.41 25.46 -1.01
CA GLU A 103 40.78 25.76 -1.42
C GLU A 103 41.75 24.80 -0.74
N SER A 104 42.97 24.75 -1.27
CA SER A 104 43.97 23.79 -0.81
C SER A 104 44.42 24.04 0.63
N ASP A 105 43.98 25.14 1.26
CA ASP A 105 44.36 25.44 2.63
C ASP A 105 43.30 24.96 3.64
N GLY A 106 42.06 25.36 3.46
CA GLY A 106 41.03 24.99 4.41
C GLY A 106 39.85 25.94 4.50
N ARG A 107 39.50 26.60 3.40
CA ARG A 107 38.39 27.56 3.39
C ARG A 107 37.41 27.16 2.31
N LEU A 108 36.16 26.91 2.71
CA LEU A 108 35.11 26.55 1.77
C LEU A 108 34.91 27.68 0.77
N LEU A 109 35.21 27.42 -0.51
CA LEU A 109 35.02 28.42 -1.55
C LEU A 109 33.65 28.33 -2.21
N ARG A 110 33.01 27.16 -2.23
CA ARG A 110 31.67 27.08 -2.79
C ARG A 110 30.93 25.87 -2.22
N GLY A 111 29.70 26.10 -1.77
CA GLY A 111 28.85 25.03 -1.32
C GLY A 111 27.72 24.79 -2.31
N TYR A 112 27.59 23.56 -2.80
CA TYR A 112 26.59 23.22 -3.79
C TYR A 112 25.50 22.39 -3.15
N TRP A 113 24.24 22.73 -3.47
CA TRP A 113 23.08 22.02 -2.95
C TRP A 113 21.93 22.39 -3.88
N GLN A 114 21.70 21.56 -4.90
CA GLN A 114 20.75 21.91 -5.94
C GLN A 114 20.02 20.68 -6.43
N PHE A 115 18.81 20.90 -6.96
CA PHE A 115 17.92 19.85 -7.44
C PHE A 115 17.40 20.21 -8.82
N ALA A 116 17.27 19.20 -9.67
CA ALA A 116 16.70 19.34 -11.00
C ALA A 116 15.66 18.25 -11.23
N TYR A 117 14.59 18.61 -11.93
CA TYR A 117 13.50 17.69 -12.22
C TYR A 117 13.43 17.47 -13.74
N ASP A 118 13.57 16.21 -14.15
CA ASP A 118 13.46 15.83 -15.56
C ASP A 118 14.46 16.57 -16.44
N GLY A 119 15.63 16.89 -15.90
CA GLY A 119 16.69 17.54 -16.64
C GLY A 119 16.72 19.05 -16.57
N CYS A 120 15.63 19.68 -16.13
CA CYS A 120 15.57 21.13 -16.01
C CYS A 120 15.83 21.55 -14.57
N ASP A 121 16.52 22.68 -14.41
CA ASP A 121 16.86 23.19 -13.09
C ASP A 121 15.61 23.49 -12.28
N TYR A 122 15.48 22.83 -11.13
CA TYR A 122 14.32 23.02 -10.26
C TYR A 122 14.62 24.06 -9.18
N ILE A 123 15.55 23.75 -8.26
CA ILE A 123 15.84 24.62 -7.13
C ILE A 123 17.34 24.60 -6.88
N ALA A 124 17.84 25.67 -6.25
CA ALA A 124 19.26 25.72 -5.93
C ALA A 124 19.47 26.53 -4.66
N LEU A 125 20.54 26.19 -3.95
CA LEU A 125 21.01 26.97 -2.81
C LEU A 125 22.14 27.87 -3.29
N ASN A 126 21.95 29.17 -3.19
CA ASN A 126 22.94 30.11 -3.68
C ASN A 126 24.23 30.01 -2.86
N GLU A 127 25.29 30.64 -3.38
CA GLU A 127 26.60 30.56 -2.75
C GLU A 127 26.58 31.12 -1.34
N ASP A 128 25.68 32.05 -1.05
CA ASP A 128 25.57 32.60 0.30
C ASP A 128 25.15 31.56 1.32
N LEU A 129 24.61 30.42 0.87
CA LEU A 129 24.15 29.35 1.76
C LEU A 129 23.07 29.86 2.71
N LYS A 130 22.10 30.59 2.15
CA LYS A 130 21.02 31.15 2.95
C LYS A 130 19.77 31.38 2.11
N THR A 131 19.94 31.81 0.86
CA THR A 131 18.82 32.11 -0.03
C THR A 131 18.64 31.01 -1.07
N TRP A 132 17.38 30.68 -1.36
CA TRP A 132 17.04 29.68 -2.36
C TRP A 132 16.59 30.34 -3.66
N THR A 133 17.08 29.81 -4.79
CA THR A 133 16.64 30.22 -6.11
C THR A 133 15.73 29.14 -6.69
N ALA A 134 14.48 29.51 -6.96
CA ALA A 134 13.45 28.60 -7.48
C ALA A 134 13.05 29.05 -8.89
N ALA A 135 13.22 28.15 -9.86
CA ALA A 135 12.99 28.51 -11.26
C ALA A 135 11.53 28.37 -11.70
N ASP A 136 10.82 27.36 -11.20
CA ASP A 136 9.46 27.09 -11.65
C ASP A 136 8.42 27.68 -10.70
N MET A 137 7.20 27.84 -11.21
CA MET A 137 6.10 28.30 -10.39
C MET A 137 5.82 27.32 -9.25
N ALA A 138 5.95 26.02 -9.52
CA ALA A 138 5.81 25.01 -8.47
C ALA A 138 7.03 24.93 -7.56
N ALA A 139 8.21 25.33 -8.05
CA ALA A 139 9.41 25.35 -7.21
C ALA A 139 9.35 26.44 -6.15
N GLN A 140 8.56 27.49 -6.36
CA GLN A 140 8.44 28.54 -5.36
C GLN A 140 7.71 28.05 -4.11
N ILE A 141 6.76 27.12 -4.25
CA ILE A 141 6.15 26.53 -3.07
C ILE A 141 7.21 25.79 -2.24
N THR A 142 8.09 25.06 -2.93
CA THR A 142 9.21 24.40 -2.26
C THR A 142 10.10 25.42 -1.56
N ARG A 143 10.40 26.53 -2.24
CA ARG A 143 11.25 27.56 -1.64
C ARG A 143 10.62 28.15 -0.38
N ARG A 144 9.32 28.48 -0.44
CA ARG A 144 8.65 29.05 0.72
C ARG A 144 8.61 28.07 1.89
N LYS A 145 8.24 26.82 1.62
CA LYS A 145 8.15 25.85 2.71
C LYS A 145 9.53 25.54 3.29
N TRP A 146 10.57 25.54 2.46
CA TRP A 146 11.92 25.29 2.96
C TRP A 146 12.48 26.49 3.70
N GLU A 147 11.98 27.70 3.42
CA GLU A 147 12.34 28.84 4.26
C GLU A 147 11.62 28.77 5.58
N GLN A 148 10.37 28.30 5.58
CA GLN A 148 9.64 28.09 6.83
C GLN A 148 10.35 27.07 7.71
N ALA A 149 10.71 25.93 7.15
CA ALA A 149 11.41 24.90 7.91
C ALA A 149 12.85 25.30 8.21
N GLY A 150 13.47 26.07 7.32
CA GLY A 150 14.82 26.52 7.52
C GLY A 150 15.82 25.45 7.14
N ALA A 151 15.66 24.91 5.93
CA ALA A 151 16.58 23.87 5.48
C ALA A 151 17.93 24.45 5.08
N ALA A 152 17.98 25.72 4.67
CA ALA A 152 19.25 26.31 4.26
C ALA A 152 20.26 26.32 5.39
N GLU A 153 19.80 26.52 6.62
CA GLU A 153 20.72 26.59 7.76
C GLU A 153 21.39 25.25 8.01
N ARG A 154 20.61 24.18 8.09
CA ARG A 154 21.21 22.86 8.31
C ARG A 154 22.02 22.41 7.11
N ASP A 155 21.60 22.78 5.89
CA ASP A 155 22.40 22.44 4.71
C ASP A 155 23.75 23.14 4.75
N ARG A 156 23.78 24.41 5.15
CA ARG A 156 25.05 25.12 5.28
C ARG A 156 25.88 24.54 6.41
N ALA A 157 25.24 24.14 7.51
CA ALA A 157 25.96 23.49 8.60
C ALA A 157 26.65 22.24 8.12
N TYR A 158 25.97 21.43 7.30
CA TYR A 158 26.61 20.28 6.70
C TYR A 158 27.77 20.70 5.80
N LEU A 159 27.51 21.62 4.85
CA LEU A 159 28.53 21.99 3.86
C LEU A 159 29.73 22.64 4.51
N GLU A 160 29.52 23.52 5.48
CA GLU A 160 30.62 24.25 6.10
C GLU A 160 31.37 23.44 7.15
N GLY A 161 30.82 22.32 7.61
CA GLY A 161 31.46 21.55 8.67
C GLY A 161 31.83 20.13 8.30
N GLU A 162 30.82 19.28 8.10
CA GLU A 162 31.09 17.86 7.88
C GLU A 162 31.79 17.62 6.54
N CYS A 163 31.33 18.31 5.49
CA CYS A 163 31.90 18.14 4.15
C CYS A 163 33.40 18.44 4.15
N VAL A 164 33.80 19.56 4.73
CA VAL A 164 35.19 20.00 4.60
C VAL A 164 36.13 19.09 5.40
N GLU A 165 35.72 18.68 6.61
CA GLU A 165 36.60 17.84 7.41
C GLU A 165 36.66 16.42 6.87
N TRP A 166 35.57 15.92 6.28
CA TRP A 166 35.66 14.61 5.66
C TRP A 166 36.45 14.65 4.36
N LEU A 167 36.42 15.79 3.65
CA LEU A 167 37.31 15.95 2.51
C LEU A 167 38.77 15.95 2.95
N ARG A 168 39.06 16.63 4.07
CA ARG A 168 40.42 16.60 4.62
C ARG A 168 40.85 15.18 4.95
N ARG A 169 39.98 14.43 5.62
CA ARG A 169 40.33 13.06 5.98
C ARG A 169 40.51 12.18 4.75
N TYR A 170 39.66 12.37 3.73
CA TYR A 170 39.80 11.59 2.51
C TYR A 170 41.11 11.92 1.79
N LEU A 171 41.48 13.19 1.78
CA LEU A 171 42.74 13.58 1.15
C LEU A 171 43.94 13.02 1.90
N LYS A 172 43.88 13.01 3.24
CA LYS A 172 44.98 12.46 4.01
C LYS A 172 45.05 10.94 3.89
N ASN A 173 43.91 10.28 3.72
CA ASN A 173 43.86 8.83 3.59
C ASN A 173 44.09 8.35 2.16
N GLY A 174 43.83 9.19 1.17
CA GLY A 174 43.95 8.78 -0.21
C GLY A 174 45.01 9.56 -0.95
N ASN A 175 46.01 10.04 -0.22
CA ASN A 175 47.09 10.80 -0.82
C ASN A 175 47.91 9.98 -1.81
N ALA A 176 47.76 8.65 -1.80
CA ALA A 176 48.50 7.81 -2.73
C ALA A 176 47.91 7.86 -4.14
N THR A 177 46.58 7.86 -4.26
CA THR A 177 45.92 7.83 -5.55
C THR A 177 45.19 9.11 -5.91
N LEU A 178 44.96 10.02 -4.95
CA LEU A 178 44.27 11.26 -5.25
C LEU A 178 45.23 12.41 -5.56
N LEU A 179 46.46 12.35 -5.06
CA LEU A 179 47.45 13.39 -5.30
C LEU A 179 48.50 13.00 -6.32
N ARG A 180 48.42 11.79 -6.88
CA ARG A 180 49.38 11.35 -7.88
C ARG A 180 49.26 12.17 -9.15
N THR A 181 50.36 12.26 -9.89
CA THR A 181 50.38 12.94 -11.20
C THR A 181 51.16 12.04 -12.15
N ASP A 182 50.43 11.34 -13.02
CA ASP A 182 51.07 10.47 -14.00
C ASP A 182 51.20 11.22 -15.32
N PRO A 183 52.42 11.40 -15.85
CA PRO A 183 52.56 12.11 -17.11
C PRO A 183 52.04 11.31 -18.26
N PRO A 184 51.53 11.96 -19.31
CA PRO A 184 51.00 11.26 -20.47
C PRO A 184 52.07 10.87 -21.50
N LYS A 185 51.95 9.64 -21.99
CA LYS A 185 52.73 9.19 -23.13
C LYS A 185 52.14 9.79 -24.40
N ALA A 186 52.94 10.54 -25.15
CA ALA A 186 52.47 11.27 -26.31
C ALA A 186 53.23 10.83 -27.55
N HIS A 187 52.54 10.91 -28.69
CA HIS A 187 53.15 10.59 -29.97
C HIS A 187 52.31 11.17 -31.09
N VAL A 188 52.86 11.10 -32.31
CA VAL A 188 52.19 11.63 -33.49
C VAL A 188 52.07 10.52 -34.52
N THR A 189 50.90 10.44 -35.16
CA THR A 189 50.63 9.47 -36.21
C THR A 189 50.35 10.21 -37.50
N HIS A 190 50.88 9.68 -38.59
CA HIS A 190 50.85 10.32 -39.92
C HIS A 190 50.14 9.38 -40.89
N HIS A 191 48.91 9.73 -41.27
CA HIS A 191 48.12 8.95 -42.21
C HIS A 191 47.91 9.73 -43.50
N ARG A 192 48.29 9.14 -44.63
CA ARG A 192 47.98 9.76 -45.90
C ARG A 192 46.49 9.70 -46.15
N ARG A 193 46.02 10.50 -47.10
CA ARG A 193 44.58 10.57 -47.32
C ARG A 193 44.27 10.32 -48.79
N PRO A 194 43.09 9.78 -49.09
CA PRO A 194 42.69 9.61 -50.50
C PRO A 194 42.46 10.91 -51.23
N GLU A 195 42.51 12.04 -50.55
CA GLU A 195 42.40 13.35 -51.20
C GLU A 195 43.72 13.77 -51.83
N GLY A 196 44.77 13.87 -51.02
CA GLY A 196 46.06 14.32 -51.51
C GLY A 196 46.93 14.86 -50.40
N ASP A 197 46.32 15.19 -49.26
CA ASP A 197 46.99 15.71 -48.08
C ASP A 197 47.17 14.61 -47.04
N VAL A 198 47.62 14.99 -45.84
CA VAL A 198 47.99 14.04 -44.79
C VAL A 198 47.36 14.46 -43.47
N THR A 199 46.76 13.51 -42.76
CA THR A 199 46.20 13.73 -41.43
C THR A 199 47.23 13.39 -40.36
N LEU A 200 47.59 14.41 -39.58
CA LEU A 200 48.55 14.26 -38.45
C LEU A 200 47.70 14.06 -37.22
N ARG A 201 48.07 13.15 -36.32
CA ARG A 201 47.25 12.92 -35.09
C ARG A 201 48.17 12.97 -33.87
N CYS A 202 47.91 13.90 -32.93
CA CYS A 202 48.76 13.98 -31.72
C CYS A 202 48.02 13.19 -30.63
N TRP A 203 48.70 12.29 -29.93
CA TRP A 203 47.98 11.51 -28.90
C TRP A 203 48.60 11.76 -27.53
N ALA A 204 47.76 11.86 -26.52
CA ALA A 204 48.23 11.99 -25.12
C ALA A 204 47.49 10.90 -24.39
N LEU A 205 48.19 9.89 -23.89
CA LEU A 205 47.48 8.79 -23.24
C LEU A 205 48.03 8.55 -21.84
N GLY A 206 47.16 8.05 -20.97
CA GLY A 206 47.61 7.59 -19.67
C GLY A 206 48.02 8.67 -18.70
N PHE A 207 47.21 9.70 -18.55
CA PHE A 207 47.56 10.82 -17.67
C PHE A 207 46.52 10.98 -16.57
N TYR A 208 46.91 11.77 -15.55
CA TYR A 208 46.09 12.12 -14.41
C TYR A 208 46.59 13.46 -13.90
N PRO A 209 45.69 14.40 -13.59
CA PRO A 209 44.24 14.31 -13.76
C PRO A 209 43.83 14.51 -15.22
N ALA A 210 42.57 14.85 -15.48
CA ALA A 210 42.12 15.06 -16.84
C ALA A 210 42.48 16.43 -17.38
N ASP A 211 42.94 17.34 -16.52
CA ASP A 211 43.31 18.68 -16.95
C ASP A 211 44.55 18.60 -17.83
N ILE A 212 44.38 18.88 -19.12
CA ILE A 212 45.46 18.77 -20.09
C ILE A 212 45.18 19.77 -21.21
N THR A 213 46.25 20.30 -21.81
CA THR A 213 46.14 21.22 -22.93
C THR A 213 46.86 20.60 -24.12
N LEU A 214 46.13 20.46 -25.24
CA LEU A 214 46.65 19.84 -26.44
C LEU A 214 46.39 20.78 -27.60
N THR A 215 47.45 21.27 -28.23
CA THR A 215 47.29 22.19 -29.36
C THR A 215 48.34 21.90 -30.40
N TRP A 216 48.04 22.26 -31.64
CA TRP A 216 49.02 22.21 -32.71
C TRP A 216 49.42 23.64 -33.08
N GLN A 217 50.65 23.79 -33.54
CA GLN A 217 51.12 25.08 -34.03
C GLN A 217 51.73 24.89 -35.40
N LEU A 218 51.52 25.88 -36.26
CA LEU A 218 52.13 25.89 -37.58
C LEU A 218 53.60 26.24 -37.45
N ASN A 219 53.95 27.51 -37.52
CA ASN A 219 55.36 27.91 -37.43
C ASN A 219 55.63 28.62 -36.11
N GLY A 220 55.16 28.04 -35.01
CA GLY A 220 55.17 28.72 -33.73
C GLY A 220 54.05 29.72 -33.56
N GLU A 221 53.11 29.76 -34.49
CA GLU A 221 51.97 30.67 -34.47
C GLU A 221 50.73 29.92 -34.00
N GLU A 222 49.68 30.67 -33.68
CA GLU A 222 48.48 30.04 -33.12
C GLU A 222 47.71 29.21 -34.13
N LEU A 223 48.23 29.07 -35.35
CA LEU A 223 47.67 28.24 -36.43
C LEU A 223 46.32 28.76 -36.91
N THR A 224 46.14 28.77 -38.23
CA THR A 224 44.93 29.32 -38.84
C THR A 224 44.22 28.28 -39.71
N GLN A 225 43.80 27.16 -39.14
CA GLN A 225 43.18 26.14 -39.98
C GLN A 225 42.33 25.20 -39.13
N GLU A 226 41.44 24.49 -39.83
CA GLU A 226 40.48 23.53 -39.30
C GLU A 226 41.08 22.45 -38.37
N MET A 227 41.29 22.77 -37.09
CA MET A 227 41.79 21.79 -36.14
C MET A 227 40.66 21.06 -35.44
N GLU A 228 40.66 19.73 -35.52
CA GLU A 228 39.65 18.87 -34.91
C GLU A 228 40.21 18.06 -33.74
N LEU A 229 39.76 18.37 -32.52
CA LEU A 229 40.15 17.66 -31.31
C LEU A 229 38.91 17.15 -30.58
N VAL A 230 39.02 15.98 -29.96
CA VAL A 230 37.91 15.35 -29.26
C VAL A 230 38.04 15.60 -27.76
N GLU A 231 37.01 15.21 -27.01
CA GLU A 231 36.90 15.48 -25.58
C GLU A 231 37.63 14.43 -24.75
N THR A 232 38.08 14.85 -23.57
CA THR A 232 38.81 13.98 -22.66
C THR A 232 37.95 12.81 -22.19
N ARG A 233 38.41 11.59 -22.46
CA ARG A 233 37.72 10.34 -22.17
C ARG A 233 38.50 9.49 -21.18
N PRO A 234 37.81 8.70 -20.35
CA PRO A 234 38.49 7.78 -19.44
C PRO A 234 38.99 6.53 -20.15
N ALA A 235 40.02 5.91 -19.57
CA ALA A 235 40.56 4.67 -20.09
C ALA A 235 39.99 3.43 -19.42
N GLY A 236 39.34 3.59 -18.26
CA GLY A 236 38.80 2.47 -17.53
C GLY A 236 39.73 1.92 -16.48
N ASP A 237 40.78 2.66 -16.11
CA ASP A 237 41.74 2.24 -15.11
C ASP A 237 42.21 3.39 -14.23
N GLY A 238 41.71 4.61 -14.44
CA GLY A 238 42.09 5.77 -13.67
C GLY A 238 42.73 6.88 -14.49
N THR A 239 43.17 6.57 -15.72
CA THR A 239 43.81 7.53 -16.60
C THR A 239 42.85 7.95 -17.71
N PHE A 240 43.32 8.92 -18.51
CA PHE A 240 42.53 9.50 -19.59
C PHE A 240 43.39 9.60 -20.84
N GLN A 241 42.71 9.83 -21.97
CA GLN A 241 43.36 9.97 -23.26
C GLN A 241 42.81 11.21 -23.97
N LYS A 242 43.55 11.67 -24.97
CA LYS A 242 43.13 12.80 -25.79
C LYS A 242 43.95 12.78 -27.07
N TRP A 243 43.37 13.34 -28.14
CA TRP A 243 44.09 13.47 -29.39
C TRP A 243 43.54 14.64 -30.18
N ALA A 244 44.43 15.26 -30.95
CA ALA A 244 44.10 16.43 -31.77
C ALA A 244 44.62 16.21 -33.18
N SER A 245 43.77 16.42 -34.17
CA SER A 245 44.11 16.17 -35.57
C SER A 245 44.35 17.48 -36.31
N VAL A 246 45.03 17.36 -37.44
CA VAL A 246 45.28 18.49 -38.33
C VAL A 246 45.57 17.95 -39.72
N VAL A 247 44.99 18.59 -40.73
CA VAL A 247 45.20 18.21 -42.13
C VAL A 247 46.29 19.11 -42.68
N VAL A 248 47.39 18.50 -43.12
CA VAL A 248 48.59 19.22 -43.53
C VAL A 248 48.96 18.80 -44.94
N PRO A 249 49.68 19.65 -45.67
CA PRO A 249 50.11 19.29 -47.02
C PRO A 249 51.19 18.21 -47.00
N LEU A 250 51.39 17.60 -48.17
CA LEU A 250 52.43 16.60 -48.34
C LEU A 250 53.78 17.29 -48.43
N GLY A 251 54.65 17.06 -47.45
CA GLY A 251 55.98 17.63 -47.44
C GLY A 251 56.23 18.66 -46.35
N LYS A 252 55.17 19.25 -45.78
CA LYS A 252 55.33 20.29 -44.77
C LYS A 252 54.97 19.76 -43.39
N GLU A 253 54.87 18.43 -43.23
CA GLU A 253 54.53 17.86 -41.94
C GLU A 253 55.58 18.16 -40.90
N GLN A 254 56.79 18.53 -41.33
CA GLN A 254 57.86 18.88 -40.42
C GLN A 254 57.74 20.30 -39.92
N LYS A 255 56.79 21.08 -40.46
CA LYS A 255 56.58 22.43 -39.97
C LYS A 255 55.63 22.49 -38.78
N TYR A 256 54.91 21.41 -38.47
CA TYR A 256 53.86 21.43 -37.45
C TYR A 256 54.36 20.83 -36.16
N THR A 257 54.08 21.51 -35.05
CA THR A 257 54.53 21.06 -33.73
C THR A 257 53.33 20.88 -32.82
N CYS A 258 53.17 19.68 -32.26
CA CYS A 258 52.12 19.42 -31.28
C CYS A 258 52.66 19.72 -29.88
N HIS A 259 51.95 20.57 -29.14
CA HIS A 259 52.32 20.94 -27.80
C HIS A 259 51.27 20.41 -26.81
N VAL A 260 51.76 19.63 -25.85
CA VAL A 260 50.93 19.06 -24.80
C VAL A 260 51.47 19.55 -23.46
N GLU A 261 50.60 20.18 -22.68
CA GLU A 261 50.93 20.73 -21.38
C GLU A 261 50.04 20.08 -20.34
N HIS A 262 50.67 19.44 -19.35
CA HIS A 262 49.99 18.74 -18.27
C HIS A 262 50.50 19.25 -16.95
N GLU A 263 49.67 19.10 -15.91
CA GLU A 263 50.07 19.54 -14.58
C GLU A 263 51.08 18.60 -13.94
N GLY A 264 51.31 17.43 -14.54
CA GLY A 264 52.33 16.49 -14.12
C GLY A 264 53.60 16.51 -14.95
N LEU A 265 53.80 17.57 -15.76
CA LEU A 265 54.97 17.64 -16.63
C LEU A 265 55.94 18.73 -16.21
N PRO A 266 57.25 18.47 -16.28
CA PRO A 266 58.22 19.53 -15.95
C PRO A 266 58.27 20.64 -16.99
N GLU A 267 58.07 20.33 -18.26
CA GLU A 267 58.07 21.31 -19.34
C GLU A 267 57.05 20.88 -20.37
N PRO A 268 56.44 21.80 -21.11
CA PRO A 268 55.48 21.41 -22.13
C PRO A 268 56.15 20.59 -23.22
N LEU A 269 55.56 19.43 -23.53
CA LEU A 269 56.12 18.55 -24.55
C LEU A 269 55.80 19.07 -25.95
N THR A 270 56.81 19.13 -26.80
CA THR A 270 56.66 19.52 -28.21
C THR A 270 57.10 18.36 -29.09
N LEU A 271 56.26 17.99 -30.05
CA LEU A 271 56.50 16.85 -30.91
C LEU A 271 56.38 17.25 -32.37
N ARG A 272 57.24 16.67 -33.21
CA ARG A 272 57.16 16.83 -34.66
C ARG A 272 57.01 15.46 -35.30
N TRP A 273 56.65 15.46 -36.59
CA TRP A 273 56.52 14.21 -37.33
C TRP A 273 57.90 13.75 -37.82
N ILE B 1 12.40 17.80 -24.10
CA ILE B 1 12.80 17.51 -22.72
C ILE B 1 13.80 16.37 -22.68
N GLN B 2 14.37 16.05 -23.84
CA GLN B 2 15.30 14.93 -24.00
C GLN B 2 16.58 15.43 -24.66
N LYS B 3 17.67 14.72 -24.38
CA LYS B 3 18.99 15.06 -24.91
C LYS B 3 19.57 13.84 -25.62
N THR B 4 20.06 14.04 -26.85
CA THR B 4 20.58 12.94 -27.65
C THR B 4 21.97 12.56 -27.15
N PRO B 5 22.31 11.26 -27.13
CA PRO B 5 23.58 10.84 -26.56
C PRO B 5 24.74 10.98 -27.54
N GLN B 6 25.92 11.16 -26.98
CA GLN B 6 27.18 11.25 -27.73
C GLN B 6 28.01 10.01 -27.45
N ILE B 7 28.61 9.46 -28.50
CA ILE B 7 29.24 8.14 -28.46
C ILE B 7 30.71 8.27 -28.84
N GLN B 8 31.58 7.61 -28.07
CA GLN B 8 32.99 7.48 -28.42
C GLN B 8 33.40 6.03 -28.19
N VAL B 9 33.83 5.35 -29.25
CA VAL B 9 34.28 3.97 -29.16
C VAL B 9 35.79 3.96 -29.30
N TYR B 10 36.48 3.29 -28.38
CA TYR B 10 37.93 3.35 -28.42
C TYR B 10 38.56 2.22 -27.60
N SER B 11 39.84 1.99 -27.85
CA SER B 11 40.63 1.02 -27.12
C SER B 11 41.36 1.70 -25.97
N ARG B 12 41.53 0.95 -24.88
CA ARG B 12 42.19 1.49 -23.68
C ARG B 12 43.68 1.70 -23.91
N HIS B 13 44.40 0.65 -24.31
CA HIS B 13 45.82 0.62 -24.64
C HIS B 13 46.01 0.74 -26.15
N PRO B 14 47.17 1.25 -26.59
CA PRO B 14 47.41 1.38 -28.03
C PRO B 14 47.17 0.05 -28.72
N PRO B 15 46.27 0.03 -29.71
CA PRO B 15 45.85 -1.27 -30.26
C PRO B 15 46.87 -1.84 -31.23
N GLU B 16 47.07 -3.14 -31.11
CA GLU B 16 47.86 -3.88 -32.08
C GLU B 16 47.25 -5.27 -32.21
N ASN B 17 47.36 -5.84 -33.40
CA ASN B 17 46.70 -7.10 -33.71
C ASN B 17 47.25 -8.26 -32.89
N GLY B 18 46.34 -9.08 -32.37
CA GLY B 18 46.66 -10.24 -31.55
C GLY B 18 46.92 -9.92 -30.10
N LYS B 19 47.18 -8.67 -29.76
CA LYS B 19 47.37 -8.33 -28.36
C LYS B 19 46.01 -8.12 -27.70
N PRO B 20 45.80 -8.66 -26.51
CA PRO B 20 44.52 -8.44 -25.84
C PRO B 20 44.35 -6.98 -25.49
N ASN B 21 43.10 -6.51 -25.54
CA ASN B 21 42.82 -5.11 -25.24
C ASN B 21 41.40 -4.99 -24.72
N ILE B 22 41.11 -3.84 -24.12
CA ILE B 22 39.78 -3.53 -23.63
C ILE B 22 39.19 -2.48 -24.57
N LEU B 23 38.05 -2.80 -25.16
CA LEU B 23 37.33 -1.87 -26.01
C LEU B 23 36.18 -1.30 -25.21
N ASN B 24 36.01 0.02 -25.22
CA ASN B 24 34.96 0.63 -24.44
C ASN B 24 34.21 1.68 -25.24
N CYS B 25 32.95 1.85 -24.85
CA CYS B 25 32.01 2.79 -25.43
C CYS B 25 31.67 3.80 -24.35
N TYR B 26 31.97 5.07 -24.61
CA TYR B 26 31.81 6.17 -23.68
C TYR B 26 30.64 6.99 -24.21
N VAL B 27 29.51 6.94 -23.51
CA VAL B 27 28.28 7.58 -23.96
C VAL B 27 27.93 8.66 -22.96
N THR B 28 27.91 9.91 -23.44
CA THR B 28 27.75 11.07 -22.58
C THR B 28 26.59 11.93 -23.06
N GLN B 29 26.06 12.74 -22.14
CA GLN B 29 25.17 13.86 -22.46
C GLN B 29 23.86 13.35 -23.09
N PHE B 30 23.08 12.67 -22.26
CA PHE B 30 21.78 12.17 -22.70
C PHE B 30 20.78 12.25 -21.54
N HIS B 31 19.51 12.07 -21.89
CA HIS B 31 18.40 12.16 -20.95
C HIS B 31 17.13 11.65 -21.61
N PRO B 32 16.31 10.84 -20.94
CA PRO B 32 16.41 10.31 -19.56
C PRO B 32 17.49 9.23 -19.44
N PRO B 33 17.85 8.79 -18.23
CA PRO B 33 18.99 7.87 -18.09
C PRO B 33 18.68 6.42 -18.45
N HIS B 34 17.64 6.18 -19.22
CA HIS B 34 17.28 4.82 -19.65
C HIS B 34 17.76 4.62 -21.08
N ILE B 35 18.95 4.03 -21.21
CA ILE B 35 19.54 3.70 -22.52
C ILE B 35 20.05 2.27 -22.46
N GLU B 36 20.27 1.70 -23.65
CA GLU B 36 20.88 0.39 -23.79
C GLU B 36 22.11 0.49 -24.69
N ILE B 37 23.22 -0.08 -24.23
CA ILE B 37 24.49 -0.07 -24.98
C ILE B 37 24.87 -1.52 -25.24
N GLN B 38 25.01 -1.87 -26.52
CA GLN B 38 25.43 -3.19 -26.96
C GLN B 38 26.76 -3.10 -27.70
N MET B 39 27.67 -4.03 -27.42
CA MET B 39 28.93 -4.12 -28.15
C MET B 39 28.80 -5.19 -29.22
N LEU B 40 29.17 -4.87 -30.45
CA LEU B 40 29.02 -5.77 -31.59
C LEU B 40 30.37 -6.18 -32.15
N LYS B 41 30.60 -7.49 -32.26
CA LYS B 41 31.74 -8.03 -33.00
C LYS B 41 31.20 -8.67 -34.27
N ASN B 42 31.60 -8.16 -35.43
CA ASN B 42 31.15 -8.66 -36.73
C ASN B 42 29.64 -8.68 -36.82
N GLY B 43 28.96 -7.81 -36.09
CA GLY B 43 27.51 -7.76 -36.10
C GLY B 43 26.83 -8.47 -34.94
N LYS B 44 27.52 -9.36 -34.24
CA LYS B 44 26.90 -10.13 -33.16
C LYS B 44 27.12 -9.46 -31.82
N LYS B 45 26.11 -9.57 -30.94
CA LYS B 45 26.16 -8.90 -29.65
C LYS B 45 27.05 -9.66 -28.68
N ILE B 46 28.08 -8.99 -28.18
CA ILE B 46 28.92 -9.54 -27.11
C ILE B 46 28.15 -9.51 -25.80
N PRO B 47 28.16 -10.58 -25.00
CA PRO B 47 27.42 -10.55 -23.73
C PRO B 47 28.18 -9.89 -22.61
N LYS B 48 29.50 -9.79 -22.72
CA LYS B 48 30.32 -9.20 -21.66
C LYS B 48 30.36 -7.69 -21.79
N VAL B 49 29.19 -7.07 -21.67
CA VAL B 49 29.15 -5.61 -21.67
C VAL B 49 29.03 -5.17 -20.22
N GLU B 50 30.17 -5.12 -19.53
CA GLU B 50 30.17 -4.64 -18.15
C GLU B 50 30.29 -3.13 -18.19
N MET B 51 29.29 -2.45 -17.64
CA MET B 51 29.23 -1.00 -17.68
C MET B 51 29.47 -0.42 -16.30
N SER B 52 29.80 0.86 -16.27
CA SER B 52 30.20 1.54 -15.06
C SER B 52 29.05 2.39 -14.54
N ASP B 53 29.35 3.27 -13.59
CA ASP B 53 28.30 4.03 -12.90
C ASP B 53 27.61 5.03 -13.83
N MET B 54 26.28 4.96 -13.85
CA MET B 54 25.45 5.86 -14.62
C MET B 54 25.37 7.20 -13.87
N SER B 55 26.45 7.97 -13.94
CA SER B 55 26.49 9.25 -13.25
C SER B 55 26.11 10.36 -14.23
N PHE B 56 26.05 11.59 -13.71
CA PHE B 56 25.66 12.75 -14.51
C PHE B 56 26.56 13.92 -14.17
N SER B 57 26.63 14.85 -15.11
CA SER B 57 27.49 16.03 -14.98
C SER B 57 26.72 17.21 -14.42
N LYS B 58 27.36 18.38 -14.41
CA LYS B 58 26.72 19.58 -13.87
C LYS B 58 25.56 20.03 -14.72
N ASP B 59 25.57 19.74 -16.02
CA ASP B 59 24.47 20.07 -16.91
C ASP B 59 23.27 19.14 -16.73
N TRP B 60 23.33 18.21 -15.78
CA TRP B 60 22.31 17.23 -15.42
C TRP B 60 22.16 16.11 -16.44
N SER B 61 22.93 16.10 -17.53
CA SER B 61 22.90 15.00 -18.47
C SER B 61 23.78 13.85 -17.97
N PHE B 62 23.34 12.62 -18.25
CA PHE B 62 24.00 11.44 -17.72
C PHE B 62 25.12 10.97 -18.65
N TYR B 63 26.06 10.22 -18.08
CA TYR B 63 27.13 9.60 -18.85
C TYR B 63 27.38 8.19 -18.31
N ILE B 64 28.05 7.37 -19.11
CA ILE B 64 28.31 5.99 -18.75
C ILE B 64 29.43 5.46 -19.64
N LEU B 65 30.09 4.39 -19.18
CA LEU B 65 31.21 3.77 -19.87
C LEU B 65 31.00 2.26 -19.82
N ALA B 66 31.01 1.62 -20.99
CA ALA B 66 30.76 0.19 -21.11
C ALA B 66 31.93 -0.46 -21.83
N HIS B 67 32.66 -1.32 -21.15
CA HIS B 67 33.88 -1.91 -21.69
C HIS B 67 33.75 -3.43 -21.80
N THR B 68 34.61 -4.01 -22.62
CA THR B 68 34.67 -5.46 -22.81
C THR B 68 36.05 -5.87 -23.29
N GLU B 69 36.43 -7.10 -22.95
CA GLU B 69 37.69 -7.68 -23.41
C GLU B 69 37.55 -8.12 -24.86
N PHE B 70 38.59 -7.86 -25.65
CA PHE B 70 38.61 -8.28 -27.05
C PHE B 70 40.06 -8.38 -27.50
N THR B 71 40.25 -8.82 -28.74
CA THR B 71 41.56 -8.92 -29.35
C THR B 71 41.46 -8.33 -30.76
N PRO B 72 42.14 -7.22 -31.04
CA PRO B 72 41.96 -6.57 -32.35
C PRO B 72 42.63 -7.36 -33.45
N THR B 73 41.86 -7.73 -34.47
CA THR B 73 42.40 -8.30 -35.69
C THR B 73 42.01 -7.45 -36.89
N GLU B 74 42.74 -7.61 -37.99
CA GLU B 74 42.45 -6.90 -39.23
C GLU B 74 41.22 -7.42 -39.97
N THR B 75 40.61 -8.50 -39.48
CA THR B 75 39.43 -9.07 -40.10
C THR B 75 38.17 -8.82 -39.30
N ASP B 76 38.30 -8.67 -37.98
CA ASP B 76 37.16 -8.40 -37.11
C ASP B 76 36.85 -6.91 -37.06
N THR B 77 35.58 -6.58 -37.23
CA THR B 77 35.07 -5.22 -37.09
C THR B 77 34.31 -5.15 -35.77
N TYR B 78 34.55 -4.11 -34.99
CA TYR B 78 33.89 -3.92 -33.70
C TYR B 78 33.17 -2.59 -33.68
N ALA B 79 32.00 -2.58 -33.03
CA ALA B 79 31.17 -1.39 -33.00
C ALA B 79 30.39 -1.35 -31.69
N CYS B 80 29.74 -0.21 -31.48
CA CYS B 80 28.88 0.04 -30.32
C CYS B 80 27.55 0.55 -30.81
N ARG B 81 26.47 -0.13 -30.43
CA ARG B 81 25.12 0.27 -30.77
C ARG B 81 24.46 0.83 -29.52
N VAL B 82 23.88 2.01 -29.63
CA VAL B 82 23.18 2.65 -28.53
C VAL B 82 21.73 2.84 -28.95
N LYS B 83 20.83 2.49 -28.02
CA LYS B 83 19.36 2.63 -28.17
C LYS B 83 18.87 3.51 -27.02
N HIS B 84 18.37 4.71 -27.34
CA HIS B 84 17.97 5.64 -26.30
C HIS B 84 16.46 5.86 -26.29
N ALA B 85 15.97 6.98 -26.79
CA ALA B 85 14.58 7.40 -26.78
C ALA B 85 14.50 8.61 -27.68
N SER B 86 15.59 9.39 -27.67
CA SER B 86 15.67 10.62 -28.46
C SER B 86 15.98 10.36 -29.93
N MET B 87 16.65 9.26 -30.25
CA MET B 87 16.97 8.91 -31.64
C MET B 87 15.92 7.93 -32.15
N ALA B 88 15.24 8.32 -33.23
CA ALA B 88 14.26 7.44 -33.85
C ALA B 88 14.85 6.09 -34.23
N GLU B 89 16.14 6.05 -34.56
CA GLU B 89 16.77 4.79 -34.94
C GLU B 89 18.08 4.62 -34.17
N PRO B 90 18.39 3.39 -33.75
CA PRO B 90 19.57 3.19 -32.90
C PRO B 90 20.86 3.56 -33.62
N LYS B 91 21.77 4.17 -32.87
CA LYS B 91 23.01 4.67 -33.45
C LYS B 91 24.11 3.63 -33.31
N THR B 92 24.70 3.23 -34.44
CA THR B 92 25.81 2.30 -34.45
C THR B 92 27.06 3.06 -34.85
N VAL B 93 28.13 2.87 -34.07
CA VAL B 93 29.40 3.55 -34.30
C VAL B 93 30.49 2.50 -34.28
N TYR B 94 31.26 2.43 -35.37
CA TYR B 94 32.28 1.41 -35.51
C TYR B 94 33.60 1.87 -34.88
N TRP B 95 34.30 0.93 -34.25
CA TRP B 95 35.62 1.23 -33.71
C TRP B 95 36.61 1.49 -34.84
N ASP B 96 37.55 2.39 -34.57
CA ASP B 96 38.53 2.78 -35.59
C ASP B 96 39.80 3.22 -34.88
N ARG B 97 40.90 2.51 -35.10
CA ARG B 97 42.14 2.95 -34.43
C ARG B 97 42.54 4.27 -35.06
N ASP B 98 42.03 5.39 -34.52
CA ASP B 98 42.36 6.74 -35.06
C ASP B 98 43.88 6.91 -35.10
N GLN C 1 -16.72 15.78 34.94
CA GLN C 1 -15.34 16.20 35.23
C GLN C 1 -14.34 15.53 34.31
N VAL C 2 -14.44 14.20 34.20
CA VAL C 2 -13.55 13.33 33.41
C VAL C 2 -12.10 13.77 33.58
N THR C 3 -11.61 13.72 34.82
CA THR C 3 -10.25 14.08 35.16
C THR C 3 -9.38 12.83 35.30
N LEU C 4 -8.15 12.92 34.81
CA LEU C 4 -7.16 11.86 34.95
C LEU C 4 -6.01 12.36 35.81
N LYS C 5 -5.53 11.53 36.73
CA LYS C 5 -4.49 11.91 37.66
C LYS C 5 -3.41 10.84 37.67
N GLU C 6 -2.17 11.26 37.49
CA GLU C 6 -1.02 10.38 37.55
C GLU C 6 -0.42 10.37 38.96
N SER C 7 0.09 9.22 39.37
CA SER C 7 0.75 9.10 40.66
C SER C 7 1.96 8.18 40.54
N GLY C 8 3.09 8.63 41.08
CA GLY C 8 4.30 7.86 41.03
C GLY C 8 5.46 8.51 41.76
N PRO C 9 6.38 7.68 42.26
CA PRO C 9 7.53 8.21 43.02
C PRO C 9 8.65 8.65 42.09
N GLY C 10 9.08 9.90 42.25
CA GLY C 10 10.26 10.36 41.55
C GLY C 10 11.55 9.93 42.24
N MET C 11 12.65 10.00 41.48
CA MET C 11 13.98 9.65 41.98
C MET C 11 14.03 8.21 42.47
N LEU C 12 14.22 7.27 41.56
CA LEU C 12 14.39 5.86 41.89
C LEU C 12 15.79 5.44 41.46
N GLN C 13 16.40 4.56 42.24
CA GLN C 13 17.70 4.03 41.87
C GLN C 13 17.54 2.86 40.91
N PRO C 14 18.53 2.60 40.05
CA PRO C 14 18.41 1.54 39.06
C PRO C 14 18.18 0.18 39.72
N SER C 15 17.63 -0.74 38.92
CA SER C 15 17.37 -2.12 39.33
C SER C 15 16.38 -2.21 40.50
N LYS C 16 15.24 -1.56 40.31
CA LYS C 16 14.17 -1.60 41.31
C LYS C 16 12.86 -1.99 40.62
N THR C 17 11.74 -1.71 41.30
CA THR C 17 10.41 -1.95 40.77
C THR C 17 9.66 -0.63 40.85
N LEU C 18 9.31 -0.07 39.69
CA LEU C 18 8.60 1.20 39.63
C LEU C 18 7.11 0.93 39.55
N SER C 19 6.34 1.63 40.38
CA SER C 19 4.90 1.41 40.50
C SER C 19 4.19 2.75 40.31
N LEU C 20 3.49 2.89 39.17
CA LEU C 20 2.68 4.06 38.91
C LEU C 20 1.22 3.70 39.13
N THR C 21 0.43 4.69 39.56
CA THR C 21 -1.01 4.51 39.71
C THR C 21 -1.71 5.66 38.99
N CYS C 22 -2.85 5.35 38.37
CA CYS C 22 -3.64 6.32 37.66
C CYS C 22 -5.05 6.31 38.24
N SER C 23 -5.47 7.47 38.77
CA SER C 23 -6.76 7.62 39.43
C SER C 23 -7.60 8.60 38.61
N PHE C 24 -8.79 8.18 38.22
CA PHE C 24 -9.62 8.97 37.33
C PHE C 24 -11.02 9.16 37.91
N SER C 25 -11.62 10.29 37.55
CA SER C 25 -13.00 10.60 37.92
C SER C 25 -13.72 11.05 36.66
N GLY C 26 -15.06 11.04 36.71
CA GLY C 26 -15.89 11.47 35.61
C GLY C 26 -16.47 10.35 34.78
N PHE C 27 -15.78 9.21 34.69
CA PHE C 27 -16.31 8.05 33.99
C PHE C 27 -16.12 6.84 34.88
N SER C 28 -16.67 5.71 34.46
CA SER C 28 -16.57 4.48 35.21
C SER C 28 -15.96 3.45 34.29
N LEU C 29 -14.92 2.78 34.78
CA LEU C 29 -14.25 1.75 34.00
C LEU C 29 -15.09 0.47 33.99
N SER C 30 -15.52 0.05 35.19
CA SER C 30 -16.37 -1.09 35.46
C SER C 30 -16.92 -1.82 34.23
N THR C 31 -18.01 -1.31 33.66
CA THR C 31 -18.60 -1.93 32.48
C THR C 31 -18.76 -0.96 31.31
N SER C 32 -17.77 -0.12 31.06
CA SER C 32 -17.83 0.81 29.95
C SER C 32 -16.67 0.48 29.03
N GLY C 33 -16.95 0.44 27.74
CA GLY C 33 -16.02 -0.02 26.73
C GLY C 33 -14.82 0.88 26.53
N LEU C 34 -14.09 1.16 27.60
CA LEU C 34 -12.96 2.08 27.57
C LEU C 34 -11.66 1.38 27.94
N VAL C 35 -10.54 1.96 27.50
CA VAL C 35 -9.21 1.43 27.78
C VAL C 35 -8.31 2.59 28.24
N VAL C 36 -7.38 2.28 29.14
CA VAL C 36 -6.45 3.25 29.70
C VAL C 36 -5.04 2.79 29.34
N ASN C 37 -4.24 3.72 28.80
CA ASN C 37 -2.92 3.39 28.30
C ASN C 37 -1.86 4.19 29.03
N TRP C 38 -0.77 3.52 29.38
CA TRP C 38 0.40 4.17 29.95
C TRP C 38 1.35 4.53 28.83
N ILE C 39 1.75 5.81 28.80
CA ILE C 39 2.66 6.37 27.82
C ILE C 39 3.77 7.08 28.58
N ARG C 40 4.99 7.02 28.07
CA ARG C 40 6.10 7.75 28.67
C ARG C 40 6.79 8.60 27.63
N GLN C 41 7.37 9.70 28.08
CA GLN C 41 8.13 10.61 27.22
C GLN C 41 9.39 11.04 27.94
N PRO C 42 10.57 10.65 27.45
CA PRO C 42 11.80 11.25 27.97
C PRO C 42 11.93 12.66 27.40
N SER C 43 12.13 13.64 28.29
CA SER C 43 12.11 15.04 27.90
C SER C 43 13.16 15.31 26.82
N GLY C 44 12.72 15.96 25.74
CA GLY C 44 13.56 16.23 24.60
C GLY C 44 13.54 15.17 23.52
N LYS C 45 12.68 14.16 23.66
CA LYS C 45 12.55 13.11 22.65
C LYS C 45 11.07 12.94 22.37
N SER C 46 10.71 11.82 21.75
CA SER C 46 9.35 11.55 21.30
C SER C 46 8.58 10.73 22.32
N LEU C 47 7.25 10.78 22.20
CA LEU C 47 6.38 9.98 23.06
C LEU C 47 6.46 8.51 22.65
N GLU C 48 6.42 7.64 23.65
CA GLU C 48 6.45 6.19 23.44
C GLU C 48 5.24 5.55 24.09
N TRP C 49 4.59 4.63 23.37
CA TRP C 49 3.50 3.87 23.96
C TRP C 49 4.07 2.70 24.75
N LEU C 50 3.68 2.59 26.01
CA LEU C 50 4.20 1.56 26.90
C LEU C 50 3.21 0.41 27.09
N ALA C 51 2.04 0.67 27.68
CA ALA C 51 1.12 -0.42 27.95
C ALA C 51 -0.32 0.04 27.86
N ALA C 52 -1.25 -0.91 28.00
CA ALA C 52 -2.66 -0.58 27.94
C ALA C 52 -3.50 -1.66 28.61
N ILE C 53 -4.63 -1.24 29.18
CA ILE C 53 -5.54 -2.14 29.87
C ILE C 53 -6.99 -1.67 29.68
N ASP C 54 -7.81 -2.50 29.07
CA ASP C 54 -9.25 -2.24 28.95
C ASP C 54 -10.01 -2.87 30.12
N TRP C 55 -11.31 -2.55 30.18
CA TRP C 55 -12.18 -3.03 31.25
C TRP C 55 -12.31 -4.55 31.27
N ASP C 56 -12.09 -5.22 30.13
CA ASP C 56 -12.11 -6.68 30.09
C ASP C 56 -11.17 -7.26 31.14
N GLY C 57 -9.96 -6.71 31.21
CA GLY C 57 -8.87 -7.29 31.96
C GLY C 57 -7.72 -7.67 31.07
N ASP C 58 -7.96 -7.69 29.77
CA ASP C 58 -6.92 -7.95 28.78
C ASP C 58 -5.87 -6.86 28.82
N GLU C 59 -4.61 -7.27 28.87
CA GLU C 59 -3.48 -6.34 29.00
C GLU C 59 -2.64 -6.39 27.72
N TYR C 60 -2.15 -5.22 27.24
CA TYR C 60 -1.31 -5.12 26.06
C TYR C 60 -0.02 -4.41 26.43
N TYR C 61 1.09 -4.88 25.85
CA TYR C 61 2.41 -4.34 26.16
C TYR C 61 3.19 -4.09 24.86
N ASN C 62 4.18 -3.20 24.95
CA ASN C 62 5.11 -2.96 23.85
C ASN C 62 6.33 -3.83 24.09
N PRO C 63 6.58 -4.85 23.25
CA PRO C 63 7.67 -5.80 23.53
C PRO C 63 9.09 -5.25 23.51
N SER C 64 9.33 -4.01 23.10
CA SER C 64 10.71 -3.55 23.05
C SER C 64 11.38 -3.68 24.42
N PRO C 65 10.90 -3.04 25.52
CA PRO C 65 11.19 -3.63 26.83
C PRO C 65 10.25 -4.80 27.07
N LYS C 66 10.72 -6.02 26.85
CA LYS C 66 9.85 -7.19 26.78
C LYS C 66 9.02 -7.44 28.04
N SER C 67 9.54 -8.28 28.93
CA SER C 67 8.83 -8.68 30.14
C SER C 67 8.45 -7.48 31.00
N ARG C 68 9.45 -6.84 31.60
CA ARG C 68 9.39 -5.72 32.53
C ARG C 68 8.01 -5.19 32.89
N LEU C 69 7.21 -4.79 31.91
CA LEU C 69 5.97 -4.08 32.19
C LEU C 69 4.81 -5.02 32.43
N THR C 70 3.99 -4.66 33.41
CA THR C 70 2.72 -5.34 33.68
C THR C 70 1.74 -4.32 34.23
N VAL C 71 0.66 -4.10 33.50
CA VAL C 71 -0.35 -3.11 33.89
C VAL C 71 -1.62 -3.86 34.26
N SER C 72 -2.29 -3.41 35.31
CA SER C 72 -3.45 -4.12 35.80
C SER C 72 -4.37 -3.16 36.55
N LYS C 73 -5.66 -3.45 36.47
CA LYS C 73 -6.67 -2.78 37.26
C LYS C 73 -7.08 -3.69 38.40
N ASP C 74 -7.77 -3.12 39.39
CA ASP C 74 -8.21 -3.91 40.53
C ASP C 74 -9.56 -3.40 40.99
N THR C 75 -10.60 -4.22 40.79
CA THR C 75 -11.97 -4.04 41.26
C THR C 75 -12.37 -2.57 41.40
N SER C 76 -12.95 -2.22 42.55
CA SER C 76 -13.42 -0.89 42.94
C SER C 76 -13.33 0.20 41.87
N ASN C 77 -14.03 0.00 40.76
CA ASN C 77 -14.16 0.98 39.69
C ASN C 77 -12.85 1.53 39.16
N THR C 78 -12.30 2.54 39.84
CA THR C 78 -11.17 3.31 39.34
C THR C 78 -9.84 2.71 39.78
N GLN C 79 -8.77 3.49 39.58
CA GLN C 79 -7.38 3.16 39.89
C GLN C 79 -6.85 2.03 39.03
N VAL C 80 -5.77 2.32 38.29
CA VAL C 80 -5.10 1.33 37.44
C VAL C 80 -3.60 1.52 37.59
N PHE C 81 -2.88 0.43 37.86
CA PHE C 81 -1.47 0.50 38.19
C PHE C 81 -0.61 -0.12 37.10
N LEU C 82 0.60 0.41 36.98
CA LEU C 82 1.61 -0.11 36.07
C LEU C 82 2.86 -0.43 36.88
N LYS C 83 3.46 -1.58 36.59
CA LYS C 83 4.65 -2.04 37.29
C LYS C 83 5.75 -2.29 36.25
N ILE C 84 6.89 -1.66 36.46
CA ILE C 84 8.07 -1.87 35.62
C ILE C 84 9.13 -2.51 36.51
N THR C 85 9.48 -3.76 36.21
CA THR C 85 10.47 -4.47 36.99
C THR C 85 11.85 -4.22 36.42
N SER C 86 12.85 -4.15 37.31
CA SER C 86 14.23 -3.87 36.93
C SER C 86 14.33 -2.52 36.21
N VAL C 87 14.09 -1.46 36.97
CA VAL C 87 14.12 -0.12 36.41
C VAL C 87 15.54 0.24 36.01
N ASP C 88 15.67 0.97 34.91
CA ASP C 88 16.97 1.29 34.34
C ASP C 88 17.13 2.80 34.20
N THR C 89 18.39 3.22 34.01
CA THR C 89 18.69 4.64 33.84
C THR C 89 18.08 5.22 32.57
N VAL C 90 17.75 4.38 31.59
CA VAL C 90 17.13 4.86 30.35
C VAL C 90 15.65 5.15 30.49
N ASP C 91 15.01 4.70 31.57
CA ASP C 91 13.58 4.86 31.76
C ASP C 91 13.19 6.17 32.43
N THR C 92 14.14 7.09 32.62
CA THR C 92 13.82 8.39 33.19
C THR C 92 12.98 9.19 32.19
N ALA C 93 11.80 9.60 32.62
CA ALA C 93 10.84 10.24 31.71
C ALA C 93 9.67 10.78 32.52
N THR C 94 8.76 11.47 31.83
CA THR C 94 7.48 11.87 32.39
C THR C 94 6.39 10.94 31.83
N TYR C 95 5.53 10.45 32.71
CA TYR C 95 4.59 9.40 32.40
C TYR C 95 3.16 9.93 32.46
N TYR C 96 2.37 9.60 31.44
CA TYR C 96 0.95 9.90 31.41
C TYR C 96 0.15 8.61 31.33
N CYS C 97 -1.10 8.69 31.78
CA CYS C 97 -2.10 7.69 31.51
C CYS C 97 -3.21 8.38 30.74
N ALA C 98 -3.61 7.79 29.63
CA ALA C 98 -4.58 8.41 28.73
C ALA C 98 -5.73 7.47 28.45
N ARG C 99 -6.88 8.04 28.15
CA ARG C 99 -8.08 7.28 27.86
C ARG C 99 -8.32 7.18 26.37
N SER C 100 -8.74 5.99 25.93
CA SER C 100 -9.24 5.80 24.58
C SER C 100 -10.43 4.84 24.66
N ARG C 101 -11.19 4.75 23.58
CA ARG C 101 -12.38 3.93 23.54
C ARG C 101 -12.17 2.71 22.65
N ARG C 102 -12.70 1.57 23.08
CA ARG C 102 -12.58 0.32 22.35
C ARG C 102 -13.65 0.26 21.26
N TYR C 103 -13.20 0.20 20.01
CA TYR C 103 -14.09 0.11 18.85
C TYR C 103 -13.87 -1.22 18.13
N GLY C 104 -14.73 -2.19 18.42
CA GLY C 104 -14.60 -3.52 17.87
C GLY C 104 -13.34 -4.18 18.38
N ARG C 105 -12.30 -4.25 17.55
CA ARG C 105 -11.03 -4.80 17.98
C ARG C 105 -9.87 -3.81 17.91
N TYR C 106 -10.09 -2.61 17.38
CA TYR C 106 -8.98 -1.70 17.07
C TYR C 106 -8.73 -0.67 18.16
N SER C 107 -9.53 0.40 18.18
CA SER C 107 -9.46 1.46 19.18
C SER C 107 -8.20 2.30 19.01
N GLY C 108 -8.15 3.46 19.63
CA GLY C 108 -7.01 4.33 19.49
C GLY C 108 -7.41 5.78 19.71
N ALA C 109 -6.45 6.67 19.42
CA ALA C 109 -6.57 8.11 19.59
C ALA C 109 -6.96 8.42 21.03
N PHE C 110 -6.05 9.02 21.77
CA PHE C 110 -6.19 9.12 23.21
C PHE C 110 -6.99 10.37 23.55
N ASP C 111 -8.20 10.15 24.07
CA ASP C 111 -9.17 11.22 24.31
C ASP C 111 -8.65 12.23 25.31
N TYR C 112 -8.45 11.79 26.56
CA TYR C 112 -8.00 12.67 27.63
C TYR C 112 -6.64 12.19 28.14
N TRP C 113 -5.78 13.15 28.45
CA TRP C 113 -4.48 12.88 29.03
C TRP C 113 -4.43 13.42 30.45
N GLY C 114 -3.65 12.75 31.29
CA GLY C 114 -3.41 13.24 32.63
C GLY C 114 -2.47 14.42 32.62
N LEU C 115 -1.99 14.76 33.82
CA LEU C 115 -1.05 15.87 33.96
C LEU C 115 0.40 15.42 33.78
N GLY C 116 0.71 14.19 34.18
CA GLY C 116 2.06 13.66 34.00
C GLY C 116 2.81 13.60 35.33
N VAL C 117 3.54 12.50 35.53
CA VAL C 117 4.38 12.31 36.70
C VAL C 117 5.82 12.13 36.23
N MET C 118 6.73 12.95 36.77
CA MET C 118 8.13 12.92 36.37
C MET C 118 8.89 11.94 37.27
N VAL C 119 9.48 10.91 36.66
CA VAL C 119 10.32 9.96 37.38
C VAL C 119 11.70 9.93 36.71
N THR C 120 12.74 9.85 37.53
CA THR C 120 14.12 9.85 37.06
C THR C 120 14.92 8.78 37.77
N VAL C 121 15.77 8.09 37.01
CA VAL C 121 16.53 6.94 37.51
C VAL C 121 18.02 7.24 37.41
N SER C 122 18.72 7.15 38.54
CA SER C 122 20.16 7.37 38.57
C SER C 122 20.73 6.77 39.85
N SER C 123 21.94 6.20 39.73
CA SER C 123 22.64 5.58 40.84
C SER C 123 23.27 6.58 41.78
N ALA C 124 23.34 7.85 41.39
CA ALA C 124 24.05 8.86 42.16
C ALA C 124 23.37 9.15 43.50
N GLU C 125 24.20 9.48 44.49
CA GLU C 125 23.76 9.95 45.78
C GLU C 125 23.94 11.46 45.88
N THR C 126 23.33 12.06 46.89
CA THR C 126 23.33 13.52 47.00
C THR C 126 24.75 14.05 47.19
N THR C 127 25.12 15.03 46.38
CA THR C 127 26.43 15.67 46.44
C THR C 127 26.25 17.17 46.62
N ALA C 128 27.36 17.84 46.92
CA ALA C 128 27.31 19.28 47.10
C ALA C 128 27.71 19.98 45.82
N PRO C 129 27.03 21.07 45.46
CA PRO C 129 27.38 21.74 44.20
C PRO C 129 28.75 22.38 44.34
N SER C 130 29.60 22.11 43.36
CA SER C 130 30.92 22.75 43.31
C SER C 130 30.81 23.91 42.34
N VAL C 131 31.00 25.11 42.85
CA VAL C 131 30.74 26.33 42.09
C VAL C 131 32.08 27.00 41.79
N TYR C 132 32.19 27.52 40.57
CA TYR C 132 33.37 28.19 40.10
C TYR C 132 32.98 29.48 39.39
N PRO C 133 33.77 30.53 39.55
CA PRO C 133 33.46 31.80 38.89
C PRO C 133 33.91 31.81 37.44
N LEU C 134 33.34 32.74 36.68
CA LEU C 134 33.67 32.92 35.27
C LEU C 134 33.81 34.41 35.02
N ALA C 135 35.06 34.88 35.02
CA ALA C 135 35.46 36.27 34.83
C ALA C 135 35.91 36.50 33.39
N PRO C 136 35.86 37.75 32.91
CA PRO C 136 36.33 38.03 31.55
C PRO C 136 37.81 37.69 31.41
N GLY C 137 38.29 37.77 30.17
CA GLY C 137 39.70 37.48 29.93
C GLY C 137 40.59 38.49 30.62
N THR C 138 41.70 37.99 31.18
CA THR C 138 42.62 38.87 31.89
C THR C 138 43.31 39.84 30.95
N ALA C 139 43.47 39.46 29.67
CA ALA C 139 44.01 40.38 28.68
C ALA C 139 42.93 40.72 27.67
N LEU C 140 41.75 41.07 28.18
CA LEU C 140 40.57 41.44 27.42
C LEU C 140 40.23 42.90 27.66
N LYS C 141 39.52 43.49 26.71
CA LYS C 141 39.13 44.89 26.84
C LYS C 141 37.94 45.04 27.78
N SER C 142 37.70 46.28 28.22
CA SER C 142 36.58 46.65 29.07
C SER C 142 35.92 47.81 28.35
N ASN C 143 34.97 47.48 27.46
CA ASN C 143 34.38 48.49 26.59
C ASN C 143 33.30 49.30 27.31
N SER C 144 32.16 48.68 27.59
CA SER C 144 31.07 49.39 28.26
C SER C 144 30.20 48.41 29.03
N MET C 145 29.95 47.23 28.48
CA MET C 145 29.13 46.22 29.13
C MET C 145 29.82 44.87 29.04
N VAL C 146 29.71 44.09 30.11
CA VAL C 146 30.37 42.79 30.23
C VAL C 146 29.38 41.77 30.78
N THR C 147 29.76 40.50 30.65
CA THR C 147 28.97 39.37 31.12
C THR C 147 29.81 38.55 32.09
N LEU C 148 29.24 38.22 33.24
CA LEU C 148 29.88 37.41 34.26
C LEU C 148 29.16 36.08 34.38
N GLY C 149 29.89 35.02 34.72
CA GLY C 149 29.34 33.70 34.73
C GLY C 149 29.57 32.96 36.03
N CYS C 150 28.77 31.93 36.23
CA CYS C 150 28.81 31.12 37.44
C CYS C 150 28.53 29.68 37.06
N LEU C 151 29.51 28.80 37.26
CA LEU C 151 29.40 27.40 36.87
C LEU C 151 29.12 26.57 38.12
N VAL C 152 28.03 25.80 38.09
CA VAL C 152 27.67 24.93 39.19
C VAL C 152 27.77 23.50 38.66
N LYS C 153 28.81 22.78 39.07
CA LYS C 153 29.09 21.46 38.55
C LYS C 153 29.09 20.44 39.69
N GLY C 154 28.63 19.23 39.40
CA GLY C 154 28.76 18.15 40.34
C GLY C 154 27.74 18.18 41.46
N TYR C 155 26.48 18.45 41.14
CA TYR C 155 25.41 18.48 42.13
C TYR C 155 24.31 17.51 41.72
N PHE C 156 23.68 16.91 42.72
CA PHE C 156 22.63 15.92 42.50
C PHE C 156 21.77 15.86 43.74
N PRO C 157 20.45 15.59 43.59
CA PRO C 157 19.60 15.66 42.40
C PRO C 157 19.09 17.07 42.09
N GLU C 158 18.58 17.30 40.87
CA GLU C 158 18.00 18.59 40.52
C GLU C 158 16.88 18.92 41.50
N PRO C 159 16.49 20.20 41.64
CA PRO C 159 17.03 21.43 41.04
C PRO C 159 17.92 22.26 41.95
N VAL C 160 18.41 23.38 41.39
CA VAL C 160 19.13 24.40 42.13
C VAL C 160 18.62 25.75 41.66
N THR C 161 18.84 26.76 42.49
CA THR C 161 18.43 28.12 42.16
C THR C 161 19.67 29.02 42.14
N VAL C 162 19.66 30.00 41.26
CA VAL C 162 20.76 30.94 41.12
C VAL C 162 20.21 32.35 41.17
N THR C 163 20.76 33.17 42.05
CA THR C 163 20.48 34.59 42.11
C THR C 163 21.79 35.36 42.05
N TRP C 164 21.69 36.66 41.85
CA TRP C 164 22.86 37.52 41.75
C TRP C 164 22.68 38.69 42.71
N ASN C 165 23.66 38.88 43.60
CA ASN C 165 23.60 39.89 44.65
C ASN C 165 22.36 39.70 45.52
N SER C 166 22.19 38.48 46.01
CA SER C 166 21.06 38.12 46.88
C SER C 166 19.72 38.43 46.23
N GLY C 167 19.63 38.19 44.92
CA GLY C 167 18.41 38.43 44.19
C GLY C 167 18.17 39.86 43.74
N ALA C 168 19.05 40.80 44.11
CA ALA C 168 18.85 42.19 43.70
C ALA C 168 18.97 42.35 42.19
N LEU C 169 20.06 41.87 41.60
CA LEU C 169 20.24 41.95 40.16
C LEU C 169 19.34 40.93 39.47
N SER C 170 18.40 41.41 38.66
CA SER C 170 17.49 40.54 37.93
C SER C 170 17.37 40.88 36.46
N SER C 171 18.07 41.91 35.99
CA SER C 171 18.01 42.33 34.60
C SER C 171 19.22 41.75 33.86
N GLY C 172 18.94 40.94 32.84
CA GLY C 172 20.00 40.36 32.03
C GLY C 172 20.56 39.04 32.53
N VAL C 173 19.81 38.30 33.35
CA VAL C 173 20.28 37.02 33.85
C VAL C 173 19.72 35.90 32.99
N HIS C 174 20.50 34.83 32.85
CA HIS C 174 20.11 33.67 32.04
C HIS C 174 20.76 32.44 32.66
N THR C 175 19.94 31.55 33.22
CA THR C 175 20.45 30.30 33.79
C THR C 175 20.20 29.17 32.79
N PHE C 176 21.29 28.54 32.33
CA PHE C 176 21.18 27.51 31.32
C PHE C 176 20.76 26.19 31.95
N PRO C 177 20.16 25.29 31.17
CA PRO C 177 19.77 23.98 31.72
C PRO C 177 20.98 23.10 31.93
N ALA C 178 20.87 22.23 32.94
CA ALA C 178 21.95 21.36 33.35
C ALA C 178 22.13 20.20 32.40
N VAL C 179 23.35 19.64 32.42
CA VAL C 179 23.71 18.45 31.66
C VAL C 179 24.22 17.42 32.67
N LEU C 180 23.92 16.15 32.39
CA LEU C 180 24.25 15.04 33.28
C LEU C 180 25.65 14.52 32.96
N GLN C 181 26.64 15.08 33.64
CA GLN C 181 28.04 14.66 33.47
C GLN C 181 28.28 13.46 34.38
N SER C 182 28.30 12.27 33.77
CA SER C 182 28.63 11.02 34.45
C SER C 182 27.85 10.83 35.76
N GLY C 183 26.60 11.30 35.77
CA GLY C 183 25.71 11.11 36.90
C GLY C 183 25.42 12.37 37.69
N LEU C 184 26.26 13.39 37.60
CA LEU C 184 26.09 14.62 38.38
C LEU C 184 25.70 15.75 37.46
N TYR C 185 24.80 16.62 37.92
CA TYR C 185 24.35 17.69 37.06
C TYR C 185 25.38 18.83 37.05
N THR C 186 25.42 19.56 35.94
CA THR C 186 26.30 20.72 35.83
C THR C 186 25.60 21.74 34.94
N LEU C 187 25.65 23.00 35.34
CA LEU C 187 25.01 24.06 34.58
C LEU C 187 25.78 25.37 34.75
N THR C 188 25.31 26.39 34.03
CA THR C 188 25.93 27.70 34.03
C THR C 188 24.85 28.76 34.20
N SER C 189 25.27 29.92 34.72
CA SER C 189 24.37 31.07 34.86
C SER C 189 25.13 32.34 34.51
N SER C 190 24.59 33.11 33.57
CA SER C 190 25.23 34.32 33.08
C SER C 190 24.43 35.55 33.52
N VAL C 191 25.15 36.66 33.69
CA VAL C 191 24.55 37.94 34.06
C VAL C 191 25.26 39.05 33.27
N THR C 192 24.47 39.98 32.74
CA THR C 192 25.00 41.12 31.99
C THR C 192 24.97 42.38 32.84
N VAL C 193 26.04 43.19 32.74
CA VAL C 193 26.14 44.39 33.57
C VAL C 193 27.02 45.43 32.89
N PRO C 194 26.67 46.71 32.95
CA PRO C 194 27.56 47.73 32.38
C PRO C 194 28.84 47.88 33.19
N SER C 195 29.92 48.23 32.49
CA SER C 195 31.23 48.41 33.11
C SER C 195 31.31 49.59 34.07
N SER C 196 30.24 50.37 34.21
CA SER C 196 30.26 51.45 35.20
C SER C 196 30.16 50.89 36.62
N THR C 197 29.37 49.82 36.79
CA THR C 197 29.20 49.22 38.11
C THR C 197 30.31 48.22 38.44
N TRP C 198 30.90 47.58 37.42
CA TRP C 198 31.98 46.62 37.64
C TRP C 198 33.32 47.28 37.38
N SER C 199 34.22 47.19 38.36
CA SER C 199 33.99 46.51 39.62
C SER C 199 33.79 47.50 40.75
N SER C 200 33.10 48.61 40.46
CA SER C 200 32.79 49.59 41.50
C SER C 200 31.79 49.07 42.51
N GLN C 201 31.12 47.96 42.20
CA GLN C 201 30.19 47.32 43.11
C GLN C 201 30.57 45.84 43.23
N ALA C 202 29.80 45.10 44.00
CA ALA C 202 30.05 43.68 44.23
C ALA C 202 28.99 42.84 43.53
N VAL C 203 29.41 41.99 42.60
CA VAL C 203 28.51 41.07 41.92
C VAL C 203 28.72 39.70 42.53
N THR C 204 27.76 39.24 43.33
CA THR C 204 27.87 37.96 44.01
C THR C 204 26.96 36.96 43.32
N CYS C 205 27.42 35.73 43.17
CA CYS C 205 26.63 34.65 42.62
C CYS C 205 26.18 33.77 43.78
N ASN C 206 24.88 33.74 44.04
CA ASN C 206 24.30 32.99 45.14
C ASN C 206 23.58 31.76 44.58
N VAL C 207 24.19 30.60 44.77
CA VAL C 207 23.59 29.34 44.36
C VAL C 207 22.97 28.69 45.59
N ALA C 208 21.83 28.06 45.41
CA ALA C 208 21.10 27.41 46.50
C ALA C 208 20.66 26.02 46.06
N HIS C 209 21.02 25.02 46.85
CA HIS C 209 20.67 23.63 46.60
C HIS C 209 19.88 23.09 47.78
N PRO C 210 18.57 22.89 47.64
CA PRO C 210 17.78 22.44 48.79
C PRO C 210 18.04 20.98 49.13
N ALA C 211 18.33 20.14 48.14
CA ALA C 211 18.50 18.72 48.41
C ALA C 211 19.71 18.46 49.29
N SER C 212 20.78 19.21 49.11
CA SER C 212 21.93 19.12 50.00
C SER C 212 21.88 20.16 51.11
N SER C 213 20.86 21.03 51.11
CA SER C 213 20.68 22.06 52.12
C SER C 213 21.91 22.97 52.21
N THR C 214 22.32 23.48 51.05
CA THR C 214 23.52 24.29 50.95
C THR C 214 23.22 25.60 50.23
N LYS C 215 23.89 26.66 50.66
CA LYS C 215 23.90 27.93 49.95
C LYS C 215 25.36 28.34 49.78
N VAL C 216 25.77 28.59 48.54
CA VAL C 216 27.14 28.98 48.28
C VAL C 216 27.12 30.34 47.59
N ASP C 217 28.15 31.14 47.87
CA ASP C 217 28.31 32.44 47.24
C ASP C 217 29.67 32.52 46.58
N LYS C 218 29.74 33.31 45.51
CA LYS C 218 30.99 33.55 44.81
C LYS C 218 31.09 35.04 44.48
N LYS C 219 32.33 35.49 44.28
CA LYS C 219 32.63 36.89 43.93
C LYS C 219 33.56 36.91 42.74
N ILE C 220 33.04 37.34 41.59
CA ILE C 220 33.77 37.28 40.32
C ILE C 220 34.66 38.52 40.20
N VAL C 221 35.98 38.30 40.28
CA VAL C 221 36.99 39.35 40.08
C VAL C 221 38.19 38.73 39.37
N PRO C 222 38.84 39.45 38.45
CA PRO C 222 39.98 38.91 37.69
C PRO C 222 41.15 38.50 38.59
N ASP D 1 6.48 -3.33 12.59
CA ASP D 1 6.87 -2.32 13.56
C ASP D 1 6.12 -1.02 13.33
N ILE D 2 5.64 -0.84 12.09
CA ILE D 2 4.94 0.36 11.63
C ILE D 2 5.72 1.60 12.04
N GLN D 3 6.97 1.70 11.58
CA GLN D 3 7.81 2.84 11.91
C GLN D 3 7.23 4.11 11.30
N MET D 4 7.04 5.12 12.16
CA MET D 4 6.44 6.41 11.72
C MET D 4 7.46 7.55 11.87
N THR D 5 7.76 8.23 10.76
CA THR D 5 8.70 9.35 10.78
C THR D 5 8.05 10.62 10.24
N GLN D 6 8.14 11.70 11.00
CA GLN D 6 7.57 12.99 10.60
C GLN D 6 8.66 14.03 10.42
N SER D 7 8.35 15.06 9.62
CA SER D 7 9.31 16.09 9.24
C SER D 7 8.55 17.35 8.85
N PRO D 8 9.13 18.55 9.07
CA PRO D 8 10.50 18.82 9.54
C PRO D 8 10.74 18.69 11.05
N SER D 9 12.01 18.69 11.45
CA SER D 9 12.36 18.54 12.85
C SER D 9 12.06 19.81 13.66
N SER D 10 12.12 20.98 13.02
CA SER D 10 11.82 22.23 13.70
C SER D 10 11.34 23.22 12.64
N MET D 11 10.25 23.92 12.94
CA MET D 11 9.63 24.83 11.99
C MET D 11 9.35 26.17 12.65
N SER D 12 9.39 27.22 11.82
CA SER D 12 9.15 28.59 12.27
C SER D 12 8.46 29.34 11.15
N ALA D 13 7.36 30.01 11.47
CA ALA D 13 6.57 30.69 10.46
C ALA D 13 6.20 32.09 10.93
N SER D 14 5.82 32.93 9.98
CA SER D 14 5.35 34.25 10.33
C SER D 14 3.87 34.19 10.70
N LEU D 15 3.40 35.23 11.36
CA LEU D 15 2.03 35.22 11.85
C LEU D 15 1.05 35.39 10.69
N GLY D 16 0.09 34.47 10.59
CA GLY D 16 -0.92 34.48 9.56
C GLY D 16 -0.65 33.59 8.36
N ASP D 17 0.52 32.97 8.29
CA ASP D 17 0.85 32.08 7.19
C ASP D 17 0.39 30.65 7.47
N LYS D 18 0.06 29.93 6.40
CA LYS D 18 -0.34 28.54 6.48
C LYS D 18 0.91 27.65 6.47
N VAL D 19 0.97 26.69 7.40
CA VAL D 19 2.12 25.80 7.49
C VAL D 19 1.66 24.36 7.48
N THR D 20 2.54 23.48 6.98
CA THR D 20 2.22 22.06 6.86
C THR D 20 3.35 21.24 7.48
N ILE D 21 2.96 20.21 8.22
CA ILE D 21 3.87 19.26 8.84
C ILE D 21 3.51 17.87 8.34
N ASN D 22 4.51 17.15 7.82
CA ASN D 22 4.25 15.87 7.18
C ASN D 22 4.69 14.73 8.09
N CYS D 23 4.05 13.58 7.90
CA CYS D 23 4.34 12.40 8.70
C CYS D 23 4.01 11.19 7.86
N LEU D 24 4.96 10.27 7.71
CA LEU D 24 4.76 9.09 6.88
C LEU D 24 5.02 7.82 7.68
N ALA D 25 4.28 6.77 7.33
CA ALA D 25 4.34 5.48 8.00
C ALA D 25 4.92 4.41 7.08
N SER D 26 5.76 3.55 7.65
CA SER D 26 6.42 2.49 6.89
C SER D 26 5.45 1.40 6.45
N GLU D 27 4.43 1.11 7.25
CA GLU D 27 3.48 0.06 6.85
C GLU D 27 2.25 0.70 6.20
N ASP D 28 1.18 -0.05 6.04
CA ASP D 28 -0.01 0.54 5.37
C ASP D 28 -1.09 0.89 6.39
N ILE D 29 -0.87 1.89 7.23
CA ILE D 29 -1.92 2.35 8.18
C ILE D 29 -2.95 3.09 7.34
N GLY D 30 -4.24 3.01 7.65
CA GLY D 30 -5.28 3.68 6.85
C GLY D 30 -5.48 5.12 7.25
N ASN D 31 -6.70 5.52 7.61
CA ASN D 31 -6.90 6.92 8.08
C ASN D 31 -6.67 6.93 9.59
N TYR D 32 -6.02 5.88 10.08
CA TYR D 32 -5.74 5.68 11.51
C TYR D 32 -4.59 6.59 11.96
N LEU D 33 -4.92 7.87 12.11
CA LEU D 33 -3.93 8.85 12.50
C LEU D 33 -4.58 9.87 13.42
N SER D 34 -3.86 10.23 14.49
CA SER D 34 -4.27 11.30 15.36
C SER D 34 -3.11 12.25 15.50
N TRP D 35 -3.42 13.53 15.74
CA TRP D 35 -2.40 14.55 15.88
C TRP D 35 -2.57 15.18 17.26
N TYR D 36 -1.52 15.16 18.06
CA TYR D 36 -1.57 15.76 19.38
C TYR D 36 -0.70 17.01 19.43
N GLN D 37 -1.22 18.05 20.08
CA GLN D 37 -0.49 19.28 20.31
C GLN D 37 -0.23 19.43 21.80
N GLN D 38 1.01 19.74 22.16
CA GLN D 38 1.42 19.88 23.54
C GLN D 38 2.10 21.24 23.70
N ARG D 39 1.51 22.09 24.55
CA ARG D 39 2.11 23.37 24.87
C ARG D 39 3.30 23.16 25.80
N PRO D 40 4.16 24.17 25.93
CA PRO D 40 5.31 24.04 26.86
C PRO D 40 4.86 23.79 28.28
N GLY D 41 5.36 22.69 28.85
CA GLY D 41 5.04 22.35 30.23
C GLY D 41 3.62 21.87 30.44
N LYS D 42 3.04 21.18 29.45
CA LYS D 42 1.69 20.66 29.56
C LYS D 42 1.65 19.25 28.99
N SER D 43 0.46 18.65 29.01
CA SER D 43 0.26 17.34 28.44
C SER D 43 -0.31 17.46 27.03
N PRO D 44 0.03 16.53 26.14
CA PRO D 44 -0.45 16.60 24.75
C PRO D 44 -1.97 16.57 24.67
N LYS D 45 -2.53 17.59 24.02
CA LYS D 45 -3.96 17.68 23.80
C LYS D 45 -4.32 17.15 22.41
N LEU D 46 -5.43 16.42 22.35
CA LEU D 46 -5.85 15.79 21.09
C LEU D 46 -6.62 16.78 20.22
N MET D 47 -6.28 16.78 18.93
CA MET D 47 -6.97 17.59 17.94
C MET D 47 -6.73 16.97 16.56
N ILE D 48 -7.80 16.87 15.76
CA ILE D 48 -7.78 16.17 14.47
C ILE D 48 -7.50 14.69 14.70
N TYR D 49 -8.52 13.87 14.51
CA TYR D 49 -8.39 12.42 14.59
C TYR D 49 -8.89 11.82 13.29
N GLY D 50 -8.17 10.81 12.79
CA GLY D 50 -8.50 10.25 11.49
C GLY D 50 -8.09 11.09 10.30
N VAL D 51 -7.15 12.03 10.48
CA VAL D 51 -6.61 12.91 9.43
C VAL D 51 -7.68 13.90 9.02
N THR D 52 -8.92 13.66 9.42
CA THR D 52 -10.06 14.52 9.13
C THR D 52 -10.72 14.91 10.44
N ASN D 53 -11.81 15.67 10.34
CA ASN D 53 -12.56 16.14 11.51
C ASN D 53 -11.68 16.94 12.46
N LEU D 54 -12.26 17.33 13.59
CA LEU D 54 -11.55 18.03 14.66
C LEU D 54 -12.30 17.77 15.95
N GLU D 55 -11.56 17.46 17.02
CA GLU D 55 -12.21 17.28 18.31
C GLU D 55 -12.88 18.58 18.72
N ASP D 56 -14.11 18.45 19.25
CA ASP D 56 -14.94 19.61 19.53
C ASP D 56 -14.25 20.57 20.50
N GLY D 57 -14.12 21.83 20.07
CA GLY D 57 -13.45 22.86 20.84
C GLY D 57 -12.18 23.39 20.22
N VAL D 58 -11.73 22.82 19.10
CA VAL D 58 -10.53 23.29 18.41
C VAL D 58 -10.95 24.17 17.24
N PRO D 59 -10.36 25.34 17.06
CA PRO D 59 -10.71 26.20 15.92
C PRO D 59 -10.43 25.54 14.58
N SER D 60 -11.22 25.94 13.58
CA SER D 60 -11.16 25.36 12.24
C SER D 60 -9.89 25.75 11.47
N ARG D 61 -9.03 26.59 12.04
CA ARG D 61 -7.79 26.94 11.37
C ARG D 61 -6.91 25.74 11.12
N PHE D 62 -7.10 24.67 11.88
CA PHE D 62 -6.37 23.42 11.65
C PHE D 62 -7.08 22.59 10.59
N SER D 63 -6.30 21.80 9.85
CA SER D 63 -6.85 20.95 8.81
C SER D 63 -5.92 19.76 8.58
N GLY D 64 -6.49 18.65 8.16
CA GLY D 64 -5.71 17.47 7.86
C GLY D 64 -6.06 16.78 6.55
N SER D 65 -5.05 16.41 5.78
CA SER D 65 -5.25 15.68 4.53
C SER D 65 -4.21 14.59 4.41
N ARG D 66 -4.43 13.66 3.48
CA ARG D 66 -3.46 12.60 3.25
C ARG D 66 -3.43 12.23 1.78
N SER D 67 -2.25 11.87 1.29
CA SER D 67 -2.05 11.44 -0.08
C SER D 67 -1.19 10.18 -0.06
N GLY D 68 -1.86 9.02 -0.09
CA GLY D 68 -1.20 7.73 0.03
C GLY D 68 -0.79 7.41 1.45
N SER D 69 0.50 7.51 1.74
CA SER D 69 1.03 7.27 3.08
C SER D 69 1.74 8.48 3.65
N ASP D 70 1.70 9.61 2.95
CA ASP D 70 2.29 10.85 3.45
C ASP D 70 1.11 11.68 3.95
N TYR D 71 0.95 11.74 5.28
CA TYR D 71 -0.14 12.43 5.93
C TYR D 71 0.32 13.82 6.34
N SER D 72 -0.58 14.80 6.22
CA SER D 72 -0.25 16.18 6.49
C SER D 72 -1.12 16.75 7.61
N LEU D 73 -0.55 17.71 8.33
CA LEU D 73 -1.30 18.56 9.25
C LEU D 73 -0.99 19.98 8.82
N THR D 74 -2.00 20.67 8.31
CA THR D 74 -1.85 22.03 7.81
C THR D 74 -2.59 22.97 8.75
N ILE D 75 -2.12 24.21 8.81
CA ILE D 75 -2.62 25.18 9.77
C ILE D 75 -2.72 26.54 9.07
N ASN D 76 -3.93 27.10 9.04
CA ASN D 76 -4.23 28.34 8.36
C ASN D 76 -4.25 29.49 9.37
N SER D 77 -3.95 30.69 8.89
CA SER D 77 -3.92 31.92 9.68
C SER D 77 -3.28 31.66 11.04
N LEU D 78 -1.95 31.66 11.08
CA LEU D 78 -1.26 31.27 12.30
C LEU D 78 -1.33 32.38 13.34
N GLY D 79 -1.57 31.99 14.59
CA GLY D 79 -1.56 32.92 15.69
C GLY D 79 -0.65 32.44 16.80
N TYR D 80 -0.45 33.32 17.78
CA TYR D 80 0.44 33.00 18.90
C TYR D 80 -0.02 31.80 19.70
N ASP D 81 -1.29 31.40 19.57
CA ASP D 81 -1.87 30.33 20.39
C ASP D 81 -1.37 28.94 20.01
N ASP D 82 -0.59 28.82 18.95
CA ASP D 82 -0.22 27.52 18.40
C ASP D 82 1.23 27.13 18.64
N GLU D 83 2.01 27.98 19.32
CA GLU D 83 3.38 27.61 19.64
C GLU D 83 3.40 26.37 20.52
N GLY D 84 4.17 25.37 20.12
CA GLY D 84 4.21 24.14 20.88
C GLY D 84 4.79 23.01 20.04
N ILE D 85 4.55 21.78 20.49
CA ILE D 85 5.07 20.60 19.80
C ILE D 85 3.90 19.75 19.33
N TYR D 86 4.04 19.19 18.12
CA TYR D 86 2.99 18.39 17.52
C TYR D 86 3.52 16.99 17.22
N HIS D 87 2.65 16.00 17.38
CA HIS D 87 3.01 14.60 17.19
C HIS D 87 1.94 13.90 16.37
N CYS D 88 2.37 13.01 15.48
CA CYS D 88 1.45 12.10 14.81
C CYS D 88 1.47 10.76 15.51
N HIS D 89 0.33 10.07 15.51
CA HIS D 89 0.23 8.77 16.18
C HIS D 89 -0.67 7.84 15.38
N GLU D 90 -0.28 6.57 15.27
CA GLU D 90 -1.07 5.55 14.52
C GLU D 90 -1.69 4.54 15.49
N TYR D 91 -2.90 4.06 15.18
CA TYR D 91 -3.64 3.10 16.00
C TYR D 91 -4.26 2.03 15.08
N TYR D 92 -3.41 1.37 14.32
CA TYR D 92 -3.81 0.22 13.51
C TYR D 92 -3.25 -1.06 14.12
N GLU D 93 -1.95 -1.28 14.02
CA GLU D 93 -1.27 -2.43 14.58
C GLU D 93 -0.93 -2.17 16.06
N TYR D 94 -0.37 -3.15 16.75
CA TYR D 94 -0.15 -2.86 18.16
C TYR D 94 1.30 -2.55 18.59
N PRO D 95 2.17 -1.94 17.76
CA PRO D 95 3.35 -1.32 18.35
C PRO D 95 2.98 0.04 18.92
N PHE D 96 1.95 0.64 18.31
CA PHE D 96 1.45 1.97 18.64
C PHE D 96 2.61 2.97 18.69
N THR D 97 3.10 3.28 17.51
CA THR D 97 4.26 4.15 17.34
C THR D 97 3.84 5.61 17.16
N PHE D 98 4.67 6.50 17.70
CA PHE D 98 4.46 7.93 17.59
C PHE D 98 5.40 8.53 16.55
N GLY D 99 5.16 9.80 16.22
CA GLY D 99 6.07 10.54 15.39
C GLY D 99 7.31 10.98 16.15
N SER D 100 8.23 11.59 15.40
CA SER D 100 9.46 12.10 16.00
C SER D 100 9.21 13.36 16.83
N GLY D 101 8.10 14.06 16.61
CA GLY D 101 7.82 15.30 17.29
C GLY D 101 8.34 16.49 16.52
N THR D 102 7.49 17.49 16.29
CA THR D 102 7.87 18.68 15.54
C THR D 102 7.56 19.92 16.35
N LYS D 103 8.56 20.76 16.57
CA LYS D 103 8.39 21.99 17.33
C LYS D 103 8.01 23.11 16.37
N LEU D 104 6.99 23.88 16.75
CA LEU D 104 6.46 24.99 15.97
C LEU D 104 6.52 26.25 16.82
N GLU D 105 7.30 27.23 16.37
CA GLU D 105 7.43 28.55 16.96
C GLU D 105 6.94 29.58 15.97
N ILE D 106 6.93 30.84 16.40
CA ILE D 106 6.51 31.94 15.54
C ILE D 106 7.74 32.74 15.16
N LYS D 107 7.74 33.25 13.93
CA LYS D 107 8.89 33.98 13.42
C LYS D 107 9.03 35.31 14.16
N ARG D 108 10.27 35.80 14.22
CA ARG D 108 10.57 37.11 14.78
C ARG D 108 11.94 37.50 14.23
N ALA D 109 12.28 38.79 14.39
CA ALA D 109 13.53 39.27 13.82
C ALA D 109 14.73 38.55 14.43
N ASP D 110 15.54 37.94 13.57
CA ASP D 110 16.72 37.23 14.03
C ASP D 110 17.70 38.20 14.67
N ALA D 111 18.38 37.73 15.71
CA ALA D 111 19.29 38.55 16.50
C ALA D 111 20.69 37.93 16.49
N ALA D 112 21.68 38.78 16.73
CA ALA D 112 23.05 38.30 16.75
C ALA D 112 23.43 37.81 18.15
N PRO D 113 24.13 36.69 18.23
CA PRO D 113 24.48 36.14 19.56
C PRO D 113 25.58 36.95 20.21
N THR D 114 25.38 37.28 21.48
CA THR D 114 26.43 37.89 22.30
C THR D 114 27.22 36.74 22.92
N VAL D 115 28.48 36.61 22.50
CA VAL D 115 29.30 35.46 22.86
C VAL D 115 30.32 35.90 23.91
N SER D 116 30.58 35.02 24.87
CA SER D 116 31.56 35.29 25.91
C SER D 116 32.28 33.99 26.28
N ILE D 117 33.59 34.09 26.47
CA ILE D 117 34.41 32.96 26.86
C ILE D 117 34.86 33.15 28.29
N PHE D 118 35.00 32.05 29.02
CA PHE D 118 35.49 32.12 30.39
C PHE D 118 36.38 30.93 30.71
N PRO D 119 37.62 31.19 31.15
CA PRO D 119 38.54 30.12 31.53
C PRO D 119 38.25 29.59 32.92
N PRO D 120 38.76 28.41 33.27
CA PRO D 120 38.60 27.92 34.64
C PRO D 120 39.50 28.64 35.62
N SER D 121 38.98 28.84 36.84
CA SER D 121 39.72 29.45 37.93
C SER D 121 40.66 28.42 38.56
N THR D 122 41.38 28.85 39.61
CA THR D 122 42.37 28.00 40.25
C THR D 122 41.75 26.84 41.03
N GLU D 123 40.52 26.99 41.54
CA GLU D 123 39.90 25.87 42.25
C GLU D 123 39.65 24.68 41.32
N GLN D 124 39.23 24.94 40.08
CA GLN D 124 39.05 23.85 39.14
C GLN D 124 40.36 23.16 38.81
N LEU D 125 41.44 23.94 38.64
CA LEU D 125 42.74 23.35 38.35
C LEU D 125 43.26 22.54 39.54
N ALA D 126 42.95 23.00 40.76
CA ALA D 126 43.32 22.23 41.94
C ALA D 126 42.47 20.97 42.09
N THR D 127 41.25 20.98 41.53
CA THR D 127 40.45 19.76 41.50
C THR D 127 41.11 18.69 40.64
N GLY D 128 41.81 19.10 39.59
CA GLY D 128 42.42 18.19 38.64
C GLY D 128 41.85 18.28 37.24
N GLY D 129 40.69 18.89 37.09
CA GLY D 129 40.06 19.04 35.79
C GLY D 129 39.64 20.47 35.53
N ALA D 130 39.95 20.95 34.33
CA ALA D 130 39.62 22.31 33.92
C ALA D 130 38.41 22.30 32.99
N SER D 131 37.64 23.38 33.03
CA SER D 131 36.46 23.52 32.18
C SER D 131 36.40 24.93 31.62
N VAL D 132 36.51 25.04 30.30
CA VAL D 132 36.35 26.32 29.61
C VAL D 132 34.90 26.42 29.19
N VAL D 133 34.35 27.63 29.17
CA VAL D 133 32.94 27.79 28.84
C VAL D 133 32.76 28.90 27.82
N CYS D 134 32.06 28.58 26.73
CA CYS D 134 31.74 29.52 25.67
C CYS D 134 30.23 29.62 25.59
N LEU D 135 29.68 30.81 25.85
CA LEU D 135 28.24 30.95 25.90
C LEU D 135 27.76 32.10 25.03
N MET D 136 26.61 31.89 24.38
CA MET D 136 25.96 32.86 23.52
C MET D 136 24.57 33.19 24.06
N ASN D 137 24.25 34.47 24.12
CA ASN D 137 22.96 34.93 24.63
C ASN D 137 22.27 35.83 23.63
N ASN D 138 20.93 35.80 23.66
CA ASN D 138 20.08 36.77 22.97
C ASN D 138 20.29 36.71 21.45
N PHE D 139 19.96 35.55 20.89
CA PHE D 139 20.04 35.33 19.45
C PHE D 139 18.81 34.56 18.98
N TYR D 140 18.67 34.48 17.66
CA TYR D 140 17.54 33.80 17.03
C TYR D 140 17.91 33.51 15.59
N PRO D 141 17.51 32.37 15.03
CA PRO D 141 16.75 31.28 15.67
C PRO D 141 17.63 30.26 16.38
N ARG D 142 17.15 29.01 16.50
CA ARG D 142 17.87 28.00 17.26
C ARG D 142 19.08 27.46 16.53
N ASP D 143 19.15 27.63 15.21
CA ASP D 143 20.21 27.04 14.41
C ASP D 143 21.48 27.87 14.58
N ILE D 144 22.55 27.23 15.02
CA ILE D 144 23.83 27.88 15.28
C ILE D 144 24.83 26.76 15.52
N SER D 145 26.08 26.94 15.11
CA SER D 145 27.05 25.85 15.25
C SER D 145 28.27 26.37 15.99
N VAL D 146 28.70 25.62 16.99
CA VAL D 146 29.81 26.06 17.84
C VAL D 146 30.93 25.03 17.78
N LYS D 147 32.16 25.51 17.67
CA LYS D 147 33.32 24.66 17.55
C LYS D 147 34.44 25.21 18.42
N TRP D 148 35.30 24.30 18.89
CA TRP D 148 36.42 24.64 19.76
C TRP D 148 37.73 24.49 19.01
N LYS D 149 38.69 25.36 19.33
CA LYS D 149 40.02 25.30 18.75
C LYS D 149 41.05 25.49 19.85
N ILE D 150 41.98 24.53 19.99
CA ILE D 150 43.06 24.62 20.96
C ILE D 150 44.33 24.93 20.17
N ASP D 151 44.74 26.20 20.19
CA ASP D 151 45.88 26.68 19.41
C ASP D 151 45.68 26.42 17.92
N GLY D 152 44.43 26.44 17.45
CA GLY D 152 44.17 26.25 16.04
C GLY D 152 43.66 24.87 15.64
N THR D 153 43.69 23.89 16.53
CA THR D 153 43.34 22.51 16.21
C THR D 153 41.85 22.26 16.43
N GLU D 154 41.44 20.98 16.31
CA GLU D 154 40.04 20.59 16.25
C GLU D 154 39.40 20.38 17.62
N ARG D 155 39.88 19.39 18.38
CA ARG D 155 39.40 19.09 19.73
C ARG D 155 37.87 18.93 19.80
N ARG D 156 37.36 17.94 19.06
CA ARG D 156 35.92 17.70 19.07
C ARG D 156 35.45 17.10 20.38
N ASP D 157 36.15 16.06 20.85
CA ASP D 157 35.71 15.30 22.02
C ASP D 157 35.95 16.07 23.32
N GLY D 158 35.15 15.72 24.33
CA GLY D 158 35.25 16.33 25.64
C GLY D 158 34.36 17.53 25.87
N VAL D 159 33.44 17.82 24.95
CA VAL D 159 32.57 18.98 25.02
C VAL D 159 31.18 18.57 25.46
N LEU D 160 30.48 19.49 26.13
CA LEU D 160 29.07 19.34 26.49
C LEU D 160 28.33 20.59 26.04
N ASP D 161 27.13 20.40 25.51
CA ASP D 161 26.33 21.50 24.98
C ASP D 161 25.02 21.59 25.77
N SER D 162 24.50 22.81 25.93
CA SER D 162 23.23 23.01 26.62
C SER D 162 22.56 24.27 26.08
N VAL D 163 21.49 24.09 25.31
CA VAL D 163 20.74 25.20 24.72
C VAL D 163 19.42 25.36 25.45
N THR D 164 19.06 26.61 25.77
CA THR D 164 17.78 26.93 26.36
C THR D 164 16.73 27.05 25.26
N ASP D 165 15.47 27.23 25.66
CA ASP D 165 14.44 27.54 24.69
C ASP D 165 14.31 29.05 24.53
N GLN D 166 13.45 29.47 23.61
CA GLN D 166 13.23 30.90 23.40
C GLN D 166 12.58 31.52 24.63
N ASP D 167 13.08 32.68 25.03
CA ASP D 167 12.60 33.36 26.22
C ASP D 167 11.18 33.90 26.01
N SER D 168 10.42 33.99 27.10
CA SER D 168 9.08 34.55 26.99
C SER D 168 9.10 36.08 26.88
N LYS D 169 10.12 36.74 27.41
CA LYS D 169 10.25 38.18 27.33
C LYS D 169 11.26 38.64 26.29
N ASP D 170 12.42 37.98 26.23
CA ASP D 170 13.42 38.33 25.21
C ASP D 170 13.07 37.75 23.86
N SER D 171 12.32 36.63 23.86
CA SER D 171 11.98 35.89 22.65
C SER D 171 13.23 35.51 21.86
N THR D 172 14.34 35.33 22.58
CA THR D 172 15.63 34.97 21.99
C THR D 172 16.20 33.75 22.69
N TYR D 173 17.18 33.13 22.03
CA TYR D 173 17.78 31.88 22.46
C TYR D 173 19.08 32.12 23.21
N SER D 174 19.54 31.08 23.92
CA SER D 174 20.80 31.11 24.63
C SER D 174 21.40 29.70 24.63
N MET D 175 22.73 29.63 24.58
CA MET D 175 23.42 28.34 24.55
C MET D 175 24.72 28.45 25.33
N SER D 176 25.13 27.33 25.94
CA SER D 176 26.38 27.28 26.70
C SER D 176 27.10 25.97 26.39
N SER D 177 28.34 26.06 25.92
CA SER D 177 29.20 24.91 25.67
C SER D 177 30.31 24.89 26.72
N THR D 178 30.56 23.72 27.30
CA THR D 178 31.61 23.54 28.31
C THR D 178 32.56 22.46 27.84
N LEU D 179 33.82 22.83 27.63
CA LEU D 179 34.88 21.88 27.29
C LEU D 179 35.61 21.52 28.58
N SER D 180 35.43 20.29 29.04
CA SER D 180 36.02 19.79 30.28
C SER D 180 37.18 18.86 29.94
N LEU D 181 38.39 19.28 30.26
CA LEU D 181 39.60 18.52 30.01
C LEU D 181 40.35 18.29 31.33
N THR D 182 41.44 17.53 31.24
CA THR D 182 42.31 17.36 32.38
C THR D 182 43.21 18.57 32.55
N LYS D 183 43.77 18.71 33.75
CA LYS D 183 44.65 19.85 34.02
C LYS D 183 45.91 19.81 33.14
N ALA D 184 46.39 18.61 32.82
CA ALA D 184 47.57 18.49 31.98
C ALA D 184 47.33 19.08 30.59
N ASP D 185 46.17 18.79 30.00
CA ASP D 185 45.87 19.36 28.69
C ASP D 185 45.60 20.86 28.78
N TYR D 186 45.02 21.32 29.89
CA TYR D 186 44.76 22.75 30.03
C TYR D 186 46.05 23.55 30.13
N GLU D 187 47.02 23.04 30.90
CA GLU D 187 48.32 23.70 31.00
C GLU D 187 49.25 23.38 29.84
N SER D 188 48.93 22.37 29.01
CA SER D 188 49.83 21.98 27.93
C SER D 188 49.84 22.98 26.78
N HIS D 189 48.73 23.66 26.53
CA HIS D 189 48.62 24.59 25.42
C HIS D 189 48.41 26.01 25.94
N ASN D 190 48.12 26.93 25.02
CA ASN D 190 48.06 28.34 25.39
C ASN D 190 46.75 28.97 24.90
N LEU D 191 46.52 28.95 23.59
CA LEU D 191 45.39 29.62 22.98
C LEU D 191 44.14 28.74 23.00
N TYR D 192 43.04 29.28 23.52
CA TYR D 192 41.74 28.64 23.51
C TYR D 192 40.78 29.53 22.75
N THR D 193 40.14 28.98 21.71
CA THR D 193 39.31 29.73 20.78
C THR D 193 37.96 29.05 20.61
N CYS D 194 36.90 29.85 20.57
CA CYS D 194 35.55 29.38 20.32
C CYS D 194 34.99 30.08 19.09
N GLU D 195 34.70 29.31 18.05
CA GLU D 195 34.16 29.83 16.82
C GLU D 195 32.68 29.47 16.75
N VAL D 196 31.85 30.45 16.43
CA VAL D 196 30.40 30.27 16.37
C VAL D 196 29.93 30.74 15.00
N VAL D 197 29.14 29.91 14.34
CA VAL D 197 28.61 30.23 13.02
C VAL D 197 27.10 30.39 13.14
N HIS D 198 26.61 31.51 12.63
CA HIS D 198 25.19 31.86 12.62
C HIS D 198 24.90 32.55 11.30
N LYS D 199 23.60 32.81 11.05
CA LYS D 199 23.24 33.50 9.82
C LYS D 199 23.64 34.96 9.86
N THR D 200 23.74 35.55 11.04
CA THR D 200 24.04 36.97 11.16
C THR D 200 25.51 37.22 10.85
N SER D 201 25.76 38.32 10.13
CA SER D 201 27.08 38.70 9.64
C SER D 201 27.65 37.73 8.61
N SER D 202 27.09 36.53 8.52
CA SER D 202 27.47 35.49 7.57
C SER D 202 28.94 35.05 7.70
N SER D 203 29.61 35.44 8.77
CA SER D 203 30.99 35.05 9.01
C SER D 203 31.14 34.49 10.41
N PRO D 204 31.94 33.44 10.60
CA PRO D 204 32.08 32.85 11.94
C PRO D 204 32.66 33.87 12.91
N VAL D 205 31.90 34.12 13.98
CA VAL D 205 32.36 34.99 15.06
C VAL D 205 33.31 34.21 15.97
N VAL D 206 34.43 34.84 16.31
CA VAL D 206 35.51 34.18 17.01
C VAL D 206 35.76 34.92 18.32
N LYS D 207 35.92 34.15 19.41
CA LYS D 207 36.38 34.75 20.65
C LYS D 207 37.35 33.80 21.32
N SER D 208 38.40 34.35 21.93
CA SER D 208 39.50 33.51 22.40
C SER D 208 40.25 34.19 23.52
N PHE D 209 41.00 33.38 24.27
CA PHE D 209 41.90 33.85 25.30
C PHE D 209 43.12 32.95 25.33
N ASN D 210 44.11 33.35 26.12
CA ASN D 210 45.32 32.57 26.32
C ASN D 210 45.43 32.13 27.78
N ARG D 211 45.88 30.88 27.97
CA ARG D 211 46.22 30.41 29.32
C ARG D 211 47.25 31.34 29.92
N ASN D 212 48.10 31.93 29.08
CA ASN D 212 49.19 32.77 29.54
C ASN D 212 48.67 34.09 30.08
N GLU D 213 47.47 34.49 29.71
CA GLU D 213 46.84 35.67 30.28
C GLU D 213 46.23 35.31 31.63
N SER E 1 -46.61 -14.06 1.61
CA SER E 1 -46.25 -12.64 1.52
C SER E 1 -44.74 -12.49 1.38
N HIS E 2 -44.33 -11.30 0.91
CA HIS E 2 -42.91 -11.00 0.74
C HIS E 2 -42.66 -9.58 1.19
N SER E 3 -41.44 -9.31 1.64
CA SER E 3 -41.12 -8.02 2.22
C SER E 3 -39.87 -7.43 1.57
N LEU E 4 -39.90 -6.12 1.36
CA LEU E 4 -38.72 -5.34 1.01
C LEU E 4 -38.36 -4.51 2.24
N ARG E 5 -37.17 -4.74 2.79
CA ARG E 5 -36.79 -4.11 4.04
C ARG E 5 -35.41 -3.49 3.90
N TYR E 6 -35.20 -2.36 4.58
CA TYR E 6 -33.93 -1.67 4.56
C TYR E 6 -33.57 -1.27 5.98
N PHE E 7 -32.37 -1.67 6.41
CA PHE E 7 -31.89 -1.47 7.77
C PHE E 7 -30.66 -0.57 7.71
N VAL E 8 -30.67 0.50 8.52
CA VAL E 8 -29.69 1.57 8.43
C VAL E 8 -29.10 1.82 9.82
N THR E 9 -27.77 1.94 9.88
CA THR E 9 -27.05 2.25 11.12
C THR E 9 -26.11 3.41 10.89
N ALA E 10 -26.23 4.43 11.74
CA ALA E 10 -25.26 5.53 11.81
C ALA E 10 -24.71 5.56 13.23
N VAL E 11 -23.42 5.27 13.38
CA VAL E 11 -22.80 5.13 14.69
C VAL E 11 -21.64 6.12 14.80
N SER E 12 -21.76 7.07 15.72
CA SER E 12 -20.67 8.01 15.96
C SER E 12 -19.46 7.29 16.51
N ARG E 13 -18.28 7.71 16.06
CA ARG E 13 -17.01 7.12 16.48
C ARG E 13 -16.04 8.21 16.91
N PRO E 14 -16.30 8.87 18.05
CA PRO E 14 -15.36 9.87 18.54
C PRO E 14 -14.06 9.22 18.98
N GLY E 15 -12.94 9.88 18.67
CA GLY E 15 -11.66 9.27 18.88
C GLY E 15 -11.27 8.26 17.83
N PHE E 16 -12.11 8.02 16.82
CA PHE E 16 -11.75 7.10 15.76
C PHE E 16 -11.81 7.72 14.38
N GLY E 17 -12.82 8.50 14.08
CA GLY E 17 -12.96 9.13 12.79
C GLY E 17 -14.42 9.42 12.49
N GLU E 18 -14.73 9.44 11.20
CA GLU E 18 -16.10 9.68 10.79
C GLU E 18 -17.00 8.58 11.33
N PRO E 19 -18.26 8.87 11.61
CA PRO E 19 -19.17 7.83 12.10
C PRO E 19 -19.37 6.75 11.05
N ARG E 20 -19.38 5.50 11.51
CA ARG E 20 -19.62 4.40 10.58
C ARG E 20 -21.08 4.41 10.15
N TYR E 21 -21.32 4.45 8.84
CA TYR E 21 -22.66 4.49 8.29
C TYR E 21 -22.84 3.32 7.33
N MET E 22 -23.84 2.47 7.58
CA MET E 22 -24.07 1.38 6.64
C MET E 22 -25.56 1.08 6.54
N GLU E 23 -26.00 0.70 5.34
CA GLU E 23 -27.39 0.37 5.07
C GLU E 23 -27.45 -0.90 4.25
N VAL E 24 -28.13 -1.91 4.78
CA VAL E 24 -28.27 -3.21 4.12
C VAL E 24 -29.73 -3.44 3.75
N GLY E 25 -29.93 -4.11 2.62
CA GLY E 25 -31.26 -4.32 2.07
C GLY E 25 -31.59 -5.79 1.96
N TYR E 26 -32.81 -6.14 2.35
CA TYR E 26 -33.28 -7.52 2.41
C TYR E 26 -34.55 -7.69 1.60
N VAL E 27 -34.62 -8.81 0.89
CA VAL E 27 -35.86 -9.33 0.35
C VAL E 27 -36.26 -10.50 1.24
N ASP E 28 -37.43 -10.40 1.86
CA ASP E 28 -37.84 -11.34 2.92
C ASP E 28 -36.81 -11.35 4.04
N ASN E 29 -35.90 -12.33 4.02
CA ASN E 29 -34.85 -12.43 5.03
C ASN E 29 -33.47 -12.60 4.40
N THR E 30 -33.35 -12.42 3.09
CA THR E 30 -32.09 -12.60 2.39
C THR E 30 -31.52 -11.24 2.01
N GLU E 31 -30.26 -11.02 2.34
CA GLU E 31 -29.58 -9.78 1.97
C GLU E 31 -29.29 -9.79 0.48
N PHE E 32 -29.46 -8.63 -0.16
CA PHE E 32 -29.16 -8.54 -1.58
C PHE E 32 -28.40 -7.28 -1.97
N VAL E 33 -28.38 -6.25 -1.14
CA VAL E 33 -27.60 -5.04 -1.37
C VAL E 33 -27.03 -4.54 -0.05
N ARG E 34 -25.92 -3.80 -0.14
CA ARG E 34 -25.22 -3.34 1.04
C ARG E 34 -24.44 -2.07 0.71
N PHE E 35 -24.30 -1.21 1.72
CA PHE E 35 -23.53 0.03 1.62
C PHE E 35 -22.75 0.23 2.90
N ASP E 36 -21.48 0.62 2.77
CA ASP E 36 -20.63 0.86 3.92
C ASP E 36 -19.82 2.13 3.70
N SER E 37 -19.85 3.04 4.68
CA SER E 37 -19.27 4.37 4.49
C SER E 37 -17.75 4.39 4.61
N ASP E 38 -17.15 3.43 5.32
CA ASP E 38 -15.71 3.41 5.52
C ASP E 38 -14.95 2.58 4.49
N ALA E 39 -15.64 1.84 3.63
CA ALA E 39 -14.96 1.10 2.57
C ALA E 39 -14.45 2.03 1.48
N GLU E 40 -13.47 1.54 0.72
CA GLU E 40 -12.89 2.36 -0.34
C GLU E 40 -13.92 2.62 -1.43
N ASN E 41 -13.85 3.82 -2.03
CA ASN E 41 -14.83 4.35 -2.96
C ASN E 41 -16.24 3.88 -2.58
N PRO E 42 -16.81 4.43 -1.50
CA PRO E 42 -18.07 3.90 -0.97
C PRO E 42 -19.18 3.89 -2.01
N ARG E 43 -19.53 2.70 -2.46
CA ARG E 43 -20.56 2.52 -3.46
C ARG E 43 -21.49 1.41 -3.00
N TYR E 44 -22.71 1.42 -3.53
CA TYR E 44 -23.70 0.41 -3.20
C TYR E 44 -23.34 -0.82 -4.02
N GLU E 45 -22.79 -1.85 -3.35
CA GLU E 45 -22.38 -3.01 -4.13
C GLU E 45 -23.34 -4.17 -3.89
N PRO E 46 -23.46 -5.08 -4.88
CA PRO E 46 -24.42 -6.18 -4.77
C PRO E 46 -24.01 -7.26 -3.79
N ARG E 47 -25.01 -7.89 -3.19
CA ARG E 47 -24.80 -9.02 -2.29
C ARG E 47 -25.45 -10.32 -2.76
N ALA E 48 -26.27 -10.29 -3.80
CA ALA E 48 -26.87 -11.48 -4.38
C ALA E 48 -26.45 -11.61 -5.85
N ARG E 49 -27.00 -12.61 -6.52
CA ARG E 49 -26.71 -12.86 -7.93
C ARG E 49 -27.73 -12.23 -8.86
N TRP E 50 -29.01 -12.22 -8.48
CA TRP E 50 -30.06 -11.74 -9.36
C TRP E 50 -30.10 -10.21 -9.45
N ILE E 51 -29.42 -9.53 -8.53
CA ILE E 51 -29.32 -8.07 -8.59
C ILE E 51 -28.03 -7.61 -9.27
N GLU E 52 -27.10 -8.53 -9.55
CA GLU E 52 -25.79 -8.15 -10.07
C GLU E 52 -25.81 -7.70 -11.53
N GLN E 53 -26.88 -7.97 -12.27
CA GLN E 53 -27.00 -7.55 -13.66
C GLN E 53 -27.77 -6.25 -13.83
N GLU E 54 -27.99 -5.49 -12.75
CA GLU E 54 -28.72 -4.25 -12.86
C GLU E 54 -27.81 -3.16 -13.41
N GLY E 55 -28.37 -2.32 -14.27
CA GLY E 55 -27.58 -1.33 -14.99
C GLY E 55 -26.86 -0.37 -14.07
N PRO E 56 -25.88 0.34 -14.63
CA PRO E 56 -25.10 1.29 -13.82
C PRO E 56 -25.91 2.45 -13.26
N GLU E 57 -27.01 2.82 -13.92
CA GLU E 57 -27.83 3.91 -13.41
C GLU E 57 -28.46 3.54 -12.07
N TYR E 58 -28.88 2.28 -11.93
CA TYR E 58 -29.43 1.80 -10.66
C TYR E 58 -28.43 2.01 -9.53
N TRP E 59 -27.22 1.50 -9.70
CA TRP E 59 -26.21 1.62 -8.64
C TRP E 59 -25.84 3.08 -8.41
N GLU E 60 -25.78 3.88 -9.48
CA GLU E 60 -25.44 5.29 -9.33
C GLU E 60 -26.46 6.02 -8.47
N ARG E 61 -27.74 5.90 -8.81
CA ARG E 61 -28.77 6.60 -8.04
C ARG E 61 -28.89 6.03 -6.63
N GLU E 62 -28.66 4.73 -6.44
CA GLU E 62 -28.70 4.17 -5.09
C GLU E 62 -27.56 4.70 -4.23
N THR E 63 -26.37 4.85 -4.82
CA THR E 63 -25.26 5.44 -4.08
C THR E 63 -25.51 6.90 -3.75
N ARG E 64 -26.09 7.65 -4.70
CA ARG E 64 -26.45 9.03 -4.43
C ARG E 64 -27.41 9.13 -3.26
N ARG E 65 -28.46 8.30 -3.27
CA ARG E 65 -29.43 8.30 -2.18
C ARG E 65 -28.76 7.93 -0.86
N ALA E 66 -27.86 6.94 -0.89
CA ALA E 66 -27.18 6.52 0.32
C ALA E 66 -26.33 7.64 0.91
N LYS E 67 -25.63 8.39 0.05
CA LYS E 67 -24.78 9.47 0.55
C LYS E 67 -25.60 10.64 1.08
N GLY E 68 -26.72 10.95 0.41
CA GLY E 68 -27.62 11.96 0.95
C GLY E 68 -28.15 11.58 2.31
N ASN E 69 -28.59 10.33 2.45
CA ASN E 69 -29.03 9.84 3.76
C ASN E 69 -27.89 9.86 4.77
N GLU E 70 -26.65 9.67 4.31
CA GLU E 70 -25.50 9.72 5.22
C GLU E 70 -25.33 11.12 5.80
N GLN E 71 -25.40 12.15 4.94
CA GLN E 71 -25.32 13.52 5.45
C GLN E 71 -26.46 13.82 6.40
N SER E 72 -27.67 13.38 6.05
CA SER E 72 -28.82 13.58 6.93
C SER E 72 -28.61 12.91 8.29
N PHE E 73 -28.07 11.69 8.29
CA PHE E 73 -27.84 10.99 9.55
C PHE E 73 -26.72 11.61 10.36
N ARG E 74 -25.70 12.17 9.69
CA ARG E 74 -24.69 12.92 10.41
C ARG E 74 -25.32 14.08 11.19
N VAL E 75 -26.09 14.92 10.48
CA VAL E 75 -26.68 16.06 11.18
C VAL E 75 -27.71 15.60 12.21
N ASP E 76 -28.26 14.40 11.99
CA ASP E 76 -29.28 13.80 12.91
C ASP E 76 -28.55 13.47 14.21
N LEU E 77 -27.37 12.86 14.10
CA LEU E 77 -26.56 12.54 15.26
C LEU E 77 -26.17 13.81 16.01
N ARG E 78 -25.77 14.84 15.28
CA ARG E 78 -25.38 16.10 15.92
C ARG E 78 -26.53 16.69 16.72
N THR E 79 -27.73 16.74 16.15
CA THR E 79 -28.86 17.31 16.87
C THR E 79 -29.35 16.40 18.00
N ALA E 80 -29.23 15.08 17.82
CA ALA E 80 -29.73 14.16 18.84
C ALA E 80 -28.85 14.18 20.08
N LEU E 81 -27.53 14.32 19.92
CA LEU E 81 -26.69 14.43 21.11
C LEU E 81 -27.01 15.70 21.91
N ARG E 82 -27.44 16.77 21.23
CA ARG E 82 -27.84 17.98 21.95
C ARG E 82 -29.22 17.83 22.58
N TYR E 83 -30.13 17.07 21.95
CA TYR E 83 -31.46 16.91 22.52
C TYR E 83 -31.39 16.32 23.92
N TYR E 84 -30.51 15.34 24.12
CA TYR E 84 -30.40 14.61 25.37
C TYR E 84 -29.33 15.14 26.32
N ASN E 85 -28.62 16.21 25.94
CA ASN E 85 -27.55 16.79 26.76
C ASN E 85 -26.50 15.73 27.12
N GLN E 86 -25.86 15.19 26.09
CA GLN E 86 -24.92 14.08 26.25
C GLN E 86 -23.48 14.56 26.06
N SER E 87 -22.55 13.63 26.26
CA SER E 87 -21.13 13.94 26.13
C SER E 87 -20.74 13.93 24.66
N ALA E 88 -19.93 14.92 24.26
CA ALA E 88 -19.50 14.99 22.88
C ALA E 88 -18.48 13.91 22.53
N GLY E 89 -17.86 13.29 23.53
CA GLY E 89 -16.90 12.22 23.35
C GLY E 89 -17.49 10.82 23.42
N GLY E 90 -18.82 10.72 23.55
CA GLY E 90 -19.46 9.44 23.63
C GLY E 90 -19.88 8.89 22.27
N SER E 91 -20.11 7.58 22.24
CA SER E 91 -20.50 6.87 21.04
C SER E 91 -22.00 6.59 21.07
N HIS E 92 -22.72 7.12 20.09
CA HIS E 92 -24.16 6.95 20.01
C HIS E 92 -24.54 6.37 18.66
N THR E 93 -25.68 5.69 18.60
CA THR E 93 -26.11 4.97 17.42
C THR E 93 -27.55 5.30 17.08
N LEU E 94 -27.81 5.60 15.81
CA LEU E 94 -29.16 5.69 15.27
C LEU E 94 -29.41 4.51 14.34
N GLN E 95 -30.58 3.90 14.47
CA GLN E 95 -30.99 2.78 13.64
C GLN E 95 -32.33 3.10 12.98
N TRP E 96 -32.42 2.78 11.69
CA TRP E 96 -33.57 3.15 10.87
C TRP E 96 -34.06 1.92 10.13
N MET E 97 -35.34 1.58 10.31
CA MET E 97 -35.99 0.49 9.63
C MET E 97 -37.05 1.05 8.69
N ALA E 98 -37.00 0.64 7.42
CA ALA E 98 -38.01 1.12 6.48
C ALA E 98 -38.28 0.08 5.42
N GLY E 99 -39.56 -0.21 5.18
CA GLY E 99 -39.91 -1.18 4.18
C GLY E 99 -41.40 -1.47 4.13
N CYS E 100 -41.73 -2.52 3.39
CA CYS E 100 -43.11 -2.90 3.12
C CYS E 100 -43.22 -4.42 3.06
N ASP E 101 -44.14 -4.97 3.85
CA ASP E 101 -44.54 -6.37 3.74
C ASP E 101 -45.84 -6.41 2.95
N VAL E 102 -45.85 -7.17 1.85
CA VAL E 102 -46.93 -7.15 0.88
C VAL E 102 -47.40 -8.57 0.61
N GLU E 103 -48.72 -8.73 0.47
CA GLU E 103 -49.31 -10.02 0.14
C GLU E 103 -49.07 -10.35 -1.34
N SER E 104 -49.23 -11.64 -1.67
CA SER E 104 -48.94 -12.14 -3.01
C SER E 104 -49.90 -11.62 -4.08
N ASP E 105 -50.98 -10.92 -3.70
CA ASP E 105 -51.92 -10.39 -4.68
C ASP E 105 -51.67 -8.94 -5.04
N GLY E 106 -50.68 -8.30 -4.41
CA GLY E 106 -50.41 -6.91 -4.68
C GLY E 106 -51.06 -5.91 -3.76
N ARG E 107 -51.31 -6.29 -2.51
CA ARG E 107 -51.96 -5.41 -1.53
C ARG E 107 -51.05 -5.28 -0.32
N LEU E 108 -50.71 -4.05 0.02
CA LEU E 108 -49.86 -3.74 1.17
C LEU E 108 -50.44 -4.33 2.43
N LEU E 109 -49.70 -5.25 3.07
CA LEU E 109 -50.17 -5.82 4.33
C LEU E 109 -49.68 -5.04 5.53
N ARG E 110 -48.47 -4.45 5.45
CA ARG E 110 -47.95 -3.65 6.56
C ARG E 110 -46.82 -2.76 6.06
N GLY E 111 -46.85 -1.49 6.44
CA GLY E 111 -45.80 -0.54 6.11
C GLY E 111 -44.98 -0.19 7.34
N TYR E 112 -43.66 -0.36 7.24
CA TYR E 112 -42.74 -0.17 8.35
C TYR E 112 -41.87 1.06 8.11
N TRP E 113 -41.72 1.89 9.16
CA TRP E 113 -40.86 3.08 9.10
C TRP E 113 -40.59 3.60 10.51
N GLN E 114 -39.46 3.21 11.10
CA GLN E 114 -39.21 3.52 12.50
C GLN E 114 -37.73 3.80 12.74
N PHE E 115 -37.46 4.54 13.81
CA PHE E 115 -36.11 4.93 14.21
C PHE E 115 -35.92 4.64 15.69
N ALA E 116 -34.70 4.22 16.04
CA ALA E 116 -34.32 3.97 17.43
C ALA E 116 -32.97 4.60 17.72
N TYR E 117 -32.82 5.13 18.94
CA TYR E 117 -31.60 5.80 19.39
C TYR E 117 -31.00 4.99 20.52
N ASP E 118 -29.73 4.60 20.35
CA ASP E 118 -28.98 3.88 21.38
C ASP E 118 -29.68 2.60 21.82
N GLY E 119 -30.39 1.96 20.89
CA GLY E 119 -31.04 0.69 21.16
C GLY E 119 -32.45 0.78 21.69
N CYS E 120 -32.87 1.97 22.15
CA CYS E 120 -34.21 2.16 22.67
C CYS E 120 -35.11 2.76 21.60
N ASP E 121 -36.38 2.34 21.60
CA ASP E 121 -37.33 2.79 20.60
C ASP E 121 -37.50 4.31 20.67
N TYR E 122 -37.17 4.99 19.58
CA TYR E 122 -37.26 6.45 19.53
C TYR E 122 -38.61 6.88 18.95
N ILE E 123 -38.84 6.60 17.66
CA ILE E 123 -40.07 7.01 16.99
C ILE E 123 -40.47 5.92 16.02
N ALA E 124 -41.76 5.90 15.68
CA ALA E 124 -42.27 4.91 14.75
C ALA E 124 -43.43 5.51 13.95
N LEU E 125 -43.64 4.98 12.75
CA LEU E 125 -44.81 5.33 11.95
C LEU E 125 -45.86 4.23 12.13
N ASN E 126 -47.02 4.60 12.64
CA ASN E 126 -48.06 3.63 12.91
C ASN E 126 -48.56 2.99 11.61
N GLU E 127 -49.32 1.90 11.76
CA GLU E 127 -49.76 1.14 10.59
C GLU E 127 -50.65 1.98 9.69
N ASP E 128 -51.33 2.99 10.24
CA ASP E 128 -52.14 3.88 9.42
C ASP E 128 -51.31 4.66 8.42
N LEU E 129 -49.99 4.72 8.63
CA LEU E 129 -49.06 5.41 7.74
C LEU E 129 -49.37 6.90 7.63
N LYS E 130 -49.61 7.53 8.78
CA LYS E 130 -49.90 8.96 8.80
C LYS E 130 -49.57 9.59 10.15
N THR E 131 -49.80 8.85 11.24
CA THR E 131 -49.53 9.36 12.57
C THR E 131 -48.24 8.75 13.09
N TRP E 132 -47.45 9.56 13.77
CA TRP E 132 -46.19 9.13 14.35
C TRP E 132 -46.39 8.82 15.83
N THR E 133 -45.79 7.72 16.27
CA THR E 133 -45.74 7.36 17.68
C THR E 133 -44.38 7.78 18.19
N ALA E 134 -44.36 8.75 19.09
CA ALA E 134 -43.14 9.31 19.64
C ALA E 134 -43.05 8.88 21.10
N ALA E 135 -42.04 8.07 21.40
CA ALA E 135 -41.90 7.50 22.74
C ALA E 135 -41.14 8.41 23.69
N ASP E 136 -40.15 9.14 23.18
CA ASP E 136 -39.26 9.93 24.01
C ASP E 136 -39.72 11.38 24.09
N MET E 137 -39.19 12.08 25.10
CA MET E 137 -39.48 13.50 25.24
C MET E 137 -38.98 14.30 24.04
N ALA E 138 -37.81 13.94 23.52
CA ALA E 138 -37.32 14.58 22.30
C ALA E 138 -38.03 14.07 21.06
N ALA E 139 -38.58 12.85 21.14
CA ALA E 139 -39.38 12.35 20.03
C ALA E 139 -40.66 13.16 19.87
N GLN E 140 -41.11 13.87 20.91
CA GLN E 140 -42.26 14.75 20.75
C GLN E 140 -41.92 15.94 19.86
N ILE E 141 -40.72 16.50 20.02
CA ILE E 141 -40.27 17.55 19.13
C ILE E 141 -40.04 17.00 17.73
N THR E 142 -39.51 15.79 17.63
CA THR E 142 -39.36 15.15 16.33
C THR E 142 -40.71 15.00 15.63
N ARG E 143 -41.73 14.54 16.36
CA ARG E 143 -43.07 14.41 15.81
C ARG E 143 -43.62 15.77 15.39
N ARG E 144 -43.38 16.80 16.20
CA ARG E 144 -43.83 18.15 15.85
C ARG E 144 -43.18 18.60 14.54
N LYS E 145 -41.88 18.38 14.40
CA LYS E 145 -41.17 18.81 13.20
C LYS E 145 -41.63 18.05 11.97
N TRP E 146 -41.88 16.74 12.11
CA TRP E 146 -42.34 15.95 10.97
C TRP E 146 -43.81 16.16 10.67
N GLU E 147 -44.60 16.63 11.64
CA GLU E 147 -45.99 16.99 11.39
C GLU E 147 -46.10 18.34 10.69
N GLN E 148 -45.28 19.32 11.08
CA GLN E 148 -45.30 20.61 10.41
C GLN E 148 -44.90 20.48 8.95
N ALA E 149 -43.77 19.83 8.69
CA ALA E 149 -43.32 19.65 7.31
C ALA E 149 -44.12 18.59 6.58
N GLY E 150 -44.57 17.55 7.28
CA GLY E 150 -45.37 16.52 6.65
C GLY E 150 -44.59 15.44 5.91
N ALA E 151 -43.63 14.80 6.58
CA ALA E 151 -42.85 13.74 5.95
C ALA E 151 -43.66 12.47 5.75
N ALA E 152 -44.72 12.29 6.55
CA ALA E 152 -45.54 11.09 6.45
C ALA E 152 -46.12 10.91 5.06
N GLU E 153 -46.43 12.01 4.37
CA GLU E 153 -47.02 11.91 3.04
C GLU E 153 -46.06 11.28 2.04
N ARG E 154 -44.83 11.79 1.98
CA ARG E 154 -43.86 11.22 1.05
C ARG E 154 -43.43 9.81 1.48
N ASP E 155 -43.35 9.56 2.79
CA ASP E 155 -43.03 8.21 3.24
C ASP E 155 -44.11 7.22 2.83
N ARG E 156 -45.38 7.59 2.97
CA ARG E 156 -46.47 6.73 2.54
C ARG E 156 -46.47 6.56 1.02
N ALA E 157 -46.16 7.62 0.28
CA ALA E 157 -46.05 7.50 -1.18
C ALA E 157 -45.00 6.47 -1.56
N TYR E 158 -43.84 6.53 -0.92
CA TYR E 158 -42.80 5.54 -1.17
C TYR E 158 -43.30 4.14 -0.86
N LEU E 159 -43.81 3.93 0.37
CA LEU E 159 -44.19 2.60 0.82
C LEU E 159 -45.31 2.03 -0.04
N GLU E 160 -46.28 2.84 -0.45
CA GLU E 160 -47.42 2.37 -1.22
C GLU E 160 -47.11 2.21 -2.70
N GLY E 161 -46.02 2.80 -3.20
CA GLY E 161 -45.75 2.66 -4.62
C GLY E 161 -44.40 2.04 -4.96
N GLU E 162 -43.34 2.78 -4.62
CA GLU E 162 -42.01 2.37 -5.07
C GLU E 162 -41.57 1.09 -4.37
N CYS E 163 -41.80 1.01 -3.06
CA CYS E 163 -41.42 -0.18 -2.31
C CYS E 163 -42.08 -1.42 -2.89
N VAL E 164 -43.40 -1.35 -3.13
CA VAL E 164 -44.13 -2.54 -3.55
C VAL E 164 -43.77 -2.93 -4.98
N GLU E 165 -43.61 -1.94 -5.88
CA GLU E 165 -43.31 -2.30 -7.25
C GLU E 165 -41.88 -2.79 -7.41
N TRP E 166 -40.94 -2.26 -6.62
CA TRP E 166 -39.58 -2.79 -6.68
C TRP E 166 -39.48 -4.13 -5.99
N LEU E 167 -40.31 -4.40 -4.99
CA LEU E 167 -40.38 -5.76 -4.45
C LEU E 167 -40.89 -6.73 -5.51
N ARG E 168 -41.90 -6.32 -6.28
CA ARG E 168 -42.37 -7.16 -7.37
C ARG E 168 -41.27 -7.41 -8.39
N ARG E 169 -40.52 -6.35 -8.75
CA ARG E 169 -39.44 -6.51 -9.72
C ARG E 169 -38.35 -7.44 -9.20
N TYR E 170 -37.99 -7.30 -7.91
CA TYR E 170 -36.97 -8.17 -7.34
C TYR E 170 -37.44 -9.62 -7.27
N LEU E 171 -38.71 -9.83 -6.96
CA LEU E 171 -39.24 -11.19 -6.92
C LEU E 171 -39.25 -11.82 -8.31
N LYS E 172 -39.59 -11.03 -9.33
CA LYS E 172 -39.58 -11.57 -10.69
C LYS E 172 -38.16 -11.79 -11.19
N ASN E 173 -37.20 -11.00 -10.72
CA ASN E 173 -35.83 -11.15 -11.20
C ASN E 173 -35.07 -12.24 -10.44
N GLY E 174 -35.43 -12.50 -9.18
CA GLY E 174 -34.70 -13.46 -8.38
C GLY E 174 -35.50 -14.63 -7.84
N ASN E 175 -36.60 -15.00 -8.52
CA ASN E 175 -37.41 -16.12 -8.05
C ASN E 175 -36.67 -17.44 -8.09
N ALA E 176 -35.49 -17.50 -8.71
CA ALA E 176 -34.73 -18.74 -8.77
C ALA E 176 -34.12 -19.09 -7.41
N THR E 177 -33.61 -18.09 -6.69
CA THR E 177 -32.96 -18.32 -5.41
C THR E 177 -33.76 -17.81 -4.23
N LEU E 178 -34.80 -17.00 -4.45
CA LEU E 178 -35.62 -16.48 -3.37
C LEU E 178 -36.85 -17.33 -3.10
N LEU E 179 -37.31 -18.09 -4.09
CA LEU E 179 -38.48 -18.95 -3.93
C LEU E 179 -38.11 -20.43 -3.77
N ARG E 180 -36.83 -20.75 -3.78
CA ARG E 180 -36.40 -22.14 -3.61
C ARG E 180 -36.77 -22.64 -2.22
N THR E 181 -36.95 -23.96 -2.13
CA THR E 181 -37.25 -24.64 -0.87
C THR E 181 -36.41 -25.90 -0.78
N ASP E 182 -35.38 -25.87 0.08
CA ASP E 182 -34.50 -27.02 0.27
C ASP E 182 -34.98 -27.84 1.45
N PRO E 183 -35.26 -29.13 1.29
CA PRO E 183 -35.71 -29.93 2.42
C PRO E 183 -34.57 -30.11 3.42
N PRO E 184 -34.88 -30.22 4.71
CA PRO E 184 -33.81 -30.38 5.70
C PRO E 184 -33.38 -31.83 5.81
N LYS E 185 -32.07 -32.05 5.82
CA LYS E 185 -31.54 -33.36 6.16
C LYS E 185 -31.64 -33.54 7.67
N ALA E 186 -32.35 -34.57 8.09
CA ALA E 186 -32.68 -34.77 9.50
C ALA E 186 -32.15 -36.11 9.98
N HIS E 187 -31.83 -36.16 11.27
CA HIS E 187 -31.37 -37.39 11.89
C HIS E 187 -31.50 -37.24 13.41
N VAL E 188 -31.22 -38.33 14.11
CA VAL E 188 -31.28 -38.36 15.57
C VAL E 188 -29.94 -38.84 16.12
N THR E 189 -29.51 -38.21 17.21
CA THR E 189 -28.27 -38.53 17.90
C THR E 189 -28.58 -39.05 19.30
N HIS E 190 -27.79 -40.03 19.72
CA HIS E 190 -27.94 -40.71 20.99
C HIS E 190 -26.70 -40.41 21.82
N HIS E 191 -26.84 -39.60 22.85
CA HIS E 191 -25.71 -39.26 23.70
C HIS E 191 -25.92 -39.92 25.06
N ARG E 192 -25.07 -40.91 25.36
CA ARG E 192 -25.00 -41.54 26.66
C ARG E 192 -24.08 -40.76 27.60
N ARG E 193 -24.32 -40.94 28.89
CA ARG E 193 -23.55 -40.28 29.93
C ARG E 193 -23.45 -41.22 31.12
N PRO E 194 -22.45 -41.06 31.98
CA PRO E 194 -22.46 -41.75 33.27
C PRO E 194 -23.59 -41.29 34.18
N GLU E 195 -24.45 -40.41 33.68
CA GLU E 195 -25.59 -39.90 34.43
C GLU E 195 -26.56 -41.04 34.70
N GLY E 196 -27.19 -41.57 33.66
CA GLY E 196 -28.08 -42.70 33.83
C GLY E 196 -29.19 -42.76 32.81
N ASP E 197 -29.56 -41.62 32.26
CA ASP E 197 -30.54 -41.56 31.20
C ASP E 197 -29.81 -41.30 29.89
N VAL E 198 -30.56 -41.04 28.82
CA VAL E 198 -30.01 -40.90 27.48
C VAL E 198 -30.59 -39.63 26.87
N THR E 199 -29.72 -38.84 26.23
CA THR E 199 -30.18 -37.67 25.51
C THR E 199 -30.42 -38.06 24.05
N LEU E 200 -31.67 -37.97 23.61
CA LEU E 200 -32.02 -38.15 22.21
C LEU E 200 -32.20 -36.76 21.62
N ARG E 201 -31.44 -36.46 20.57
CA ARG E 201 -31.46 -35.14 19.95
C ARG E 201 -31.82 -35.26 18.48
N CYS E 202 -32.81 -34.48 18.05
CA CYS E 202 -33.24 -34.43 16.66
C CYS E 202 -32.61 -33.23 15.98
N TRP E 203 -31.79 -33.51 14.97
CA TRP E 203 -31.11 -32.50 14.16
C TRP E 203 -31.80 -32.37 12.82
N ALA E 204 -32.03 -31.13 12.38
CA ALA E 204 -32.49 -30.83 11.04
C ALA E 204 -31.64 -29.70 10.49
N LEU E 205 -30.83 -29.99 9.47
CA LEU E 205 -29.87 -29.04 8.94
C LEU E 205 -30.04 -28.91 7.43
N GLY E 206 -29.66 -27.74 6.92
CA GLY E 206 -29.63 -27.52 5.48
C GLY E 206 -30.98 -27.31 4.85
N PHE E 207 -31.81 -26.44 5.44
CA PHE E 207 -33.14 -26.15 4.93
C PHE E 207 -33.26 -24.66 4.61
N TYR E 208 -34.30 -24.32 3.85
CA TYR E 208 -34.58 -22.95 3.46
C TYR E 208 -36.07 -22.84 3.16
N PRO E 209 -36.75 -21.77 3.61
CA PRO E 209 -36.28 -20.65 4.44
C PRO E 209 -36.13 -21.01 5.91
N ALA E 210 -36.19 -20.02 6.80
CA ALA E 210 -36.01 -20.26 8.23
C ALA E 210 -37.25 -20.82 8.92
N ASP E 211 -38.40 -20.83 8.24
CA ASP E 211 -39.62 -21.36 8.84
C ASP E 211 -39.51 -22.86 9.03
N ILE E 212 -39.46 -23.31 10.28
CA ILE E 212 -39.32 -24.74 10.60
C ILE E 212 -39.99 -25.00 11.94
N THR E 213 -40.61 -26.17 12.07
CA THR E 213 -41.22 -26.61 13.32
C THR E 213 -40.66 -27.97 13.73
N LEU E 214 -40.18 -28.06 14.97
CA LEU E 214 -39.54 -29.26 15.50
C LEU E 214 -40.21 -29.64 16.82
N THR E 215 -40.74 -30.87 16.89
CA THR E 215 -41.42 -31.32 18.10
C THR E 215 -41.08 -32.79 18.38
N TRP E 216 -41.18 -33.18 19.64
CA TRP E 216 -41.02 -34.57 20.05
C TRP E 216 -42.35 -35.14 20.51
N GLN E 217 -42.51 -36.47 20.38
CA GLN E 217 -43.69 -37.18 20.85
C GLN E 217 -43.29 -38.39 21.67
N LEU E 218 -44.09 -38.69 22.69
CA LEU E 218 -43.93 -39.90 23.49
C LEU E 218 -45.05 -40.90 23.24
N ASN E 219 -46.30 -40.49 23.38
CA ASN E 219 -47.46 -41.32 23.05
C ASN E 219 -48.25 -40.68 21.93
N GLY E 220 -47.54 -40.16 20.93
CA GLY E 220 -48.15 -39.33 19.92
C GLY E 220 -48.52 -37.94 20.40
N GLU E 221 -48.21 -37.61 21.65
CA GLU E 221 -48.51 -36.30 22.22
C GLU E 221 -47.22 -35.48 22.31
N GLU E 222 -47.36 -34.17 22.15
CA GLU E 222 -46.22 -33.28 22.21
C GLU E 222 -45.88 -32.90 23.64
N LEU E 223 -44.59 -32.95 23.97
CA LEU E 223 -44.10 -32.53 25.29
C LEU E 223 -43.30 -31.25 25.13
N THR E 224 -43.41 -30.37 26.13
CA THR E 224 -42.80 -29.05 26.07
C THR E 224 -41.75 -28.81 27.15
N GLN E 225 -42.04 -29.20 28.39
CA GLN E 225 -41.11 -28.92 29.49
C GLN E 225 -39.81 -29.71 29.37
N GLU E 226 -39.81 -30.83 28.64
CA GLU E 226 -38.61 -31.65 28.48
C GLU E 226 -37.96 -31.47 27.12
N MET E 227 -38.50 -30.61 26.27
CA MET E 227 -37.91 -30.35 24.96
C MET E 227 -36.89 -29.24 25.11
N GLU E 228 -35.65 -29.52 24.70
CA GLU E 228 -34.58 -28.54 24.72
C GLU E 228 -34.46 -28.08 23.29
N LEU E 229 -34.92 -26.86 23.01
CA LEU E 229 -34.93 -26.36 21.65
C LEU E 229 -34.04 -25.15 21.58
N VAL E 230 -33.17 -25.13 20.59
CA VAL E 230 -32.23 -24.06 20.40
C VAL E 230 -32.71 -23.20 19.25
N GLU E 231 -32.04 -22.08 19.04
CA GLU E 231 -32.51 -21.11 18.06
C GLU E 231 -32.05 -21.50 16.67
N THR E 232 -32.85 -21.12 15.68
CA THR E 232 -32.48 -21.40 14.30
C THR E 232 -31.21 -20.64 13.97
N ARG E 233 -30.16 -21.37 13.62
CA ARG E 233 -28.93 -20.66 13.35
C ARG E 233 -28.56 -20.83 11.88
N PRO E 234 -27.97 -19.81 11.26
CA PRO E 234 -27.52 -19.97 9.88
C PRO E 234 -26.22 -20.76 9.83
N ALA E 235 -26.01 -21.42 8.69
CA ALA E 235 -24.80 -22.20 8.51
C ALA E 235 -23.69 -21.44 7.80
N GLY E 236 -24.01 -20.33 7.17
CA GLY E 236 -23.02 -19.57 6.43
C GLY E 236 -22.96 -19.83 4.94
N ASP E 237 -23.99 -20.45 4.36
CA ASP E 237 -24.02 -20.68 2.92
C ASP E 237 -25.41 -20.48 2.32
N GLY E 238 -26.41 -20.12 3.11
CA GLY E 238 -27.75 -19.92 2.64
C GLY E 238 -28.79 -20.81 3.30
N THR E 239 -28.36 -21.85 3.99
CA THR E 239 -29.27 -22.76 4.68
C THR E 239 -29.20 -22.50 6.18
N PHE E 240 -30.06 -23.21 6.93
CA PHE E 240 -30.18 -23.00 8.37
C PHE E 240 -30.19 -24.34 9.08
N GLN E 241 -30.04 -24.29 10.41
CA GLN E 241 -29.97 -25.48 11.25
C GLN E 241 -30.93 -25.37 12.42
N LYS E 242 -31.23 -26.51 13.02
CA LYS E 242 -32.07 -26.58 14.21
C LYS E 242 -31.88 -27.94 14.87
N TRP E 243 -32.03 -27.97 16.19
CA TRP E 243 -32.04 -29.26 16.88
C TRP E 243 -32.78 -29.15 18.20
N ALA E 244 -33.43 -30.25 18.58
CA ALA E 244 -34.20 -30.34 19.81
C ALA E 244 -33.86 -31.63 20.54
N SER E 245 -33.53 -31.51 21.82
CA SER E 245 -33.10 -32.62 22.66
C SER E 245 -34.21 -33.02 23.63
N VAL E 246 -34.07 -34.23 24.16
CA VAL E 246 -35.00 -34.74 25.17
C VAL E 246 -34.27 -35.82 25.96
N VAL E 247 -34.46 -35.79 27.28
CA VAL E 247 -33.85 -36.77 28.18
C VAL E 247 -34.86 -37.88 28.43
N VAL E 248 -34.49 -39.11 28.06
CA VAL E 248 -35.38 -40.26 28.18
C VAL E 248 -34.65 -41.34 28.96
N PRO E 249 -35.38 -42.26 29.60
CA PRO E 249 -34.71 -43.35 30.30
C PRO E 249 -34.03 -44.29 29.32
N LEU E 250 -33.07 -45.06 29.84
CA LEU E 250 -32.31 -46.00 29.02
C LEU E 250 -33.16 -47.22 28.72
N GLY E 251 -33.39 -47.48 27.43
CA GLY E 251 -34.21 -48.58 26.99
C GLY E 251 -35.50 -48.16 26.31
N LYS E 252 -35.86 -46.89 26.45
CA LYS E 252 -37.13 -46.36 25.94
C LYS E 252 -36.96 -45.46 24.72
N GLU E 253 -35.82 -45.57 24.02
CA GLU E 253 -35.57 -44.71 22.87
C GLU E 253 -36.56 -44.94 21.72
N GLN E 254 -37.23 -46.09 21.68
CA GLN E 254 -38.18 -46.38 20.61
C GLN E 254 -39.57 -45.81 20.85
N LYS E 255 -39.87 -45.29 22.03
CA LYS E 255 -41.17 -44.70 22.28
C LYS E 255 -41.26 -43.23 21.87
N TYR E 256 -40.13 -42.61 21.53
CA TYR E 256 -40.08 -41.18 21.22
C TYR E 256 -39.95 -41.01 19.72
N THR E 257 -40.80 -40.15 19.14
CA THR E 257 -40.79 -39.89 17.70
C THR E 257 -40.62 -38.40 17.48
N CYS E 258 -39.60 -38.03 16.70
CA CYS E 258 -39.36 -36.64 16.35
C CYS E 258 -40.12 -36.26 15.10
N HIS E 259 -40.87 -35.16 15.19
CA HIS E 259 -41.69 -34.64 14.10
C HIS E 259 -41.05 -33.35 13.59
N VAL E 260 -40.75 -33.32 12.30
CA VAL E 260 -40.13 -32.18 11.63
C VAL E 260 -41.08 -31.73 10.55
N GLU E 261 -41.54 -30.48 10.62
CA GLU E 261 -42.43 -29.94 9.60
C GLU E 261 -41.83 -28.66 9.03
N HIS E 262 -41.52 -28.70 7.74
CA HIS E 262 -40.98 -27.57 7.01
C HIS E 262 -41.73 -27.46 5.69
N GLU E 263 -41.75 -26.25 5.13
CA GLU E 263 -42.43 -26.06 3.85
C GLU E 263 -41.64 -26.59 2.66
N GLY E 264 -40.40 -27.02 2.87
CA GLY E 264 -39.67 -27.65 1.77
C GLY E 264 -39.78 -29.16 1.78
N LEU E 265 -40.65 -29.70 2.62
CA LEU E 265 -40.98 -31.12 2.68
C LEU E 265 -42.45 -31.29 2.32
N PRO E 266 -42.79 -32.28 1.50
CA PRO E 266 -44.21 -32.51 1.20
C PRO E 266 -44.99 -33.04 2.39
N GLU E 267 -44.33 -33.79 3.28
CA GLU E 267 -44.96 -34.35 4.46
C GLU E 267 -43.99 -34.26 5.62
N PRO E 268 -44.48 -34.10 6.84
CA PRO E 268 -43.58 -33.98 8.00
C PRO E 268 -42.81 -35.27 8.24
N LEU E 269 -41.50 -35.13 8.42
CA LEU E 269 -40.64 -36.26 8.69
C LEU E 269 -40.82 -36.73 10.14
N THR E 270 -40.98 -38.04 10.32
CA THR E 270 -41.05 -38.65 11.64
C THR E 270 -39.87 -39.59 11.79
N LEU E 271 -39.10 -39.41 12.86
CA LEU E 271 -37.85 -40.14 13.05
C LEU E 271 -37.83 -40.81 14.42
N ARG E 272 -37.24 -42.01 14.45
CA ARG E 272 -36.93 -42.73 15.68
C ARG E 272 -35.43 -43.00 15.73
N TRP E 273 -34.97 -43.43 16.89
CA TRP E 273 -33.55 -43.73 17.06
C TRP E 273 -33.19 -45.10 16.49
N ILE F 1 -28.25 0.92 29.00
CA ILE F 1 -28.60 1.01 27.59
C ILE F 1 -27.88 -0.06 26.78
N GLN F 2 -27.37 -1.09 27.46
CA GLN F 2 -26.56 -2.11 26.82
C GLN F 2 -27.17 -3.49 27.05
N LYS F 3 -26.96 -4.37 26.07
CA LYS F 3 -27.48 -5.73 26.09
C LYS F 3 -26.34 -6.70 25.78
N THR F 4 -26.22 -7.75 26.60
CA THR F 4 -25.15 -8.72 26.45
C THR F 4 -25.45 -9.69 25.29
N PRO F 5 -24.42 -10.12 24.57
CA PRO F 5 -24.63 -10.97 23.39
C PRO F 5 -24.77 -12.45 23.74
N GLN F 6 -25.43 -13.16 22.83
CA GLN F 6 -25.59 -14.61 22.91
C GLN F 6 -24.74 -15.27 21.84
N ILE F 7 -24.04 -16.34 22.21
CA ILE F 7 -22.98 -16.93 21.39
C ILE F 7 -23.31 -18.39 21.12
N GLN F 8 -23.15 -18.83 19.87
CA GLN F 8 -23.25 -20.24 19.50
C GLN F 8 -22.13 -20.61 18.54
N VAL F 9 -21.34 -21.62 18.90
CA VAL F 9 -20.25 -22.11 18.06
C VAL F 9 -20.65 -23.43 17.43
N TYR F 10 -20.46 -23.55 16.12
CA TYR F 10 -20.84 -24.78 15.43
C TYR F 10 -20.15 -24.83 14.08
N SER F 11 -20.14 -26.01 13.47
CA SER F 11 -19.55 -26.18 12.15
C SER F 11 -20.61 -26.03 11.07
N ARG F 12 -20.17 -25.54 9.90
CA ARG F 12 -21.09 -25.36 8.79
C ARG F 12 -21.63 -26.71 8.33
N HIS F 13 -20.73 -27.63 8.03
CA HIS F 13 -21.08 -29.01 7.73
C HIS F 13 -20.83 -29.86 8.97
N PRO F 14 -21.61 -30.93 9.16
CA PRO F 14 -21.40 -31.82 10.32
C PRO F 14 -19.98 -32.34 10.40
N PRO F 15 -19.36 -32.27 11.58
CA PRO F 15 -17.93 -32.55 11.69
C PRO F 15 -17.60 -34.03 11.56
N GLU F 16 -16.45 -34.29 10.94
CA GLU F 16 -15.87 -35.62 10.83
C GLU F 16 -14.37 -35.49 11.02
N ASN F 17 -13.74 -36.55 11.53
CA ASN F 17 -12.34 -36.48 11.89
C ASN F 17 -11.47 -36.26 10.66
N GLY F 18 -10.65 -35.21 10.68
CA GLY F 18 -9.73 -34.98 9.58
C GLY F 18 -10.34 -34.46 8.30
N LYS F 19 -11.39 -33.65 8.37
CA LYS F 19 -12.03 -33.18 7.15
C LYS F 19 -12.07 -31.65 7.09
N PRO F 20 -11.84 -31.06 5.91
CA PRO F 20 -11.87 -29.60 5.79
C PRO F 20 -13.23 -28.97 6.03
N ASN F 21 -13.64 -28.85 7.29
CA ASN F 21 -14.88 -28.19 7.62
C ASN F 21 -14.54 -26.81 8.20
N ILE F 22 -15.50 -25.90 8.10
CA ILE F 22 -15.33 -24.53 8.59
C ILE F 22 -16.24 -24.33 9.79
N LEU F 23 -15.65 -23.85 10.89
CA LEU F 23 -16.39 -23.58 12.12
C LEU F 23 -16.69 -22.10 12.22
N ASN F 24 -17.92 -21.78 12.62
CA ASN F 24 -18.38 -20.40 12.72
C ASN F 24 -19.04 -20.16 14.07
N CYS F 25 -18.95 -18.90 14.49
CA CYS F 25 -19.46 -18.39 15.75
C CYS F 25 -20.54 -17.36 15.45
N TYR F 26 -21.74 -17.60 15.95
CA TYR F 26 -22.93 -16.79 15.68
C TYR F 26 -23.28 -16.01 16.95
N VAL F 27 -23.12 -14.69 16.90
CA VAL F 27 -23.31 -13.82 18.05
C VAL F 27 -24.49 -12.89 17.77
N THR F 28 -25.52 -12.98 18.60
CA THR F 28 -26.78 -12.29 18.38
C THR F 28 -27.15 -11.46 19.60
N GLN F 29 -28.01 -10.46 19.38
CA GLN F 29 -28.75 -9.79 20.45
C GLN F 29 -27.82 -9.02 21.39
N PHE F 30 -27.25 -7.95 20.85
CA PHE F 30 -26.38 -7.10 21.66
C PHE F 30 -26.50 -5.65 21.22
N HIS F 31 -25.96 -4.76 22.05
CA HIS F 31 -25.94 -3.32 21.82
C HIS F 31 -25.02 -2.69 22.87
N PRO F 32 -24.13 -1.75 22.49
CA PRO F 32 -23.90 -1.21 21.14
C PRO F 32 -23.20 -2.20 20.21
N PRO F 33 -23.13 -1.91 18.89
CA PRO F 33 -22.60 -2.91 17.95
C PRO F 33 -21.08 -2.97 17.86
N HIS F 34 -20.37 -2.52 18.90
CA HIS F 34 -18.91 -2.58 18.92
C HIS F 34 -18.49 -3.77 19.77
N ILE F 35 -18.23 -4.91 19.12
CA ILE F 35 -17.78 -6.12 19.78
C ILE F 35 -16.57 -6.66 19.04
N GLU F 36 -15.82 -7.52 19.73
CA GLU F 36 -14.68 -8.21 19.13
C GLU F 36 -14.87 -9.71 19.30
N ILE F 37 -14.70 -10.46 18.22
CA ILE F 37 -14.84 -11.91 18.21
C ILE F 37 -13.52 -12.52 17.79
N GLN F 38 -12.96 -13.37 18.65
CA GLN F 38 -11.74 -14.10 18.34
C GLN F 38 -12.08 -15.58 18.28
N MET F 39 -11.62 -16.24 17.21
CA MET F 39 -11.80 -17.68 17.04
C MET F 39 -10.52 -18.38 17.49
N LEU F 40 -10.33 -18.43 18.80
CA LEU F 40 -9.09 -18.97 19.32
C LEU F 40 -9.20 -20.48 19.41
N LYS F 41 -8.28 -21.16 18.75
CA LYS F 41 -8.15 -22.62 18.78
C LYS F 41 -6.91 -22.99 19.56
N ASN F 42 -7.09 -23.82 20.59
CA ASN F 42 -6.01 -24.25 21.49
C ASN F 42 -5.38 -23.07 22.23
N GLY F 43 -6.15 -22.01 22.44
CA GLY F 43 -5.72 -20.84 23.18
C GLY F 43 -5.19 -19.73 22.31
N LYS F 44 -4.71 -20.06 21.11
CA LYS F 44 -4.20 -19.08 20.18
C LYS F 44 -5.27 -18.73 19.16
N LYS F 45 -5.28 -17.49 18.74
CA LYS F 45 -6.31 -16.97 17.85
C LYS F 45 -6.08 -17.45 16.42
N ILE F 46 -7.13 -18.00 15.81
CA ILE F 46 -7.05 -18.34 14.39
C ILE F 46 -6.90 -17.05 13.60
N PRO F 47 -6.12 -17.03 12.52
CA PRO F 47 -5.79 -15.74 11.88
C PRO F 47 -6.91 -15.13 11.05
N LYS F 48 -7.43 -15.87 10.07
CA LYS F 48 -8.42 -15.37 9.12
C LYS F 48 -9.83 -15.45 9.70
N VAL F 49 -10.17 -14.47 10.54
CA VAL F 49 -11.48 -14.37 11.18
C VAL F 49 -12.35 -13.47 10.31
N GLU F 50 -13.04 -14.06 9.35
CA GLU F 50 -13.93 -13.34 8.44
C GLU F 50 -15.31 -13.13 9.06
N MET F 51 -15.73 -11.86 9.13
CA MET F 51 -17.02 -11.48 9.68
C MET F 51 -17.96 -11.00 8.57
N SER F 52 -19.26 -11.00 8.87
CA SER F 52 -20.30 -10.68 7.89
C SER F 52 -20.89 -9.29 8.13
N ASP F 53 -22.00 -9.00 7.42
CA ASP F 53 -22.61 -7.68 7.48
C ASP F 53 -23.25 -7.45 8.85
N MET F 54 -22.86 -6.38 9.51
CA MET F 54 -23.36 -6.03 10.84
C MET F 54 -24.73 -5.36 10.77
N SER F 55 -25.77 -6.18 10.56
CA SER F 55 -27.14 -5.70 10.54
C SER F 55 -27.82 -5.99 11.88
N PHE F 56 -29.09 -5.61 11.99
CA PHE F 56 -29.83 -5.77 13.24
C PHE F 56 -31.24 -6.27 12.93
N SER F 57 -31.88 -6.83 13.95
CA SER F 57 -33.24 -7.35 13.83
C SER F 57 -34.24 -6.29 14.27
N LYS F 58 -35.52 -6.68 14.38
CA LYS F 58 -36.56 -5.73 14.77
C LYS F 58 -36.37 -5.22 16.19
N ASP F 59 -35.72 -6.00 17.05
CA ASP F 59 -35.44 -5.55 18.41
C ASP F 59 -34.34 -4.52 18.47
N TRP F 60 -33.78 -4.13 17.31
CA TRP F 60 -32.68 -3.18 17.16
C TRP F 60 -31.37 -3.76 17.67
N SER F 61 -31.37 -5.00 18.17
CA SER F 61 -30.14 -5.65 18.59
C SER F 61 -29.42 -6.21 17.37
N PHE F 62 -28.10 -6.13 17.40
CA PHE F 62 -27.28 -6.50 16.26
C PHE F 62 -26.89 -7.97 16.33
N TYR F 63 -26.54 -8.53 15.17
CA TYR F 63 -26.03 -9.89 15.09
C TYR F 63 -24.88 -9.92 14.10
N ILE F 64 -24.08 -10.97 14.19
CA ILE F 64 -22.91 -11.13 13.32
C ILE F 64 -22.48 -12.59 13.36
N LEU F 65 -21.75 -13.01 12.34
CA LEU F 65 -21.29 -14.38 12.18
C LEU F 65 -19.84 -14.36 11.74
N ALA F 66 -18.97 -15.06 12.48
CA ALA F 66 -17.54 -15.07 12.20
C ALA F 66 -17.08 -16.51 12.01
N HIS F 67 -16.62 -16.83 10.80
CA HIS F 67 -16.25 -18.19 10.45
C HIS F 67 -14.77 -18.29 10.09
N THR F 68 -14.25 -19.51 10.21
CA THR F 68 -12.88 -19.79 9.79
C THR F 68 -12.77 -21.29 9.52
N GLU F 69 -11.89 -21.65 8.58
CA GLU F 69 -11.64 -23.05 8.29
C GLU F 69 -10.77 -23.67 9.38
N PHE F 70 -11.13 -24.87 9.81
CA PHE F 70 -10.37 -25.57 10.84
C PHE F 70 -10.70 -27.06 10.73
N THR F 71 -9.73 -27.84 10.31
CA THR F 71 -9.93 -29.28 10.24
C THR F 71 -9.98 -29.87 11.65
N PRO F 72 -11.15 -30.31 12.12
CA PRO F 72 -11.27 -30.79 13.50
C PRO F 72 -10.79 -32.23 13.64
N THR F 73 -9.89 -32.45 14.59
CA THR F 73 -9.49 -33.77 15.00
C THR F 73 -10.09 -34.02 16.38
N GLU F 74 -10.11 -35.28 16.79
CA GLU F 74 -10.74 -35.57 18.08
C GLU F 74 -9.92 -35.05 19.26
N THR F 75 -8.66 -34.69 19.05
CA THR F 75 -7.82 -34.12 20.10
C THR F 75 -7.30 -32.75 19.67
N ASP F 76 -8.20 -31.79 19.51
CA ASP F 76 -7.82 -30.42 19.21
C ASP F 76 -8.91 -29.51 19.76
N THR F 77 -8.54 -28.49 20.51
CA THR F 77 -9.51 -27.62 21.16
C THR F 77 -9.66 -26.31 20.42
N TYR F 78 -10.92 -25.97 20.10
CA TYR F 78 -11.27 -24.72 19.43
C TYR F 78 -12.39 -24.06 20.21
N ALA F 79 -12.37 -22.73 20.28
CA ALA F 79 -13.37 -21.98 21.03
C ALA F 79 -13.59 -20.63 20.37
N CYS F 80 -14.61 -19.93 20.85
CA CYS F 80 -14.94 -18.58 20.36
C CYS F 80 -15.10 -17.67 21.57
N ARG F 81 -14.30 -16.60 21.62
CA ARG F 81 -14.38 -15.61 22.69
C ARG F 81 -14.89 -14.29 22.13
N VAL F 82 -15.85 -13.69 22.84
CA VAL F 82 -16.42 -12.40 22.47
C VAL F 82 -16.17 -11.42 23.61
N LYS F 83 -15.78 -10.20 23.25
CA LYS F 83 -15.60 -9.10 24.19
C LYS F 83 -16.44 -7.92 23.72
N HIS F 84 -17.48 -7.60 24.51
CA HIS F 84 -18.41 -6.52 24.23
C HIS F 84 -18.38 -5.55 25.40
N ALA F 85 -18.83 -4.31 25.15
CA ALA F 85 -18.81 -3.27 26.19
C ALA F 85 -19.57 -3.69 27.44
N SER F 86 -20.66 -4.43 27.28
CA SER F 86 -21.49 -4.86 28.41
C SER F 86 -20.89 -6.03 29.19
N MET F 87 -19.94 -6.75 28.61
CA MET F 87 -19.40 -7.92 29.28
C MET F 87 -18.33 -7.48 30.28
N ALA F 88 -18.57 -7.77 31.57
CA ALA F 88 -17.60 -7.40 32.59
C ALA F 88 -16.24 -8.01 32.29
N GLU F 89 -16.22 -9.23 31.76
CA GLU F 89 -15.02 -9.92 31.32
C GLU F 89 -15.38 -10.69 30.06
N PRO F 90 -14.43 -10.86 29.13
CA PRO F 90 -14.77 -11.49 27.85
C PRO F 90 -15.30 -12.91 28.05
N LYS F 91 -16.37 -13.24 27.33
CA LYS F 91 -17.02 -14.53 27.47
C LYS F 91 -16.56 -15.46 26.35
N THR F 92 -15.98 -16.59 26.73
CA THR F 92 -15.51 -17.60 25.79
C THR F 92 -16.31 -18.89 25.92
N VAL F 93 -16.69 -19.47 24.79
CA VAL F 93 -17.45 -20.72 24.75
C VAL F 93 -16.71 -21.69 23.84
N TYR F 94 -16.45 -22.91 24.34
CA TYR F 94 -15.70 -23.90 23.57
C TYR F 94 -16.63 -24.65 22.63
N TRP F 95 -17.57 -25.41 23.19
CA TRP F 95 -18.62 -26.10 22.45
C TRP F 95 -18.11 -26.91 21.26
N ASP F 96 -18.61 -26.60 20.06
CA ASP F 96 -18.31 -27.30 18.81
C ASP F 96 -18.90 -28.71 18.80
N ARG F 97 -19.10 -29.29 19.98
CA ARG F 97 -19.71 -30.60 20.10
C ARG F 97 -21.13 -30.61 19.55
N ASP F 98 -21.66 -31.82 19.39
CA ASP F 98 -23.00 -32.01 18.86
C ASP F 98 -24.04 -31.48 19.84
N ARG G 1 -35.01 -0.81 -4.83
CA ARG G 1 -34.41 0.41 -4.30
C ARG G 1 -34.85 0.63 -2.87
N GLY G 2 -34.11 1.46 -2.14
CA GLY G 2 -34.42 1.73 -0.75
C GLY G 2 -35.04 3.10 -0.55
N PRO G 3 -35.31 3.43 0.70
CA PRO G 3 -35.94 4.72 0.99
C PRO G 3 -34.92 5.84 1.07
N GLY G 4 -35.36 7.03 0.68
CA GLY G 4 -34.56 8.24 0.73
C GLY G 4 -35.01 9.11 1.89
N ARG G 5 -34.05 9.81 2.49
CA ARG G 5 -34.29 10.70 3.65
C ARG G 5 -34.97 12.00 3.21
N ALA G 6 -34.72 12.40 1.97
CA ALA G 6 -35.27 13.64 1.43
C ALA G 6 -35.05 14.82 2.39
N PHE G 7 -33.97 14.73 3.18
CA PHE G 7 -33.56 15.80 4.09
C PHE G 7 -34.61 16.10 5.17
N VAL G 8 -35.24 15.06 5.71
CA VAL G 8 -36.17 15.24 6.83
C VAL G 8 -35.33 15.05 8.10
N THR G 9 -34.71 16.14 8.53
CA THR G 9 -33.84 16.09 9.70
C THR G 9 -34.65 15.96 10.99
N ILE G 10 -34.11 15.23 11.95
CA ILE G 10 -34.75 15.08 13.26
C ILE G 10 -34.86 16.43 13.94
N GLN H 1 -5.69 8.53 -22.21
CA GLN H 1 -6.39 8.05 -23.40
C GLN H 1 -5.88 6.70 -23.84
N VAL H 2 -4.56 6.63 -24.07
CA VAL H 2 -3.86 5.45 -24.55
C VAL H 2 -4.62 4.78 -25.69
N THR H 3 -5.75 4.14 -25.36
CA THR H 3 -6.69 3.46 -26.26
C THR H 3 -6.09 2.91 -27.55
N LEU H 4 -5.85 1.60 -27.56
CA LEU H 4 -5.39 0.89 -28.75
C LEU H 4 -6.43 -0.13 -29.17
N LYS H 5 -6.62 -0.27 -30.48
CA LYS H 5 -7.68 -1.06 -31.09
C LYS H 5 -7.09 -2.05 -32.06
N GLU H 6 -7.53 -3.30 -31.97
CA GLU H 6 -7.11 -4.34 -32.89
C GLU H 6 -8.06 -4.37 -34.07
N SER H 7 -7.50 -4.60 -35.25
CA SER H 7 -8.28 -4.72 -36.48
C SER H 7 -7.67 -5.84 -37.30
N GLY H 8 -8.51 -6.76 -37.75
CA GLY H 8 -8.03 -7.91 -38.48
C GLY H 8 -9.19 -8.75 -38.97
N PRO H 9 -8.95 -9.50 -40.03
CA PRO H 9 -10.04 -10.30 -40.63
C PRO H 9 -10.25 -11.59 -39.86
N GLY H 10 -11.48 -11.80 -39.39
CA GLY H 10 -11.86 -13.09 -38.87
C GLY H 10 -12.20 -14.06 -39.99
N MET H 11 -12.21 -15.34 -39.65
CA MET H 11 -12.54 -16.39 -40.61
C MET H 11 -11.54 -16.39 -41.77
N LEU H 12 -10.42 -17.08 -41.58
CA LEU H 12 -9.40 -17.26 -42.61
C LEU H 12 -9.28 -18.73 -42.97
N GLN H 13 -8.95 -18.98 -44.24
CA GLN H 13 -8.70 -20.36 -44.64
C GLN H 13 -7.27 -20.75 -44.29
N PRO H 14 -7.02 -22.03 -44.01
CA PRO H 14 -5.68 -22.48 -43.64
C PRO H 14 -4.68 -22.22 -44.76
N SER H 15 -3.40 -22.25 -44.39
CA SER H 15 -2.25 -22.05 -45.28
C SER H 15 -2.23 -20.68 -45.92
N LYS H 16 -3.03 -19.74 -45.42
CA LYS H 16 -3.05 -18.39 -45.98
C LYS H 16 -2.18 -17.50 -45.10
N THR H 17 -2.32 -16.19 -45.22
CA THR H 17 -1.50 -15.25 -44.46
C THR H 17 -2.39 -14.29 -43.70
N LEU H 18 -2.24 -14.28 -42.37
CA LEU H 18 -3.04 -13.43 -41.50
C LEU H 18 -2.30 -12.10 -41.26
N SER H 19 -3.03 -10.99 -41.41
CA SER H 19 -2.46 -9.66 -41.27
C SER H 19 -3.32 -8.86 -40.28
N LEU H 20 -2.80 -8.61 -39.09
CA LEU H 20 -3.48 -7.80 -38.09
C LEU H 20 -2.80 -6.43 -37.97
N THR H 21 -3.60 -5.43 -37.59
CA THR H 21 -3.10 -4.08 -37.32
C THR H 21 -3.62 -3.60 -35.97
N CYS H 22 -2.80 -2.83 -35.29
CA CYS H 22 -3.10 -2.26 -33.98
C CYS H 22 -2.95 -0.75 -34.08
N SER H 23 -4.02 -0.02 -33.80
CA SER H 23 -4.03 1.43 -33.92
C SER H 23 -4.19 2.04 -32.54
N PHE H 24 -3.27 2.92 -32.16
CA PHE H 24 -3.27 3.52 -30.83
C PHE H 24 -3.29 5.02 -30.95
N SER H 25 -4.03 5.67 -30.04
CA SER H 25 -4.15 7.13 -30.01
C SER H 25 -3.99 7.60 -28.56
N GLY H 26 -2.75 7.85 -28.16
CA GLY H 26 -2.45 8.34 -26.83
C GLY H 26 -0.95 8.46 -26.68
N PHE H 27 -0.23 7.58 -27.37
CA PHE H 27 1.22 7.61 -27.40
C PHE H 27 1.66 7.40 -28.85
N SER H 28 2.96 7.59 -29.10
CA SER H 28 3.54 7.42 -30.42
C SER H 28 4.84 6.63 -30.33
N LEU H 29 5.06 5.72 -31.29
CA LEU H 29 6.34 5.02 -31.37
C LEU H 29 7.43 5.89 -31.98
N SER H 30 7.36 7.21 -31.76
CA SER H 30 8.37 8.13 -32.24
C SER H 30 9.53 8.22 -31.27
N THR H 31 9.90 9.44 -30.89
CA THR H 31 10.94 9.69 -29.89
C THR H 31 10.39 9.44 -28.49
N SER H 32 9.73 8.29 -28.36
CA SER H 32 9.10 7.82 -27.14
C SER H 32 9.62 6.44 -26.75
N GLY H 33 9.85 6.22 -25.46
CA GLY H 33 10.36 4.95 -24.99
C GLY H 33 9.36 3.80 -24.95
N LEU H 34 8.29 3.84 -25.73
CA LEU H 34 7.24 2.83 -25.65
C LEU H 34 7.43 1.77 -26.72
N VAL H 35 6.95 0.57 -26.42
CA VAL H 35 7.08 -0.60 -27.29
C VAL H 35 5.72 -1.29 -27.32
N VAL H 36 5.39 -1.91 -28.46
CA VAL H 36 4.10 -2.56 -28.61
C VAL H 36 4.30 -4.04 -28.88
N ASN H 37 3.60 -4.88 -28.11
CA ASN H 37 3.74 -6.33 -28.21
C ASN H 37 2.40 -6.99 -28.49
N TRP H 38 2.43 -7.99 -29.37
CA TRP H 38 1.27 -8.80 -29.73
C TRP H 38 1.16 -10.03 -28.84
N ILE H 39 -0.05 -10.28 -28.35
CA ILE H 39 -0.34 -11.45 -27.53
C ILE H 39 -1.53 -12.16 -28.15
N ARG H 40 -1.54 -13.49 -28.10
CA ARG H 40 -2.69 -14.25 -28.57
C ARG H 40 -3.15 -15.21 -27.47
N GLN H 41 -4.45 -15.48 -27.47
CA GLN H 41 -5.02 -16.40 -26.49
C GLN H 41 -6.06 -17.29 -27.16
N PRO H 42 -5.80 -18.59 -27.25
CA PRO H 42 -6.84 -19.53 -27.70
C PRO H 42 -7.91 -19.72 -26.64
N SER H 43 -9.17 -19.64 -27.05
CA SER H 43 -10.29 -19.66 -26.12
C SER H 43 -10.23 -20.89 -25.23
N GLY H 44 -10.23 -20.66 -23.92
CA GLY H 44 -10.15 -21.75 -22.97
C GLY H 44 -8.75 -22.18 -22.60
N LYS H 45 -7.72 -21.47 -23.04
CA LYS H 45 -6.34 -21.87 -22.78
C LYS H 45 -5.57 -20.68 -22.20
N SER H 46 -4.23 -20.79 -22.21
CA SER H 46 -3.38 -19.80 -21.58
C SER H 46 -2.93 -18.76 -22.60
N LEU H 47 -2.51 -17.61 -22.08
CA LEU H 47 -2.03 -16.53 -22.94
C LEU H 47 -0.64 -16.87 -23.48
N GLU H 48 -0.43 -16.53 -24.75
CA GLU H 48 0.86 -16.74 -25.40
C GLU H 48 1.34 -15.42 -25.98
N TRP H 49 2.59 -15.07 -25.70
CA TRP H 49 3.22 -13.88 -26.25
C TRP H 49 3.83 -14.21 -27.61
N LEU H 50 3.51 -13.40 -28.62
CA LEU H 50 3.97 -13.71 -29.97
C LEU H 50 5.20 -12.89 -30.35
N ALA H 51 5.05 -11.58 -30.44
CA ALA H 51 6.14 -10.73 -30.89
C ALA H 51 6.03 -9.38 -30.22
N ALA H 52 7.02 -8.54 -30.48
CA ALA H 52 7.07 -7.20 -29.92
C ALA H 52 7.96 -6.35 -30.81
N ILE H 53 7.69 -5.05 -30.83
CA ILE H 53 8.43 -4.14 -31.67
C ILE H 53 8.64 -2.86 -30.88
N ASP H 54 9.90 -2.44 -30.78
CA ASP H 54 10.26 -1.18 -30.15
C ASP H 54 10.03 -0.01 -31.09
N TRP H 55 10.05 1.20 -30.52
CA TRP H 55 9.91 2.41 -31.31
C TRP H 55 11.11 2.63 -32.23
N ASP H 56 12.29 2.08 -31.86
CA ASP H 56 13.43 2.08 -32.79
C ASP H 56 13.03 1.52 -34.13
N GLY H 57 12.35 0.38 -34.09
CA GLY H 57 12.15 -0.49 -35.24
C GLY H 57 12.68 -1.88 -34.98
N ASP H 58 13.41 -2.02 -33.88
CA ASP H 58 13.93 -3.32 -33.45
C ASP H 58 12.77 -4.26 -33.17
N GLU H 59 12.89 -5.50 -33.62
CA GLU H 59 11.81 -6.48 -33.46
C GLU H 59 12.28 -7.66 -32.62
N TYR H 60 11.40 -8.19 -31.79
CA TYR H 60 11.63 -9.37 -30.98
C TYR H 60 10.51 -10.35 -31.24
N TYR H 61 10.85 -11.63 -31.25
CA TYR H 61 9.91 -12.69 -31.58
C TYR H 61 10.03 -13.82 -30.56
N ASN H 62 8.98 -14.63 -30.53
CA ASN H 62 8.97 -15.84 -29.74
C ASN H 62 9.48 -16.99 -30.59
N PRO H 63 10.61 -17.60 -30.28
CA PRO H 63 11.16 -18.64 -31.16
C PRO H 63 10.26 -19.86 -31.29
N SER H 64 9.24 -20.00 -30.45
CA SER H 64 8.35 -21.16 -30.52
C SER H 64 7.64 -21.28 -31.86
N PRO H 65 6.92 -20.26 -32.38
CA PRO H 65 6.50 -20.32 -33.79
C PRO H 65 7.66 -20.14 -34.74
N LYS H 66 8.15 -21.27 -35.27
CA LYS H 66 9.36 -21.43 -36.08
C LYS H 66 9.88 -20.13 -36.67
N SER H 67 9.32 -19.72 -37.81
CA SER H 67 9.78 -18.50 -38.48
C SER H 67 8.67 -17.88 -39.34
N ARG H 68 7.42 -18.02 -38.91
CA ARG H 68 6.27 -17.56 -39.70
C ARG H 68 5.78 -16.19 -39.26
N LEU H 69 6.38 -15.59 -38.24
CA LEU H 69 5.95 -14.30 -37.71
C LEU H 69 6.78 -13.15 -38.28
N THR H 70 6.13 -12.03 -38.54
CA THR H 70 6.85 -10.80 -38.92
C THR H 70 6.05 -9.60 -38.45
N VAL H 71 6.64 -8.81 -37.54
CA VAL H 71 6.00 -7.63 -36.99
C VAL H 71 6.73 -6.39 -37.49
N SER H 72 5.96 -5.35 -37.82
CA SER H 72 6.53 -4.15 -38.42
C SER H 72 5.67 -2.95 -38.11
N LYS H 73 6.30 -1.78 -38.01
CA LYS H 73 5.61 -0.53 -37.75
C LYS H 73 5.51 0.32 -39.02
N ASP H 74 4.65 1.34 -38.93
CA ASP H 74 4.38 2.29 -39.99
C ASP H 74 5.48 3.36 -40.04
N THR H 75 5.54 4.05 -41.19
CA THR H 75 6.40 5.24 -41.24
C THR H 75 5.79 6.39 -40.44
N SER H 76 4.55 6.23 -39.99
CA SER H 76 3.84 7.20 -39.16
C SER H 76 3.51 6.47 -37.87
N ASN H 77 4.26 6.77 -36.81
CA ASN H 77 4.09 6.18 -35.50
C ASN H 77 2.66 6.30 -34.96
N THR H 78 1.80 5.37 -35.35
CA THR H 78 0.39 5.40 -34.95
C THR H 78 -0.27 4.06 -35.24
N GLN H 79 0.52 3.08 -35.67
CA GLN H 79 -0.01 1.76 -36.00
C GLN H 79 1.12 0.74 -35.96
N VAL H 80 0.75 -0.52 -35.70
CA VAL H 80 1.69 -1.63 -35.64
C VAL H 80 1.04 -2.85 -36.28
N PHE H 81 1.74 -3.49 -37.21
CA PHE H 81 1.20 -4.58 -37.99
C PHE H 81 1.90 -5.88 -37.64
N LEU H 82 1.15 -6.98 -37.67
CA LEU H 82 1.68 -8.32 -37.50
C LEU H 82 1.22 -9.20 -38.66
N LYS H 83 2.15 -9.97 -39.21
CA LYS H 83 1.87 -10.86 -40.34
C LYS H 83 2.32 -12.27 -39.98
N ILE H 84 1.40 -13.23 -40.10
CA ILE H 84 1.68 -14.64 -39.85
C ILE H 84 1.46 -15.41 -41.14
N THR H 85 2.52 -16.00 -41.66
CA THR H 85 2.47 -16.76 -42.90
C THR H 85 2.17 -18.23 -42.63
N SER H 86 1.43 -18.85 -43.55
CA SER H 86 1.01 -20.25 -43.46
C SER H 86 0.23 -20.51 -42.16
N VAL H 87 -0.93 -19.87 -42.09
CA VAL H 87 -1.77 -19.96 -40.91
C VAL H 87 -2.39 -21.34 -40.81
N ASP H 88 -2.57 -21.82 -39.58
CA ASP H 88 -3.03 -23.17 -39.30
C ASP H 88 -4.32 -23.07 -38.48
N THR H 89 -5.07 -24.16 -38.46
CA THR H 89 -6.30 -24.21 -37.66
C THR H 89 -6.01 -24.09 -36.18
N VAL H 90 -4.76 -24.34 -35.76
CA VAL H 90 -4.40 -24.19 -34.35
C VAL H 90 -4.22 -22.74 -33.95
N ASP H 91 -4.12 -21.83 -34.92
CA ASP H 91 -3.93 -20.42 -34.64
C ASP H 91 -5.24 -19.68 -34.39
N THR H 92 -6.36 -20.40 -34.31
CA THR H 92 -7.63 -19.77 -34.00
C THR H 92 -7.60 -19.28 -32.56
N ALA H 93 -7.81 -17.98 -32.36
CA ALA H 93 -7.65 -17.38 -31.05
C ALA H 93 -8.14 -15.93 -31.11
N THR H 94 -8.12 -15.28 -29.95
CA THR H 94 -8.33 -13.84 -29.87
C THR H 94 -7.00 -13.17 -29.63
N TYR H 95 -6.73 -12.11 -30.39
CA TYR H 95 -5.42 -11.47 -30.40
C TYR H 95 -5.54 -10.07 -29.84
N TYR H 96 -4.64 -9.72 -28.93
CA TYR H 96 -4.54 -8.39 -28.33
C TYR H 96 -3.18 -7.77 -28.66
N CYS H 97 -3.13 -6.44 -28.59
CA CYS H 97 -1.88 -5.70 -28.59
C CYS H 97 -1.79 -4.88 -27.31
N ALA H 98 -0.61 -4.90 -26.68
CA ALA H 98 -0.40 -4.23 -25.41
C ALA H 98 0.82 -3.31 -25.49
N ARG H 99 0.82 -2.30 -24.62
CA ARG H 99 1.90 -1.32 -24.52
C ARG H 99 2.82 -1.67 -23.36
N SER H 100 4.12 -1.46 -23.55
CA SER H 100 5.10 -1.55 -22.48
C SER H 100 6.10 -0.41 -22.62
N ARG H 101 6.88 -0.18 -21.57
CA ARG H 101 7.92 0.83 -21.59
C ARG H 101 9.29 0.17 -21.55
N ARG H 102 10.21 0.71 -22.33
CA ARG H 102 11.58 0.21 -22.37
C ARG H 102 12.37 0.85 -21.24
N TYR H 103 12.87 0.02 -20.32
CA TYR H 103 13.69 0.49 -19.22
C TYR H 103 15.09 -0.08 -19.43
N GLY H 104 15.93 0.68 -20.13
CA GLY H 104 17.25 0.20 -20.45
C GLY H 104 17.28 -0.97 -21.41
N ARG H 105 17.39 -2.18 -20.86
CA ARG H 105 17.49 -3.39 -21.64
C ARG H 105 16.25 -4.27 -21.57
N TYR H 106 15.42 -4.09 -20.55
CA TYR H 106 14.28 -4.95 -20.32
C TYR H 106 12.97 -4.23 -20.60
N SER H 107 11.94 -5.01 -20.90
CA SER H 107 10.59 -4.50 -20.99
C SER H 107 9.95 -4.52 -19.60
N GLY H 108 8.82 -3.84 -19.46
CA GLY H 108 8.23 -3.77 -18.13
C GLY H 108 6.72 -3.72 -18.04
N ALA H 109 6.09 -4.90 -18.02
CA ALA H 109 4.64 -5.08 -17.89
C ALA H 109 3.81 -4.33 -18.92
N PHE H 110 2.57 -4.77 -19.10
CA PHE H 110 1.70 -4.22 -20.14
C PHE H 110 0.74 -3.23 -19.49
N ASP H 111 0.92 -1.94 -19.78
CA ASP H 111 0.10 -0.92 -19.15
C ASP H 111 -1.35 -1.00 -19.62
N TYR H 112 -1.57 -0.80 -20.92
CA TYR H 112 -2.90 -0.82 -21.51
C TYR H 112 -2.98 -1.91 -22.57
N TRP H 113 -4.13 -2.56 -22.64
CA TRP H 113 -4.41 -3.60 -23.63
C TRP H 113 -5.50 -3.15 -24.59
N GLY H 114 -5.47 -3.72 -25.80
CA GLY H 114 -6.53 -3.48 -26.75
C GLY H 114 -7.81 -4.21 -26.35
N LEU H 115 -8.76 -4.24 -27.28
CA LEU H 115 -10.03 -4.90 -27.04
C LEU H 115 -10.00 -6.38 -27.44
N GLY H 116 -9.22 -6.73 -28.45
CA GLY H 116 -9.10 -8.10 -28.90
C GLY H 116 -9.85 -8.31 -30.21
N VAL H 117 -9.21 -9.03 -31.13
CA VAL H 117 -9.81 -9.40 -32.41
C VAL H 117 -9.83 -10.91 -32.50
N MET H 118 -11.01 -11.46 -32.79
CA MET H 118 -11.19 -12.91 -32.89
C MET H 118 -10.89 -13.35 -34.31
N VAL H 119 -9.92 -14.26 -34.46
CA VAL H 119 -9.64 -14.85 -35.75
C VAL H 119 -9.80 -16.36 -35.61
N THR H 120 -10.41 -16.97 -36.61
CA THR H 120 -10.69 -18.41 -36.62
C THR H 120 -10.26 -18.96 -37.96
N VAL H 121 -9.62 -20.12 -37.93
CA VAL H 121 -9.07 -20.75 -39.13
C VAL H 121 -9.73 -22.09 -39.30
N SER H 122 -10.43 -22.27 -40.41
CA SER H 122 -11.13 -23.51 -40.70
C SER H 122 -11.43 -23.53 -42.19
N SER H 123 -11.34 -24.72 -42.80
CA SER H 123 -11.56 -24.83 -44.23
C SER H 123 -13.03 -24.81 -44.63
N ALA H 124 -13.95 -25.01 -43.68
CA ALA H 124 -15.36 -25.08 -44.02
C ALA H 124 -15.87 -23.70 -44.42
N GLU H 125 -16.86 -23.68 -45.31
CA GLU H 125 -17.49 -22.43 -45.73
C GLU H 125 -18.80 -22.24 -44.98
N THR H 126 -19.35 -21.03 -45.09
CA THR H 126 -20.54 -20.66 -44.36
C THR H 126 -21.72 -21.53 -44.76
N THR H 127 -22.39 -22.12 -43.77
CA THR H 127 -23.58 -22.93 -43.99
C THR H 127 -24.72 -22.40 -43.13
N ALA H 128 -25.92 -22.88 -43.41
CA ALA H 128 -27.14 -22.55 -42.68
C ALA H 128 -27.50 -23.66 -41.69
N PRO H 129 -27.95 -23.27 -40.50
CA PRO H 129 -28.30 -24.25 -39.46
C PRO H 129 -29.55 -25.06 -39.77
N SER H 130 -29.51 -26.33 -39.37
CA SER H 130 -30.67 -27.22 -39.35
C SER H 130 -31.20 -27.30 -37.92
N VAL H 131 -32.49 -26.97 -37.73
CA VAL H 131 -33.11 -26.92 -36.41
C VAL H 131 -34.02 -28.13 -36.24
N TYR H 132 -33.97 -28.74 -35.04
CA TYR H 132 -34.75 -29.92 -34.73
C TYR H 132 -35.37 -29.78 -33.35
N PRO H 133 -36.59 -30.28 -33.16
CA PRO H 133 -37.23 -30.20 -31.84
C PRO H 133 -36.73 -31.32 -30.93
N LEU H 134 -36.96 -31.13 -29.64
CA LEU H 134 -36.58 -32.12 -28.62
C LEU H 134 -37.74 -32.23 -27.65
N ALA H 135 -38.52 -33.30 -27.81
CA ALA H 135 -39.73 -33.57 -27.04
C ALA H 135 -39.43 -34.50 -25.88
N PRO H 136 -40.26 -34.46 -24.83
CA PRO H 136 -40.04 -35.34 -23.68
C PRO H 136 -40.14 -36.83 -24.00
N GLY H 137 -39.87 -37.65 -22.98
CA GLY H 137 -39.94 -39.09 -23.16
C GLY H 137 -41.35 -39.53 -23.52
N THR H 138 -41.42 -40.56 -24.37
CA THR H 138 -42.71 -41.04 -24.84
C THR H 138 -43.57 -41.61 -23.72
N ALA H 139 -42.93 -42.12 -22.66
CA ALA H 139 -43.66 -42.63 -21.50
C ALA H 139 -43.39 -41.80 -20.26
N LEU H 140 -43.70 -40.52 -20.28
CA LEU H 140 -43.41 -39.67 -19.13
C LEU H 140 -44.68 -39.39 -18.35
N LYS H 141 -44.55 -39.37 -17.03
CA LYS H 141 -45.67 -39.19 -16.12
C LYS H 141 -45.99 -37.71 -15.93
N SER H 142 -47.17 -37.46 -15.36
CA SER H 142 -47.63 -36.09 -15.10
C SER H 142 -46.76 -35.34 -14.10
N ASN H 143 -45.71 -34.69 -14.59
CA ASN H 143 -44.81 -33.93 -13.73
C ASN H 143 -45.38 -32.53 -13.52
N SER H 144 -44.77 -31.78 -12.60
CA SER H 144 -45.23 -30.43 -12.31
C SER H 144 -44.76 -29.44 -13.36
N MET H 145 -43.53 -29.58 -13.82
CA MET H 145 -42.92 -28.72 -14.83
C MET H 145 -42.22 -29.59 -15.85
N VAL H 146 -42.18 -29.14 -17.10
CA VAL H 146 -41.57 -29.92 -18.16
C VAL H 146 -40.53 -29.07 -18.88
N THR H 147 -39.61 -29.75 -19.56
CA THR H 147 -38.51 -29.10 -20.25
C THR H 147 -38.51 -29.52 -21.72
N LEU H 148 -38.45 -28.53 -22.60
CA LEU H 148 -38.43 -28.75 -24.04
C LEU H 148 -37.11 -28.29 -24.62
N GLY H 149 -36.68 -28.92 -25.71
CA GLY H 149 -35.37 -28.66 -26.27
C GLY H 149 -35.42 -28.29 -27.73
N CYS H 150 -34.32 -27.67 -28.18
CA CYS H 150 -34.17 -27.21 -29.55
C CYS H 150 -32.71 -27.41 -29.94
N LEU H 151 -32.45 -28.33 -30.88
CA LEU H 151 -31.09 -28.67 -31.28
C LEU H 151 -30.77 -28.04 -32.63
N VAL H 152 -29.66 -27.31 -32.69
CA VAL H 152 -29.22 -26.63 -33.90
C VAL H 152 -27.92 -27.28 -34.36
N LYS H 153 -27.97 -27.99 -35.49
CA LYS H 153 -26.84 -28.74 -36.01
C LYS H 153 -26.44 -28.22 -37.39
N GLY H 154 -25.14 -28.30 -37.70
CA GLY H 154 -24.70 -28.10 -39.07
C GLY H 154 -24.61 -26.67 -39.55
N TYR H 155 -24.05 -25.77 -38.74
CA TYR H 155 -23.83 -24.38 -39.12
C TYR H 155 -22.37 -24.02 -38.88
N PHE H 156 -21.81 -23.19 -39.76
CA PHE H 156 -20.40 -22.88 -39.57
C PHE H 156 -20.14 -21.71 -38.62
N PRO H 157 -20.63 -20.49 -38.85
CA PRO H 157 -20.06 -19.37 -38.09
C PRO H 157 -20.42 -19.51 -36.63
N GLU H 158 -19.54 -18.98 -35.77
CA GLU H 158 -19.67 -19.17 -34.34
C GLU H 158 -20.95 -18.64 -33.71
N PRO H 159 -21.55 -17.51 -34.16
CA PRO H 159 -22.67 -16.98 -33.38
C PRO H 159 -24.05 -17.37 -33.89
N VAL H 160 -24.92 -17.76 -32.96
CA VAL H 160 -26.33 -18.00 -33.21
C VAL H 160 -27.09 -17.50 -31.98
N THR H 161 -28.37 -17.18 -32.18
CA THR H 161 -29.23 -16.73 -31.08
C THR H 161 -30.47 -17.60 -30.99
N VAL H 162 -30.94 -17.83 -29.77
CA VAL H 162 -32.13 -18.63 -29.52
C VAL H 162 -33.05 -17.86 -28.57
N THR H 163 -34.32 -17.72 -28.97
CA THR H 163 -35.38 -17.20 -28.12
C THR H 163 -36.53 -18.19 -28.12
N TRP H 164 -37.50 -17.96 -27.23
CA TRP H 164 -38.64 -18.86 -27.09
C TRP H 164 -39.94 -18.06 -27.17
N ASN H 165 -40.82 -18.48 -28.08
CA ASN H 165 -42.07 -17.78 -28.37
C ASN H 165 -41.79 -16.34 -28.80
N SER H 166 -40.91 -16.19 -29.79
CA SER H 166 -40.53 -14.88 -30.34
C SER H 166 -40.01 -13.96 -29.25
N GLY H 167 -39.26 -14.53 -28.31
CA GLY H 167 -38.69 -13.78 -27.21
C GLY H 167 -39.63 -13.53 -26.06
N ALA H 168 -40.90 -13.91 -26.18
CA ALA H 168 -41.84 -13.73 -25.07
C ALA H 168 -41.45 -14.59 -23.88
N LEU H 169 -41.29 -15.89 -24.11
CA LEU H 169 -40.83 -16.80 -23.07
C LEU H 169 -39.33 -16.57 -22.90
N SER H 170 -38.94 -16.03 -21.75
CA SER H 170 -37.53 -15.77 -21.47
C SER H 170 -37.10 -16.20 -20.07
N SER H 171 -38.00 -16.74 -19.26
CA SER H 171 -37.69 -17.13 -17.89
C SER H 171 -37.40 -18.62 -17.85
N GLY H 172 -36.20 -18.98 -17.42
CA GLY H 172 -35.82 -20.37 -17.29
C GLY H 172 -35.23 -21.00 -18.52
N VAL H 173 -34.72 -20.21 -19.45
CA VAL H 173 -34.15 -20.71 -20.69
C VAL H 173 -32.65 -20.87 -20.51
N HIS H 174 -32.05 -21.75 -21.31
CA HIS H 174 -30.63 -22.07 -21.20
C HIS H 174 -30.07 -22.29 -22.60
N THR H 175 -29.18 -21.38 -23.02
CA THR H 175 -28.49 -21.49 -24.30
C THR H 175 -27.10 -22.07 -24.06
N PHE H 176 -26.86 -23.24 -24.64
CA PHE H 176 -25.63 -23.98 -24.41
C PHE H 176 -24.52 -23.50 -25.33
N PRO H 177 -23.26 -23.74 -24.96
CA PRO H 177 -22.15 -23.33 -25.82
C PRO H 177 -22.02 -24.23 -27.04
N ALA H 178 -21.53 -23.65 -28.13
CA ALA H 178 -21.41 -24.39 -29.38
C ALA H 178 -20.23 -25.34 -29.34
N VAL H 179 -20.34 -26.44 -30.09
CA VAL H 179 -19.26 -27.41 -30.24
C VAL H 179 -19.04 -27.68 -31.72
N LEU H 180 -17.77 -27.83 -32.12
CA LEU H 180 -17.47 -28.08 -33.52
C LEU H 180 -17.50 -29.59 -33.80
N GLN H 181 -17.61 -29.93 -35.08
CA GLN H 181 -17.69 -31.32 -35.49
C GLN H 181 -17.34 -31.38 -36.97
N SER H 182 -16.12 -31.84 -37.28
CA SER H 182 -15.65 -32.02 -38.66
C SER H 182 -15.89 -30.76 -39.50
N GLY H 183 -15.80 -29.60 -38.87
CA GLY H 183 -15.93 -28.32 -39.53
C GLY H 183 -17.22 -27.58 -39.26
N LEU H 184 -18.29 -28.28 -38.87
CA LEU H 184 -19.59 -27.66 -38.65
C LEU H 184 -19.96 -27.67 -37.17
N TYR H 185 -20.51 -26.55 -36.70
CA TYR H 185 -20.90 -26.37 -35.31
C TYR H 185 -22.30 -26.89 -35.02
N THR H 186 -22.53 -27.22 -33.74
CA THR H 186 -23.81 -27.68 -33.24
C THR H 186 -23.95 -27.30 -31.77
N LEU H 187 -25.16 -26.92 -31.37
CA LEU H 187 -25.45 -26.61 -29.98
C LEU H 187 -26.90 -26.98 -29.67
N THR H 188 -27.28 -26.77 -28.41
CA THR H 188 -28.60 -27.09 -27.90
C THR H 188 -29.14 -25.89 -27.13
N SER H 189 -30.46 -25.80 -27.03
CA SER H 189 -31.11 -24.75 -26.26
C SER H 189 -32.31 -25.36 -25.56
N SER H 190 -32.36 -25.21 -24.23
CA SER H 190 -33.40 -25.79 -23.41
C SER H 190 -34.30 -24.71 -22.83
N VAL H 191 -35.55 -25.07 -22.59
CA VAL H 191 -36.52 -24.16 -21.98
C VAL H 191 -37.34 -24.94 -20.96
N THR H 192 -37.53 -24.35 -19.79
CA THR H 192 -38.37 -24.93 -18.76
C THR H 192 -39.71 -24.20 -18.78
N VAL H 193 -40.79 -24.95 -18.62
CA VAL H 193 -42.12 -24.37 -18.80
C VAL H 193 -43.09 -25.16 -17.92
N PRO H 194 -44.06 -24.50 -17.30
CA PRO H 194 -45.01 -25.24 -16.45
C PRO H 194 -45.87 -26.18 -17.26
N SER H 195 -46.21 -27.30 -16.64
CA SER H 195 -47.07 -28.29 -17.29
C SER H 195 -48.48 -27.77 -17.50
N SER H 196 -48.80 -26.60 -16.96
CA SER H 196 -50.09 -25.96 -17.23
C SER H 196 -50.09 -25.30 -18.60
N THR H 197 -48.97 -24.72 -19.01
CA THR H 197 -48.91 -24.03 -20.30
C THR H 197 -48.66 -24.99 -21.45
N TRP H 198 -47.89 -26.04 -21.22
CA TRP H 198 -47.65 -27.07 -22.23
C TRP H 198 -48.49 -28.30 -21.91
N SER H 199 -49.22 -28.80 -22.90
CA SER H 199 -49.23 -28.27 -24.26
C SER H 199 -50.52 -27.51 -24.55
N SER H 200 -51.01 -26.75 -23.57
CA SER H 200 -52.19 -25.94 -23.78
C SER H 200 -51.95 -24.77 -24.72
N GLN H 201 -50.69 -24.43 -25.00
CA GLN H 201 -50.34 -23.37 -25.94
C GLN H 201 -49.32 -23.92 -26.92
N ALA H 202 -48.85 -23.06 -27.83
CA ALA H 202 -47.86 -23.45 -28.83
C ALA H 202 -46.54 -22.81 -28.43
N VAL H 203 -45.55 -23.65 -28.15
CA VAL H 203 -44.23 -23.22 -27.71
C VAL H 203 -43.27 -23.32 -28.88
N THR H 204 -42.82 -22.17 -29.36
CA THR H 204 -41.95 -22.07 -30.53
C THR H 204 -40.52 -21.75 -30.15
N CYS H 205 -39.58 -22.36 -30.87
CA CYS H 205 -38.15 -22.10 -30.73
C CYS H 205 -37.70 -21.23 -31.89
N ASN H 206 -37.26 -20.01 -31.59
CA ASN H 206 -36.85 -19.04 -32.60
C ASN H 206 -35.33 -18.97 -32.65
N VAL H 207 -34.75 -19.55 -33.70
CA VAL H 207 -33.30 -19.55 -33.91
C VAL H 207 -32.96 -18.48 -34.94
N ALA H 208 -31.84 -17.80 -34.74
CA ALA H 208 -31.40 -16.77 -35.67
C ALA H 208 -29.91 -16.92 -35.93
N HIS H 209 -29.55 -16.99 -37.20
CA HIS H 209 -28.15 -17.14 -37.63
C HIS H 209 -27.83 -15.94 -38.52
N PRO H 210 -27.05 -14.97 -38.03
CA PRO H 210 -26.84 -13.72 -38.78
C PRO H 210 -25.92 -13.82 -39.99
N ALA H 211 -24.85 -14.61 -39.88
CA ALA H 211 -23.89 -14.68 -40.98
C ALA H 211 -24.50 -15.30 -42.23
N SER H 212 -25.42 -16.24 -42.08
CA SER H 212 -26.16 -16.81 -43.19
C SER H 212 -27.48 -16.10 -43.45
N SER H 213 -27.83 -15.10 -42.63
CA SER H 213 -29.05 -14.32 -42.79
C SER H 213 -30.29 -15.22 -42.75
N THR H 214 -30.42 -15.98 -41.66
CA THR H 214 -31.51 -16.93 -41.53
C THR H 214 -32.23 -16.74 -40.20
N LYS H 215 -33.55 -16.90 -40.23
CA LYS H 215 -34.38 -16.99 -39.03
C LYS H 215 -35.25 -18.23 -39.17
N VAL H 216 -35.18 -19.13 -38.20
CA VAL H 216 -35.92 -20.38 -38.23
C VAL H 216 -36.82 -20.46 -37.01
N ASP H 217 -37.99 -21.07 -37.19
CA ASP H 217 -38.92 -21.33 -36.10
C ASP H 217 -39.25 -22.82 -36.06
N LYS H 218 -39.52 -23.31 -34.85
CA LYS H 218 -39.95 -24.69 -34.65
C LYS H 218 -41.09 -24.71 -33.65
N LYS H 219 -41.83 -25.81 -33.65
CA LYS H 219 -42.92 -26.01 -32.71
C LYS H 219 -42.78 -27.42 -32.14
N ILE H 220 -42.45 -27.50 -30.86
CA ILE H 220 -42.15 -28.77 -30.21
C ILE H 220 -43.45 -29.46 -29.86
N VAL H 221 -43.66 -30.65 -30.41
CA VAL H 221 -44.88 -31.43 -30.19
C VAL H 221 -44.50 -32.88 -29.89
N PRO H 222 -45.14 -33.51 -28.89
CA PRO H 222 -44.85 -34.90 -28.51
C PRO H 222 -45.13 -35.91 -29.62
N ASP I 1 12.82 -21.05 -22.89
CA ASP I 1 11.72 -20.35 -22.26
C ASP I 1 11.64 -20.67 -20.77
N ILE I 2 11.27 -19.66 -19.98
CA ILE I 2 11.16 -19.78 -18.53
C ILE I 2 9.70 -20.03 -18.19
N GLN I 3 9.22 -21.23 -18.53
CA GLN I 3 7.81 -21.54 -18.31
C GLN I 3 7.46 -21.36 -16.83
N MET I 4 6.33 -20.70 -16.60
CA MET I 4 5.88 -20.31 -15.28
C MET I 4 4.58 -21.05 -15.00
N THR I 5 4.51 -21.72 -13.87
CA THR I 5 3.38 -22.56 -13.53
C THR I 5 2.53 -21.85 -12.48
N GLN I 6 1.24 -21.72 -12.75
CA GLN I 6 0.34 -21.00 -11.87
C GLN I 6 -0.59 -21.99 -11.21
N SER I 7 -0.96 -21.71 -9.96
CA SER I 7 -1.77 -22.66 -9.23
C SER I 7 -2.45 -21.94 -8.08
N PRO I 8 -3.69 -22.30 -7.73
CA PRO I 8 -4.47 -23.43 -8.26
C PRO I 8 -5.10 -23.11 -9.62
N SER I 9 -5.61 -24.13 -10.32
CA SER I 9 -6.20 -23.89 -11.63
C SER I 9 -7.54 -23.19 -11.53
N SER I 10 -8.27 -23.39 -10.43
CA SER I 10 -9.58 -22.79 -10.23
C SER I 10 -9.86 -22.68 -8.75
N MET I 11 -10.38 -21.53 -8.34
CA MET I 11 -10.65 -21.25 -6.93
C MET I 11 -12.07 -20.73 -6.79
N SER I 12 -12.68 -20.99 -5.64
CA SER I 12 -14.05 -20.58 -5.35
C SER I 12 -14.15 -20.19 -3.90
N ALA I 13 -14.67 -18.99 -3.63
CA ALA I 13 -14.69 -18.42 -2.29
C ALA I 13 -16.03 -17.77 -2.01
N SER I 14 -16.27 -17.52 -0.72
CA SER I 14 -17.43 -16.80 -0.23
C SER I 14 -17.19 -15.29 -0.29
N LEU I 15 -18.25 -14.53 -0.09
CA LEU I 15 -18.18 -13.07 -0.17
C LEU I 15 -17.38 -12.52 1.01
N GLY I 16 -16.32 -11.77 0.72
CA GLY I 16 -15.52 -11.19 1.77
C GLY I 16 -14.34 -12.02 2.20
N ASP I 17 -14.15 -13.20 1.61
CA ASP I 17 -13.10 -14.10 2.03
C ASP I 17 -11.77 -13.75 1.36
N LYS I 18 -10.69 -13.99 2.09
CA LYS I 18 -9.33 -13.73 1.59
C LYS I 18 -8.84 -14.95 0.83
N VAL I 19 -8.36 -14.73 -0.39
CA VAL I 19 -7.86 -15.80 -1.23
C VAL I 19 -6.49 -15.43 -1.78
N THR I 20 -5.70 -16.48 -2.07
CA THR I 20 -4.31 -16.36 -2.51
C THR I 20 -4.10 -17.17 -3.77
N ILE I 21 -3.37 -16.60 -4.73
CA ILE I 21 -3.01 -17.29 -5.97
C ILE I 21 -1.50 -17.31 -6.13
N ASN I 22 -0.94 -18.49 -6.39
CA ASN I 22 0.50 -18.69 -6.45
C ASN I 22 0.99 -18.88 -7.88
N CYS I 23 2.27 -18.56 -8.08
CA CYS I 23 2.92 -18.64 -9.38
C CYS I 23 4.41 -18.91 -9.18
N LEU I 24 4.93 -19.89 -9.92
CA LEU I 24 6.32 -20.31 -9.81
C LEU I 24 7.04 -20.12 -11.14
N ALA I 25 8.32 -19.78 -11.05
CA ALA I 25 9.19 -19.62 -12.21
C ALA I 25 10.27 -20.69 -12.15
N SER I 26 10.59 -21.27 -13.32
CA SER I 26 11.60 -22.32 -13.32
C SER I 26 12.99 -21.75 -13.09
N GLU I 27 13.25 -20.54 -13.56
CA GLU I 27 14.48 -19.80 -13.31
C GLU I 27 14.18 -18.57 -12.45
N ASP I 28 15.22 -17.80 -12.14
CA ASP I 28 15.13 -16.71 -11.16
C ASP I 28 14.56 -15.45 -11.82
N ILE I 29 13.29 -15.18 -11.54
CA ILE I 29 12.64 -13.95 -11.99
C ILE I 29 12.47 -13.00 -10.82
N GLY I 30 13.55 -12.33 -10.43
CA GLY I 30 13.53 -11.46 -9.26
C GLY I 30 12.84 -10.13 -9.47
N ASN I 31 11.64 -9.97 -8.92
CA ASN I 31 10.84 -8.76 -9.01
C ASN I 31 10.51 -8.38 -10.46
N TYR I 32 10.58 -9.35 -11.37
CA TYR I 32 10.21 -9.12 -12.76
C TYR I 32 8.89 -9.84 -13.05
N LEU I 33 7.84 -9.55 -12.29
CA LEU I 33 6.59 -10.28 -12.45
C LEU I 33 5.40 -9.37 -12.16
N SER I 34 4.37 -9.48 -13.00
CA SER I 34 3.13 -8.72 -12.83
C SER I 34 1.92 -9.65 -12.89
N TRP I 35 0.82 -9.18 -12.28
CA TRP I 35 -0.45 -9.89 -12.23
C TRP I 35 -1.51 -9.09 -12.97
N TYR I 36 -2.16 -9.76 -13.93
CA TYR I 36 -3.23 -9.19 -14.75
C TYR I 36 -4.56 -9.83 -14.42
N GLN I 37 -5.61 -9.03 -14.42
CA GLN I 37 -6.99 -9.49 -14.22
C GLN I 37 -7.79 -9.29 -15.50
N GLN I 38 -8.55 -10.32 -15.88
CA GLN I 38 -9.40 -10.28 -17.06
C GLN I 38 -10.82 -10.62 -16.63
N ARG I 39 -11.74 -9.67 -16.81
CA ARG I 39 -13.14 -9.88 -16.49
C ARG I 39 -13.77 -10.81 -17.53
N PRO I 40 -14.95 -11.38 -17.23
CA PRO I 40 -15.62 -12.22 -18.23
C PRO I 40 -15.92 -11.44 -19.49
N GLY I 41 -15.39 -11.92 -20.61
CA GLY I 41 -15.63 -11.28 -21.89
C GLY I 41 -14.95 -9.94 -22.07
N LYS I 42 -13.78 -9.76 -21.47
CA LYS I 42 -13.04 -8.51 -21.59
C LYS I 42 -11.56 -8.82 -21.83
N SER I 43 -10.76 -7.77 -21.95
CA SER I 43 -9.33 -7.95 -22.14
C SER I 43 -8.59 -7.84 -20.82
N PRO I 44 -7.50 -8.59 -20.66
CA PRO I 44 -6.75 -8.53 -19.39
C PRO I 44 -6.19 -7.15 -19.14
N LYS I 45 -6.60 -6.56 -18.02
CA LYS I 45 -6.08 -5.27 -17.57
C LYS I 45 -5.01 -5.50 -16.50
N LEU I 46 -4.02 -4.62 -16.48
CA LEU I 46 -2.91 -4.79 -15.56
C LEU I 46 -3.33 -4.42 -14.14
N MET I 47 -2.90 -5.23 -13.17
CA MET I 47 -3.25 -5.03 -11.78
C MET I 47 -2.03 -4.72 -10.93
N ILE I 48 -1.03 -5.59 -10.87
CA ILE I 48 0.12 -5.41 -9.99
C ILE I 48 1.38 -5.54 -10.82
N TYR I 49 2.28 -4.56 -10.70
CA TYR I 49 3.55 -4.55 -11.41
C TYR I 49 4.70 -4.51 -10.42
N GLY I 50 5.87 -4.95 -10.90
CA GLY I 50 7.02 -5.13 -10.04
C GLY I 50 6.89 -6.44 -9.31
N VAL I 51 6.09 -6.45 -8.24
CA VAL I 51 5.76 -7.66 -7.49
C VAL I 51 4.79 -7.27 -6.39
N THR I 52 4.98 -6.08 -5.81
CA THR I 52 4.12 -5.58 -4.75
C THR I 52 3.56 -4.19 -5.03
N ASN I 53 3.68 -3.68 -6.26
CA ASN I 53 3.22 -2.35 -6.60
C ASN I 53 1.89 -2.45 -7.34
N LEU I 54 0.85 -1.87 -6.74
CA LEU I 54 -0.45 -1.83 -7.41
C LEU I 54 -0.48 -0.67 -8.39
N GLU I 55 -0.96 -0.94 -9.61
CA GLU I 55 -1.09 0.10 -10.61
C GLU I 55 -2.14 1.11 -10.18
N ASP I 56 -1.89 2.39 -10.46
CA ASP I 56 -2.76 3.47 -10.00
C ASP I 56 -4.18 3.24 -10.47
N GLY I 57 -5.11 3.17 -9.53
CA GLY I 57 -6.50 2.89 -9.83
C GLY I 57 -6.99 1.54 -9.35
N VAL I 58 -6.12 0.73 -8.75
CA VAL I 58 -6.48 -0.60 -8.29
C VAL I 58 -6.91 -0.50 -6.82
N PRO I 59 -8.02 -1.12 -6.43
CA PRO I 59 -8.43 -1.04 -5.01
C PRO I 59 -7.35 -1.62 -4.12
N SER I 60 -7.20 -1.03 -2.94
CA SER I 60 -6.08 -1.38 -2.06
C SER I 60 -6.24 -2.73 -1.39
N ARG I 61 -7.40 -3.37 -1.52
CA ARG I 61 -7.59 -4.71 -0.96
C ARG I 61 -6.70 -5.75 -1.62
N PHE I 62 -6.17 -5.48 -2.80
CA PHE I 62 -5.26 -6.39 -3.46
C PHE I 62 -3.85 -6.23 -2.90
N SER I 63 -3.07 -7.31 -2.98
CA SER I 63 -1.71 -7.30 -2.50
C SER I 63 -0.90 -8.31 -3.28
N GLY I 64 0.39 -8.04 -3.41
CA GLY I 64 1.28 -8.94 -4.12
C GLY I 64 2.48 -9.23 -3.25
N SER I 65 2.85 -10.50 -3.16
CA SER I 65 3.94 -10.92 -2.29
C SER I 65 4.86 -11.86 -3.04
N ARG I 66 6.02 -12.11 -2.46
CA ARG I 66 7.01 -13.00 -3.02
C ARG I 66 7.71 -13.71 -1.88
N SER I 67 7.91 -15.02 -2.02
CA SER I 67 8.57 -15.84 -1.01
C SER I 67 9.54 -16.77 -1.72
N GLY I 68 10.79 -16.35 -1.85
CA GLY I 68 11.74 -17.16 -2.57
C GLY I 68 11.53 -17.10 -4.07
N SER I 69 10.94 -18.16 -4.62
CA SER I 69 10.67 -18.23 -6.06
C SER I 69 9.20 -18.39 -6.39
N ASP I 70 8.31 -18.40 -5.40
CA ASP I 70 6.87 -18.49 -5.61
C ASP I 70 6.24 -17.14 -5.32
N TYR I 71 5.50 -16.60 -6.29
CA TYR I 71 4.85 -15.32 -6.13
C TYR I 71 3.39 -15.53 -5.77
N SER I 72 2.89 -14.73 -4.83
CA SER I 72 1.51 -14.86 -4.39
C SER I 72 0.80 -13.52 -4.62
N LEU I 73 -0.49 -13.61 -4.93
CA LEU I 73 -1.37 -12.46 -5.05
C LEU I 73 -2.58 -12.70 -4.15
N THR I 74 -2.74 -11.85 -3.15
CA THR I 74 -3.79 -12.01 -2.15
C THR I 74 -4.84 -10.92 -2.29
N ILE I 75 -6.07 -11.28 -1.94
CA ILE I 75 -7.21 -10.35 -1.94
C ILE I 75 -8.11 -10.72 -0.77
N ASN I 76 -8.35 -9.76 0.11
CA ASN I 76 -9.00 -10.07 1.40
C ASN I 76 -10.51 -9.86 1.40
N SER I 77 -10.99 -8.70 1.00
CA SER I 77 -12.44 -8.42 1.01
C SER I 77 -12.99 -8.65 -0.40
N LEU I 78 -13.27 -9.92 -0.70
CA LEU I 78 -13.70 -10.31 -2.03
C LEU I 78 -15.16 -9.91 -2.28
N GLY I 79 -15.42 -9.38 -3.47
CA GLY I 79 -16.77 -9.03 -3.88
C GLY I 79 -17.08 -9.62 -5.25
N TYR I 80 -18.35 -9.48 -5.65
CA TYR I 80 -18.79 -9.98 -6.95
C TYR I 80 -18.05 -9.32 -8.11
N ASP I 81 -17.44 -8.16 -7.88
CA ASP I 81 -16.79 -7.41 -8.95
C ASP I 81 -15.45 -8.00 -9.37
N ASP I 82 -14.95 -9.02 -8.67
CA ASP I 82 -13.60 -9.53 -8.91
C ASP I 82 -13.57 -10.92 -9.53
N GLU I 83 -14.72 -11.55 -9.76
CA GLU I 83 -14.73 -12.84 -10.43
C GLU I 83 -14.19 -12.71 -11.85
N GLY I 84 -13.30 -13.62 -12.23
CA GLY I 84 -12.66 -13.52 -13.53
C GLY I 84 -11.46 -14.44 -13.61
N ILE I 85 -10.57 -14.13 -14.55
CA ILE I 85 -9.38 -14.96 -14.77
C ILE I 85 -8.15 -14.11 -14.49
N TYR I 86 -7.16 -14.70 -13.80
CA TYR I 86 -5.95 -13.98 -13.42
C TYR I 86 -4.73 -14.64 -14.03
N HIS I 87 -3.76 -13.81 -14.40
CA HIS I 87 -2.58 -14.25 -15.14
C HIS I 87 -1.31 -13.68 -14.52
N CYS I 88 -0.24 -14.47 -14.57
CA CYS I 88 1.10 -14.05 -14.22
C CYS I 88 1.88 -13.60 -15.45
N HIS I 89 2.93 -12.84 -15.19
CA HIS I 89 3.82 -12.33 -16.20
C HIS I 89 5.25 -12.63 -15.78
N GLU I 90 6.19 -12.34 -16.67
CA GLU I 90 7.56 -12.80 -16.51
C GLU I 90 8.60 -11.78 -16.93
N TYR I 91 8.24 -10.75 -17.68
CA TYR I 91 9.13 -9.81 -18.37
C TYR I 91 10.57 -9.72 -17.87
N TYR I 92 11.34 -10.79 -18.11
CA TYR I 92 12.78 -10.86 -17.77
C TYR I 92 13.49 -11.41 -19.01
N GLU I 93 13.34 -12.71 -19.25
CA GLU I 93 13.93 -13.33 -20.47
C GLU I 93 13.03 -12.91 -21.64
N TYR I 94 13.54 -12.85 -22.86
CA TYR I 94 12.62 -12.32 -23.89
C TYR I 94 11.46 -13.25 -24.26
N PRO I 95 11.54 -14.59 -24.19
CA PRO I 95 10.34 -15.36 -24.50
C PRO I 95 9.46 -15.14 -23.26
N PHE I 96 8.53 -14.18 -23.29
CA PHE I 96 7.72 -13.89 -22.09
C PHE I 96 6.73 -15.01 -21.87
N THR I 97 6.92 -15.78 -20.81
CA THR I 97 6.01 -16.87 -20.51
C THR I 97 4.96 -16.37 -19.54
N PHE I 98 3.73 -16.84 -19.74
CA PHE I 98 2.61 -16.47 -18.88
C PHE I 98 2.27 -17.62 -17.95
N GLY I 99 1.41 -17.33 -16.97
CA GLY I 99 0.87 -18.39 -16.15
C GLY I 99 -0.22 -19.15 -16.88
N SER I 100 -0.69 -20.22 -16.25
CA SER I 100 -1.79 -20.97 -16.85
C SER I 100 -3.11 -20.22 -16.71
N GLY I 101 -3.22 -19.29 -15.78
CA GLY I 101 -4.47 -18.59 -15.55
C GLY I 101 -5.31 -19.27 -14.49
N THR I 102 -5.84 -18.48 -13.55
CA THR I 102 -6.66 -19.01 -12.47
C THR I 102 -8.02 -18.33 -12.47
N LYS I 103 -9.07 -19.15 -12.50
CA LYS I 103 -10.45 -18.66 -12.50
C LYS I 103 -10.94 -18.47 -11.07
N LEU I 104 -11.56 -17.32 -10.81
CA LEU I 104 -12.08 -16.96 -9.50
C LEU I 104 -13.57 -16.71 -9.65
N GLU I 105 -14.36 -17.57 -9.00
CA GLU I 105 -15.81 -17.46 -8.94
C GLU I 105 -16.22 -17.31 -7.48
N ILE I 106 -17.51 -17.08 -7.26
CA ILE I 106 -18.06 -16.95 -5.92
C ILE I 106 -18.90 -18.18 -5.60
N LYS I 107 -18.75 -18.68 -4.37
CA LYS I 107 -19.46 -19.87 -3.93
C LYS I 107 -20.95 -19.61 -3.70
N ARG I 108 -21.70 -20.70 -3.66
CA ARG I 108 -23.12 -20.64 -3.33
C ARG I 108 -23.54 -22.01 -2.81
N ALA I 109 -24.76 -22.06 -2.27
CA ALA I 109 -25.33 -23.29 -1.74
C ALA I 109 -25.38 -24.35 -2.84
N ASP I 110 -24.95 -25.57 -2.51
CA ASP I 110 -24.89 -26.64 -3.51
C ASP I 110 -26.26 -26.90 -4.11
N ALA I 111 -26.28 -27.18 -5.42
CA ALA I 111 -27.51 -27.47 -6.13
C ALA I 111 -27.38 -28.81 -6.85
N ALA I 112 -28.50 -29.49 -7.02
CA ALA I 112 -28.60 -30.75 -7.74
C ALA I 112 -28.99 -30.52 -9.19
N PRO I 113 -28.37 -31.22 -10.15
CA PRO I 113 -28.70 -31.00 -11.56
C PRO I 113 -30.04 -31.64 -11.92
N THR I 114 -30.87 -30.88 -12.63
CA THR I 114 -32.10 -31.40 -13.23
C THR I 114 -31.76 -31.95 -14.62
N VAL I 115 -31.88 -33.25 -14.78
CA VAL I 115 -31.46 -33.95 -16.00
C VAL I 115 -32.69 -34.32 -16.81
N SER I 116 -32.56 -34.23 -18.13
CA SER I 116 -33.64 -34.53 -19.05
C SER I 116 -33.08 -35.23 -20.28
N ILE I 117 -33.82 -36.24 -20.77
CA ILE I 117 -33.43 -37.01 -21.95
C ILE I 117 -34.28 -36.50 -23.10
N PHE I 118 -33.67 -36.43 -24.30
CA PHE I 118 -34.40 -35.93 -25.50
C PHE I 118 -34.26 -36.92 -26.66
N PRO I 119 -35.29 -37.74 -26.95
CA PRO I 119 -35.24 -38.71 -28.05
C PRO I 119 -35.06 -38.00 -29.40
N PRO I 120 -34.31 -38.59 -30.36
CA PRO I 120 -34.10 -37.96 -31.68
C PRO I 120 -35.43 -37.67 -32.40
N SER I 121 -35.50 -36.52 -33.08
CA SER I 121 -36.71 -36.11 -33.82
C SER I 121 -36.75 -36.92 -35.11
N THR I 122 -37.95 -37.28 -35.58
CA THR I 122 -38.12 -38.07 -36.82
C THR I 122 -37.27 -37.47 -37.94
N GLU I 123 -37.30 -36.14 -38.10
CA GLU I 123 -36.49 -35.43 -39.12
C GLU I 123 -35.04 -35.89 -39.05
N GLN I 124 -34.44 -35.90 -37.85
CA GLN I 124 -33.04 -36.37 -37.70
C GLN I 124 -32.93 -37.75 -38.33
N LEU I 125 -33.79 -38.68 -37.89
CA LEU I 125 -33.78 -40.06 -38.44
C LEU I 125 -33.95 -39.99 -39.96
N ALA I 126 -34.91 -39.20 -40.45
CA ALA I 126 -35.12 -39.03 -41.90
C ALA I 126 -33.80 -38.65 -42.59
N THR I 127 -33.06 -37.69 -42.04
CA THR I 127 -31.76 -37.30 -42.65
C THR I 127 -30.90 -38.56 -42.79
N GLY I 128 -30.75 -39.33 -41.71
CA GLY I 128 -29.93 -40.54 -41.79
C GLY I 128 -29.05 -40.70 -40.57
N GLY I 129 -28.85 -39.60 -39.85
CA GLY I 129 -28.04 -39.61 -38.63
C GLY I 129 -28.91 -39.52 -37.39
N ALA I 130 -28.34 -39.61 -36.21
CA ALA I 130 -29.20 -39.53 -35.01
C ALA I 130 -28.36 -39.04 -33.85
N SER I 131 -28.91 -38.12 -33.07
CA SER I 131 -28.18 -37.57 -31.90
C SER I 131 -29.12 -37.53 -30.71
N VAL I 132 -28.76 -38.24 -29.63
CA VAL I 132 -29.59 -38.23 -28.40
C VAL I 132 -28.90 -37.28 -27.43
N VAL I 133 -29.64 -36.36 -26.81
CA VAL I 133 -29.03 -35.36 -25.90
C VAL I 133 -29.71 -35.44 -24.54
N CYS I 134 -28.97 -35.31 -23.45
CA CYS I 134 -29.62 -35.32 -22.11
C CYS I 134 -28.98 -34.22 -21.25
N LEU I 135 -29.63 -33.06 -21.20
CA LEU I 135 -29.13 -31.86 -20.49
C LEU I 135 -29.29 -32.00 -18.99
N MET I 136 -28.41 -31.31 -18.26
CA MET I 136 -28.40 -31.22 -16.78
C MET I 136 -28.32 -29.72 -16.50
N ASN I 137 -29.28 -29.18 -15.76
CA ASN I 137 -29.40 -27.75 -15.53
C ASN I 137 -29.33 -27.45 -14.05
N ASN I 138 -28.76 -26.29 -13.74
CA ASN I 138 -28.86 -25.65 -12.43
C ASN I 138 -28.29 -26.55 -11.33
N PHE I 139 -26.98 -26.74 -11.38
CA PHE I 139 -26.25 -27.48 -10.36
C PHE I 139 -24.99 -26.71 -9.98
N TYR I 140 -24.34 -27.17 -8.91
CA TYR I 140 -23.14 -26.54 -8.41
C TYR I 140 -22.39 -27.54 -7.55
N PRO I 141 -21.05 -27.61 -7.63
CA PRO I 141 -20.15 -26.84 -8.51
C PRO I 141 -19.97 -27.48 -9.89
N ARG I 142 -18.79 -27.25 -10.49
CA ARG I 142 -18.53 -27.65 -11.86
C ARG I 142 -18.33 -29.15 -12.04
N ASP I 143 -18.03 -29.89 -10.98
CA ASP I 143 -17.64 -31.29 -11.12
C ASP I 143 -18.86 -32.16 -11.37
N ILE I 144 -18.83 -32.91 -12.49
CA ILE I 144 -19.95 -33.76 -12.88
C ILE I 144 -19.52 -34.66 -14.04
N SER I 145 -19.98 -35.92 -14.04
CA SER I 145 -19.60 -36.90 -15.06
C SER I 145 -20.81 -37.72 -15.51
N VAL I 146 -20.88 -37.99 -16.81
CA VAL I 146 -21.99 -38.68 -17.48
C VAL I 146 -21.45 -39.97 -18.11
N LYS I 147 -22.36 -40.93 -18.36
CA LYS I 147 -21.95 -42.24 -18.83
C LYS I 147 -22.59 -42.70 -20.14
N TRP I 148 -23.90 -42.51 -20.28
CA TRP I 148 -24.64 -42.97 -21.45
C TRP I 148 -24.62 -44.49 -21.56
N LYS I 149 -25.70 -45.16 -21.13
CA LYS I 149 -25.81 -46.61 -21.26
C LYS I 149 -26.81 -46.95 -22.37
N ILE I 150 -26.35 -47.73 -23.33
CA ILE I 150 -27.15 -48.20 -24.45
C ILE I 150 -27.46 -49.68 -24.20
N ASP I 151 -28.63 -49.95 -23.63
CA ASP I 151 -29.09 -51.31 -23.35
C ASP I 151 -28.10 -52.09 -22.50
N GLY I 152 -27.46 -51.41 -21.56
CA GLY I 152 -26.61 -52.01 -20.56
C GLY I 152 -25.12 -51.85 -20.78
N THR I 153 -24.67 -51.56 -22.01
CA THR I 153 -23.25 -51.34 -22.22
C THR I 153 -23.00 -49.83 -22.20
N GLU I 154 -21.73 -49.45 -22.33
CA GLU I 154 -21.37 -48.05 -22.19
C GLU I 154 -21.41 -47.32 -23.53
N ARG I 155 -20.64 -47.78 -24.51
CA ARG I 155 -20.58 -47.15 -25.82
C ARG I 155 -20.26 -45.67 -25.67
N ARG I 156 -19.16 -45.40 -24.96
CA ARG I 156 -18.73 -44.04 -24.65
C ARG I 156 -18.08 -43.33 -25.84
N ASP I 157 -18.23 -43.93 -27.04
CA ASP I 157 -17.65 -43.33 -28.27
C ASP I 157 -18.73 -42.55 -29.02
N GLY I 158 -18.36 -41.44 -29.66
CA GLY I 158 -19.29 -40.62 -30.40
C GLY I 158 -20.04 -39.60 -29.57
N VAL I 159 -19.63 -39.36 -28.34
CA VAL I 159 -20.34 -38.44 -27.47
C VAL I 159 -19.61 -37.10 -27.48
N LEU I 160 -20.38 -36.02 -27.37
CA LEU I 160 -19.82 -34.69 -27.25
C LEU I 160 -20.48 -33.96 -26.09
N ASP I 161 -19.66 -33.21 -25.34
CA ASP I 161 -20.10 -32.49 -24.15
C ASP I 161 -19.89 -31.00 -24.34
N SER I 162 -20.75 -30.23 -23.69
CA SER I 162 -20.66 -28.76 -23.73
C SER I 162 -21.19 -28.25 -22.41
N VAL I 163 -20.28 -27.77 -21.55
CA VAL I 163 -20.64 -27.25 -20.25
C VAL I 163 -20.56 -25.73 -20.31
N THR I 164 -21.56 -25.06 -19.77
CA THR I 164 -21.59 -23.61 -19.74
C THR I 164 -20.76 -23.08 -18.58
N ASP I 165 -20.66 -21.76 -18.52
CA ASP I 165 -20.09 -21.09 -17.37
C ASP I 165 -21.21 -20.82 -16.36
N GLN I 166 -20.87 -20.17 -15.25
CA GLN I 166 -21.86 -19.88 -14.23
C GLN I 166 -22.96 -19.01 -14.80
N ASP I 167 -24.20 -19.32 -14.43
CA ASP I 167 -25.33 -18.58 -14.97
C ASP I 167 -25.31 -17.15 -14.43
N SER I 168 -25.76 -16.21 -15.27
CA SER I 168 -25.88 -14.82 -14.88
C SER I 168 -27.06 -14.59 -13.95
N LYS I 169 -27.90 -15.61 -13.76
CA LYS I 169 -29.09 -15.54 -12.93
C LYS I 169 -28.82 -15.95 -11.49
N ASP I 170 -28.03 -17.02 -11.28
CA ASP I 170 -27.72 -17.43 -9.91
C ASP I 170 -26.41 -18.18 -9.77
N SER I 171 -25.51 -18.12 -10.75
CA SER I 171 -24.21 -18.80 -10.71
C SER I 171 -24.34 -20.33 -10.60
N THR I 172 -25.16 -20.91 -11.47
CA THR I 172 -25.33 -22.35 -11.52
C THR I 172 -24.89 -22.83 -12.89
N TYR I 173 -24.47 -24.11 -12.95
CA TYR I 173 -23.89 -24.65 -14.16
C TYR I 173 -24.90 -25.48 -14.95
N SER I 174 -24.54 -25.76 -16.19
CA SER I 174 -25.36 -26.56 -17.09
C SER I 174 -24.45 -27.35 -18.00
N MET I 175 -24.92 -28.54 -18.39
CA MET I 175 -24.17 -29.46 -19.22
C MET I 175 -25.13 -30.08 -20.22
N SER I 176 -24.63 -30.37 -21.41
CA SER I 176 -25.44 -30.98 -22.46
C SER I 176 -24.60 -32.06 -23.11
N SER I 177 -25.06 -33.31 -23.04
CA SER I 177 -24.37 -34.40 -23.69
C SER I 177 -25.19 -34.88 -24.88
N THR I 178 -24.51 -34.99 -26.03
CA THR I 178 -25.12 -35.41 -27.27
C THR I 178 -24.39 -36.65 -27.78
N LEU I 179 -25.11 -37.75 -27.87
CA LEU I 179 -24.64 -38.99 -28.47
C LEU I 179 -25.14 -39.04 -29.91
N SER I 180 -24.22 -38.92 -30.87
CA SER I 180 -24.58 -38.89 -32.28
C SER I 180 -24.25 -40.25 -32.89
N LEU I 181 -25.28 -40.99 -33.27
CA LEU I 181 -25.14 -42.32 -33.84
C LEU I 181 -25.81 -42.35 -35.21
N THR I 182 -25.65 -43.48 -35.88
CA THR I 182 -26.34 -43.71 -37.15
C THR I 182 -27.78 -44.15 -36.90
N LYS I 183 -28.61 -44.01 -37.92
CA LYS I 183 -30.00 -44.45 -37.81
C LYS I 183 -30.07 -45.96 -37.64
N ALA I 184 -29.17 -46.70 -38.31
CA ALA I 184 -29.13 -48.14 -38.15
C ALA I 184 -28.76 -48.52 -36.72
N ASP I 185 -27.77 -47.83 -36.15
CA ASP I 185 -27.39 -48.10 -34.76
C ASP I 185 -28.46 -47.63 -33.78
N TYR I 186 -29.17 -46.54 -34.10
CA TYR I 186 -30.22 -46.06 -33.22
C TYR I 186 -31.41 -47.03 -33.22
N GLU I 187 -31.75 -47.58 -34.38
CA GLU I 187 -32.80 -48.58 -34.45
C GLU I 187 -32.33 -49.94 -33.95
N SER I 188 -31.03 -50.09 -33.73
CA SER I 188 -30.48 -51.37 -33.28
C SER I 188 -30.90 -51.68 -31.86
N HIS I 189 -31.13 -50.66 -31.04
CA HIS I 189 -31.46 -50.84 -29.64
C HIS I 189 -32.83 -50.24 -29.34
N ASN I 190 -33.21 -50.25 -28.06
CA ASN I 190 -34.52 -49.80 -27.64
C ASN I 190 -34.43 -48.82 -26.48
N LEU I 191 -33.86 -49.31 -25.38
CA LEU I 191 -33.66 -48.53 -24.11
C LEU I 191 -32.35 -47.75 -24.21
N TYR I 192 -32.40 -46.46 -23.87
CA TYR I 192 -31.25 -45.53 -23.88
C TYR I 192 -31.31 -44.75 -22.57
N THR I 193 -30.21 -44.64 -21.82
CA THR I 193 -30.29 -43.95 -20.49
C THR I 193 -29.04 -43.14 -20.17
N CYS I 194 -29.22 -42.06 -19.43
CA CYS I 194 -28.11 -41.18 -19.01
C CYS I 194 -27.81 -41.40 -17.54
N GLU I 195 -26.54 -41.44 -17.20
CA GLU I 195 -26.13 -41.62 -15.78
C GLU I 195 -25.19 -40.48 -15.40
N VAL I 196 -25.75 -39.43 -14.82
CA VAL I 196 -24.96 -38.24 -14.38
C VAL I 196 -24.83 -38.35 -12.88
N VAL I 197 -23.63 -38.14 -12.34
CA VAL I 197 -23.45 -38.27 -10.86
C VAL I 197 -22.79 -37.00 -10.34
N HIS I 198 -23.43 -36.37 -9.35
CA HIS I 198 -22.88 -35.11 -8.76
C HIS I 198 -22.49 -35.36 -7.30
N LYS I 199 -21.57 -34.53 -6.82
CA LYS I 199 -21.07 -34.54 -5.45
C LYS I 199 -22.16 -34.34 -4.42
N THR I 200 -23.43 -34.55 -4.80
CA THR I 200 -24.56 -34.32 -3.91
C THR I 200 -25.48 -35.54 -3.82
N SER I 201 -25.56 -36.33 -4.89
CA SER I 201 -26.54 -37.39 -4.98
C SER I 201 -26.08 -38.71 -4.37
N SER I 202 -24.78 -38.90 -4.13
CA SER I 202 -24.24 -40.13 -3.55
C SER I 202 -24.53 -41.36 -4.41
N SER I 203 -25.65 -41.35 -5.12
CA SER I 203 -26.07 -42.41 -6.03
C SER I 203 -26.38 -41.80 -7.39
N PRO I 204 -26.03 -42.48 -8.47
CA PRO I 204 -26.20 -41.90 -9.82
C PRO I 204 -27.64 -41.52 -10.12
N VAL I 205 -27.86 -40.28 -10.51
CA VAL I 205 -29.16 -39.86 -10.98
C VAL I 205 -29.33 -40.38 -12.41
N VAL I 206 -30.44 -41.07 -12.66
CA VAL I 206 -30.61 -41.83 -13.89
C VAL I 206 -31.85 -41.34 -14.60
N LYS I 207 -31.76 -41.19 -15.93
CA LYS I 207 -32.92 -40.90 -16.77
C LYS I 207 -32.83 -41.70 -18.08
N SER I 208 -33.98 -42.12 -18.59
CA SER I 208 -34.02 -43.07 -19.70
C SER I 208 -35.30 -42.90 -20.51
N PHE I 209 -35.27 -43.45 -21.72
CA PHE I 209 -36.45 -43.58 -22.54
C PHE I 209 -36.36 -44.88 -23.32
N ASN I 210 -37.51 -45.33 -23.83
CA ASN I 210 -37.60 -46.53 -24.65
C ASN I 210 -38.09 -46.12 -26.03
N ARG I 211 -37.41 -46.63 -27.06
CA ARG I 211 -37.82 -46.31 -28.43
C ARG I 211 -39.20 -46.86 -28.75
N ASN I 212 -39.51 -48.07 -28.31
CA ASN I 212 -40.80 -48.70 -28.63
C ASN I 212 -41.91 -48.25 -27.68
N GLU I 213 -42.09 -46.95 -27.52
CA GLU I 213 -43.21 -46.43 -26.72
C GLU I 213 -43.80 -45.16 -27.32
N ARG J 1 31.56 10.97 4.29
CA ARG J 1 30.11 10.91 4.46
C ARG J 1 29.38 11.76 3.43
N GLY J 2 28.10 11.46 3.23
CA GLY J 2 27.28 12.20 2.31
C GLY J 2 26.25 13.07 3.01
N PRO J 3 25.38 13.72 2.24
CA PRO J 3 24.38 14.61 2.82
C PRO J 3 23.12 13.87 3.24
N GLY J 4 22.49 14.41 4.28
CA GLY J 4 21.23 13.89 4.79
C GLY J 4 20.09 14.83 4.43
N ARG J 5 18.97 14.24 4.02
CA ARG J 5 17.78 14.99 3.60
C ARG J 5 16.84 15.33 4.75
N ALA J 6 16.96 14.65 5.89
CA ALA J 6 16.13 14.89 7.07
C ALA J 6 14.64 14.71 6.75
N PHE J 7 14.33 13.89 5.73
CA PHE J 7 12.96 13.54 5.36
C PHE J 7 12.12 14.78 5.07
N VAL J 8 12.72 15.82 4.49
CA VAL J 8 12.02 17.06 4.17
C VAL J 8 11.51 16.99 2.73
N THR J 9 10.19 16.95 2.58
CA THR J 9 9.61 16.89 1.25
C THR J 9 9.80 18.22 0.53
N ILE J 10 10.11 18.15 -0.76
CA ILE J 10 10.21 19.33 -1.59
C ILE J 10 8.83 19.98 -1.75
#